data_5DYM
# 
_entry.id   5DYM 
# 
_audit_conform.dict_name       mmcif_pdbx.dic 
_audit_conform.dict_version    5.379 
_audit_conform.dict_location   http://mmcif.pdb.org/dictionaries/ascii/mmcif_pdbx.dic 
# 
loop_
_database_2.database_id 
_database_2.database_code 
_database_2.pdbx_database_accession 
_database_2.pdbx_DOI 
PDB   5DYM         pdb_00005dym 10.2210/pdb5dym/pdb 
WWPDB D_1000214037 ?            ?                   
# 
_pdbx_database_status.status_code                     REL 
_pdbx_database_status.status_code_sf                  REL 
_pdbx_database_status.status_code_mr                  ? 
_pdbx_database_status.entry_id                        5DYM 
_pdbx_database_status.recvd_initial_deposition_date   2015-09-24 
_pdbx_database_status.SG_entry                        N 
_pdbx_database_status.deposit_site                    RCSB 
_pdbx_database_status.process_site                    RCSB 
_pdbx_database_status.status_code_cs                  ? 
_pdbx_database_status.methods_development_category    ? 
_pdbx_database_status.pdb_format_compatible           Y 
_pdbx_database_status.status_code_nmr_data            ? 
# 
loop_
_audit_author.name 
_audit_author.pdbx_ordinal 
'Isom, C.E.'         1 
'Karr, E.A.'         2 
'Menon, S.K.'        3 
'West, A.H.'         4 
'Richter-Addo, G.B.' 5 
# 
_citation.abstract                  ? 
_citation.abstract_id_CAS           ? 
_citation.book_id_ISBN              ? 
_citation.book_publisher            ? 
_citation.book_publisher_city       ? 
_citation.book_title                ? 
_citation.coordinate_linkage        ? 
_citation.country                   UK 
_citation.database_id_Medline       ? 
_citation.details                   ? 
_citation.id                        primary 
_citation.journal_abbrev            'Bmc Microbiol.' 
_citation.journal_id_ASTM           ? 
_citation.journal_id_CSD            ? 
_citation.journal_id_ISSN           1471-2180 
_citation.journal_full              ? 
_citation.journal_issue             ? 
_citation.journal_volume            16 
_citation.language                  ? 
_citation.page_first                231 
_citation.page_last                 231 
_citation.title                     
;Crystal structure and DNA binding activity of a PadR family transcription regulator from hypervirulent Clostridium difficile R20291.
;
_citation.year                      2016 
_citation.database_id_CSD           ? 
_citation.pdbx_database_id_DOI      10.1186/s12866-016-0850-0 
_citation.pdbx_database_id_PubMed   27716049 
_citation.unpublished_flag          ? 
# 
loop_
_citation_author.citation_id 
_citation_author.name 
_citation_author.ordinal 
_citation_author.identifier_ORCID 
primary 'Isom, C.E.'         1 ? 
primary 'Menon, S.K.'        2 ? 
primary 'Thomas, L.M.'       3 ? 
primary 'West, A.H.'         4 ? 
primary 'Richter-Addo, G.B.' 5 ? 
primary 'Karr, E.A.'         6 ? 
# 
_cell.entry_id           5DYM 
_cell.length_a           92.420 
_cell.length_b           92.420 
_cell.length_c           40.408 
_cell.angle_alpha        90.00 
_cell.angle_beta         90.00 
_cell.angle_gamma        90.00 
_cell.Z_PDB              8 
_cell.pdbx_unique_axis   ? 
# 
_symmetry.entry_id                         5DYM 
_symmetry.space_group_name_H-M             'P 41 21 2' 
_symmetry.pdbx_full_space_group_name_H-M   ? 
_symmetry.cell_setting                     ? 
_symmetry.Int_Tables_number                92 
# 
loop_
_entity.id 
_entity.type 
_entity.src_method 
_entity.pdbx_description 
_entity.formula_weight 
_entity.pdbx_number_of_molecules 
_entity.pdbx_ec 
_entity.pdbx_mutation 
_entity.pdbx_fragment 
_entity.details 
1 polymer man 'PadR-family transcriptional regulator' 14112.258 1  ? ? ? ? 
2 water   nat water                                   18.015    36 ? ? ? ? 
# 
_entity_poly.entity_id                      1 
_entity_poly.type                           'polypeptide(L)' 
_entity_poly.nstd_linkage                   no 
_entity_poly.nstd_monomer                   no 
_entity_poly.pdbx_seq_one_letter_code       
;WSHPQFEKMQLNKEVLKGYIDILIVSILEKKDCYGYEIAKQVRERSEFELKEGTMYLALKRMESKNLIKSYYSNEQSSGG
RRKYYNLTNEGKDFLEIKKQEWRFIKKVMNQFLGEVD
;
_entity_poly.pdbx_seq_one_letter_code_can   
;WSHPQFEKMQLNKEVLKGYIDILIVSILEKKDCYGYEIAKQVRERSEFELKEGTMYLALKRMESKNLIKSYYSNEQSSGG
RRKYYNLTNEGKDFLEIKKQEWRFIKKVMNQFLGEVD
;
_entity_poly.pdbx_strand_id                 A 
_entity_poly.pdbx_target_identifier         ? 
# 
loop_
_entity_poly_seq.entity_id 
_entity_poly_seq.num 
_entity_poly_seq.mon_id 
_entity_poly_seq.hetero 
1 1   TRP n 
1 2   SER n 
1 3   HIS n 
1 4   PRO n 
1 5   GLN n 
1 6   PHE n 
1 7   GLU n 
1 8   LYS n 
1 9   MET n 
1 10  GLN n 
1 11  LEU n 
1 12  ASN n 
1 13  LYS n 
1 14  GLU n 
1 15  VAL n 
1 16  LEU n 
1 17  LYS n 
1 18  GLY n 
1 19  TYR n 
1 20  ILE n 
1 21  ASP n 
1 22  ILE n 
1 23  LEU n 
1 24  ILE n 
1 25  VAL n 
1 26  SER n 
1 27  ILE n 
1 28  LEU n 
1 29  GLU n 
1 30  LYS n 
1 31  LYS n 
1 32  ASP n 
1 33  CYS n 
1 34  TYR n 
1 35  GLY n 
1 36  TYR n 
1 37  GLU n 
1 38  ILE n 
1 39  ALA n 
1 40  LYS n 
1 41  GLN n 
1 42  VAL n 
1 43  ARG n 
1 44  GLU n 
1 45  ARG n 
1 46  SER n 
1 47  GLU n 
1 48  PHE n 
1 49  GLU n 
1 50  LEU n 
1 51  LYS n 
1 52  GLU n 
1 53  GLY n 
1 54  THR n 
1 55  MET n 
1 56  TYR n 
1 57  LEU n 
1 58  ALA n 
1 59  LEU n 
1 60  LYS n 
1 61  ARG n 
1 62  MET n 
1 63  GLU n 
1 64  SER n 
1 65  LYS n 
1 66  ASN n 
1 67  LEU n 
1 68  ILE n 
1 69  LYS n 
1 70  SER n 
1 71  TYR n 
1 72  TYR n 
1 73  SER n 
1 74  ASN n 
1 75  GLU n 
1 76  GLN n 
1 77  SER n 
1 78  SER n 
1 79  GLY n 
1 80  GLY n 
1 81  ARG n 
1 82  ARG n 
1 83  LYS n 
1 84  TYR n 
1 85  TYR n 
1 86  ASN n 
1 87  LEU n 
1 88  THR n 
1 89  ASN n 
1 90  GLU n 
1 91  GLY n 
1 92  LYS n 
1 93  ASP n 
1 94  PHE n 
1 95  LEU n 
1 96  GLU n 
1 97  ILE n 
1 98  LYS n 
1 99  LYS n 
1 100 GLN n 
1 101 GLU n 
1 102 TRP n 
1 103 ARG n 
1 104 PHE n 
1 105 ILE n 
1 106 LYS n 
1 107 LYS n 
1 108 VAL n 
1 109 MET n 
1 110 ASN n 
1 111 GLN n 
1 112 PHE n 
1 113 LEU n 
1 114 GLY n 
1 115 GLU n 
1 116 VAL n 
1 117 ASP n 
# 
_entity_src_gen.entity_id                          1 
_entity_src_gen.pdbx_src_id                        1 
_entity_src_gen.pdbx_alt_source_flag               sample 
_entity_src_gen.pdbx_seq_type                      'Biological sequence' 
_entity_src_gen.pdbx_beg_seq_num                   1 
_entity_src_gen.pdbx_end_seq_num                   117 
_entity_src_gen.gene_src_common_name               ? 
_entity_src_gen.gene_src_genus                     ? 
_entity_src_gen.pdbx_gene_src_gene                 CDR20291_0991 
_entity_src_gen.gene_src_species                   ? 
_entity_src_gen.gene_src_strain                    R20291 
_entity_src_gen.gene_src_tissue                    ? 
_entity_src_gen.gene_src_tissue_fraction           ? 
_entity_src_gen.gene_src_details                   ? 
_entity_src_gen.pdbx_gene_src_fragment             ? 
_entity_src_gen.pdbx_gene_src_scientific_name      'Peptoclostridium difficile (strain R20291)' 
_entity_src_gen.pdbx_gene_src_ncbi_taxonomy_id     645463 
_entity_src_gen.pdbx_gene_src_variant              ? 
_entity_src_gen.pdbx_gene_src_cell_line            ? 
_entity_src_gen.pdbx_gene_src_atcc                 ? 
_entity_src_gen.pdbx_gene_src_organ                ? 
_entity_src_gen.pdbx_gene_src_organelle            ? 
_entity_src_gen.pdbx_gene_src_cell                 ? 
_entity_src_gen.pdbx_gene_src_cellular_location    ? 
_entity_src_gen.host_org_common_name               ? 
_entity_src_gen.pdbx_host_org_scientific_name      'Escherichia coli' 
_entity_src_gen.pdbx_host_org_ncbi_taxonomy_id     562 
_entity_src_gen.host_org_genus                     ? 
_entity_src_gen.pdbx_host_org_gene                 ? 
_entity_src_gen.pdbx_host_org_organ                ? 
_entity_src_gen.host_org_species                   ? 
_entity_src_gen.pdbx_host_org_tissue               ? 
_entity_src_gen.pdbx_host_org_tissue_fraction      ? 
_entity_src_gen.pdbx_host_org_strain               Rosetta 
_entity_src_gen.pdbx_host_org_variant              ? 
_entity_src_gen.pdbx_host_org_cell_line            ? 
_entity_src_gen.pdbx_host_org_atcc                 ? 
_entity_src_gen.pdbx_host_org_culture_collection   ? 
_entity_src_gen.pdbx_host_org_cell                 ? 
_entity_src_gen.pdbx_host_org_organelle            ? 
_entity_src_gen.pdbx_host_org_cellular_location    ? 
_entity_src_gen.pdbx_host_org_vector_type          plasmid 
_entity_src_gen.pdbx_host_org_vector               ? 
_entity_src_gen.host_org_details                   ? 
_entity_src_gen.expression_system_id               ? 
_entity_src_gen.plasmid_name                       pQE80 
_entity_src_gen.plasmid_details                    ? 
_entity_src_gen.pdbx_description                   ? 
# 
_struct_ref.db_code                    C9YK90_PEPDR 
_struct_ref.db_name                    UNP 
_struct_ref.details                    ? 
_struct_ref.entity_id                  1 
_struct_ref.id                         1 
_struct_ref.seq_align                  ? 
_struct_ref.seq_dif                    ? 
_struct_ref.pdbx_db_accession          C9YK90 
_struct_ref.pdbx_db_isoform            ? 
_struct_ref.pdbx_seq_one_letter_code   
;MQLNKEVLKGYIDILIVSILEKKDCYGYEIAKQVRERSEFELKEGTMYLALKRMESKNLIKSYYSNEQSSGGRRKYYNLT
NEGKDFLEIKKQEWRFIKKVMNQFLGEVD
;
_struct_ref.pdbx_align_begin           1 
_struct_ref.pdbx_align_end             ? 
# 
_struct_ref_seq.align_id                      1 
_struct_ref_seq.ref_id                        1 
_struct_ref_seq.pdbx_PDB_id_code              5DYM 
_struct_ref_seq.pdbx_strand_id                A 
_struct_ref_seq.seq_align_beg                 9 
_struct_ref_seq.pdbx_seq_align_beg_ins_code   ? 
_struct_ref_seq.seq_align_end                 117 
_struct_ref_seq.pdbx_seq_align_end_ins_code   ? 
_struct_ref_seq.pdbx_db_accession             C9YK90 
_struct_ref_seq.db_align_beg                  1 
_struct_ref_seq.pdbx_db_align_beg_ins_code    ? 
_struct_ref_seq.db_align_end                  109 
_struct_ref_seq.pdbx_db_align_end_ins_code    ? 
_struct_ref_seq.pdbx_auth_seq_align_beg       1 
_struct_ref_seq.pdbx_auth_seq_align_end       109 
# 
loop_
_struct_ref_seq_dif.align_id 
_struct_ref_seq_dif.pdbx_pdb_id_code 
_struct_ref_seq_dif.mon_id 
_struct_ref_seq_dif.pdbx_pdb_strand_id 
_struct_ref_seq_dif.seq_num 
_struct_ref_seq_dif.pdbx_pdb_ins_code 
_struct_ref_seq_dif.pdbx_seq_db_name 
_struct_ref_seq_dif.pdbx_seq_db_accession_code 
_struct_ref_seq_dif.db_mon_id 
_struct_ref_seq_dif.pdbx_seq_db_seq_num 
_struct_ref_seq_dif.details 
_struct_ref_seq_dif.pdbx_auth_seq_num 
_struct_ref_seq_dif.pdbx_ordinal 
1 5DYM TRP A 1 ? UNP C9YK90 ? ? 'expression tag' -7 1 
1 5DYM SER A 2 ? UNP C9YK90 ? ? 'expression tag' -6 2 
1 5DYM HIS A 3 ? UNP C9YK90 ? ? 'expression tag' -5 3 
1 5DYM PRO A 4 ? UNP C9YK90 ? ? 'expression tag' -4 4 
1 5DYM GLN A 5 ? UNP C9YK90 ? ? 'expression tag' -3 5 
1 5DYM PHE A 6 ? UNP C9YK90 ? ? 'expression tag' -2 6 
1 5DYM GLU A 7 ? UNP C9YK90 ? ? 'expression tag' -1 7 
1 5DYM LYS A 8 ? UNP C9YK90 ? ? 'expression tag' 0  8 
# 
loop_
_chem_comp.id 
_chem_comp.type 
_chem_comp.mon_nstd_flag 
_chem_comp.name 
_chem_comp.pdbx_synonyms 
_chem_comp.formula 
_chem_comp.formula_weight 
ALA 'L-peptide linking' y ALANINE         ? 'C3 H7 N O2'     89.093  
ARG 'L-peptide linking' y ARGININE        ? 'C6 H15 N4 O2 1' 175.209 
ASN 'L-peptide linking' y ASPARAGINE      ? 'C4 H8 N2 O3'    132.118 
ASP 'L-peptide linking' y 'ASPARTIC ACID' ? 'C4 H7 N O4'     133.103 
CYS 'L-peptide linking' y CYSTEINE        ? 'C3 H7 N O2 S'   121.158 
GLN 'L-peptide linking' y GLUTAMINE       ? 'C5 H10 N2 O3'   146.144 
GLU 'L-peptide linking' y 'GLUTAMIC ACID' ? 'C5 H9 N O4'     147.129 
GLY 'peptide linking'   y GLYCINE         ? 'C2 H5 N O2'     75.067  
HIS 'L-peptide linking' y HISTIDINE       ? 'C6 H10 N3 O2 1' 156.162 
HOH non-polymer         . WATER           ? 'H2 O'           18.015  
ILE 'L-peptide linking' y ISOLEUCINE      ? 'C6 H13 N O2'    131.173 
LEU 'L-peptide linking' y LEUCINE         ? 'C6 H13 N O2'    131.173 
LYS 'L-peptide linking' y LYSINE          ? 'C6 H15 N2 O2 1' 147.195 
MET 'L-peptide linking' y METHIONINE      ? 'C5 H11 N O2 S'  149.211 
PHE 'L-peptide linking' y PHENYLALANINE   ? 'C9 H11 N O2'    165.189 
PRO 'L-peptide linking' y PROLINE         ? 'C5 H9 N O2'     115.130 
SER 'L-peptide linking' y SERINE          ? 'C3 H7 N O3'     105.093 
THR 'L-peptide linking' y THREONINE       ? 'C4 H9 N O3'     119.119 
TRP 'L-peptide linking' y TRYPTOPHAN      ? 'C11 H12 N2 O2'  204.225 
TYR 'L-peptide linking' y TYROSINE        ? 'C9 H11 N O3'    181.189 
VAL 'L-peptide linking' y VALINE          ? 'C5 H11 N O2'    117.146 
# 
_exptl.absorpt_coefficient_mu     ? 
_exptl.absorpt_correction_T_max   ? 
_exptl.absorpt_correction_T_min   ? 
_exptl.absorpt_correction_type    ? 
_exptl.absorpt_process_details    ? 
_exptl.entry_id                   5DYM 
_exptl.crystals_number            ? 
_exptl.details                    ? 
_exptl.method                     'X-RAY DIFFRACTION' 
_exptl.method_details             ? 
# 
_exptl_crystal.colour                      ? 
_exptl_crystal.density_diffrn              ? 
_exptl_crystal.density_Matthews            3.06 
_exptl_crystal.density_method              ? 
_exptl_crystal.density_percent_sol         65.1 
_exptl_crystal.description                 'Square/bipyramidal, clear' 
_exptl_crystal.F_000                       ? 
_exptl_crystal.id                          1 
_exptl_crystal.preparation                 ? 
_exptl_crystal.size_max                    ? 
_exptl_crystal.size_mid                    ? 
_exptl_crystal.size_min                    ? 
_exptl_crystal.size_rad                    ? 
_exptl_crystal.colour_lustre               ? 
_exptl_crystal.colour_modifier             ? 
_exptl_crystal.colour_primary              ? 
_exptl_crystal.density_meas                ? 
_exptl_crystal.density_meas_esd            ? 
_exptl_crystal.density_meas_gt             ? 
_exptl_crystal.density_meas_lt             ? 
_exptl_crystal.density_meas_temp           ? 
_exptl_crystal.density_meas_temp_esd       ? 
_exptl_crystal.density_meas_temp_gt        ? 
_exptl_crystal.density_meas_temp_lt        ? 
_exptl_crystal.pdbx_crystal_image_url      ? 
_exptl_crystal.pdbx_crystal_image_format   ? 
_exptl_crystal.pdbx_mosaicity              ? 
_exptl_crystal.pdbx_mosaicity_esd          ? 
# 
_exptl_crystal_grow.apparatus       ? 
_exptl_crystal_grow.atmosphere      ? 
_exptl_crystal_grow.crystal_id      1 
_exptl_crystal_grow.details         ? 
_exptl_crystal_grow.method          'VAPOR DIFFUSION, HANGING DROP' 
_exptl_crystal_grow.method_ref      ? 
_exptl_crystal_grow.pH              7.5 
_exptl_crystal_grow.pressure        ? 
_exptl_crystal_grow.pressure_esd    ? 
_exptl_crystal_grow.seeding         ? 
_exptl_crystal_grow.seeding_ref     ? 
_exptl_crystal_grow.temp            298 
_exptl_crystal_grow.temp_details    ? 
_exptl_crystal_grow.temp_esd        ? 
_exptl_crystal_grow.time            ? 
_exptl_crystal_grow.pdbx_details    '3.1 M NaCl, 100 mM HEPES (pH 7.5)' 
_exptl_crystal_grow.pdbx_pH_range   ? 
# 
_diffrn.ambient_environment    ? 
_diffrn.ambient_temp           100 
_diffrn.ambient_temp_details   ? 
_diffrn.ambient_temp_esd       ? 
_diffrn.crystal_id             1 
_diffrn.crystal_support        ? 
_diffrn.crystal_treatment      ? 
_diffrn.details                ? 
_diffrn.id                     1 
_diffrn.ambient_pressure       ? 
_diffrn.ambient_pressure_esd   ? 
_diffrn.ambient_pressure_gt    ? 
_diffrn.ambient_pressure_lt    ? 
_diffrn.ambient_temp_gt        ? 
_diffrn.ambient_temp_lt        ? 
# 
_diffrn_detector.details                      ? 
_diffrn_detector.detector                     CCD 
_diffrn_detector.diffrn_id                    1 
_diffrn_detector.type                         'MARMOSAIC 325 mm CCD' 
_diffrn_detector.area_resol_mean              ? 
_diffrn_detector.dtime                        ? 
_diffrn_detector.pdbx_frames_total            ? 
_diffrn_detector.pdbx_collection_time_total   ? 
_diffrn_detector.pdbx_collection_date         2015-05-14 
# 
_diffrn_radiation.collimation                      ? 
_diffrn_radiation.diffrn_id                        1 
_diffrn_radiation.filter_edge                      ? 
_diffrn_radiation.inhomogeneity                    ? 
_diffrn_radiation.monochromator                    ? 
_diffrn_radiation.polarisn_norm                    ? 
_diffrn_radiation.polarisn_ratio                   ? 
_diffrn_radiation.probe                            ? 
_diffrn_radiation.type                             ? 
_diffrn_radiation.xray_symbol                      ? 
_diffrn_radiation.wavelength_id                    1 
_diffrn_radiation.pdbx_monochromatic_or_laue_m_l   M 
_diffrn_radiation.pdbx_wavelength_list             ? 
_diffrn_radiation.pdbx_wavelength                  ? 
_diffrn_radiation.pdbx_diffrn_protocol             'SINGLE WAVELENGTH' 
_diffrn_radiation.pdbx_analyzer                    ? 
_diffrn_radiation.pdbx_scattering_type             x-ray 
# 
_diffrn_radiation_wavelength.id           1 
_diffrn_radiation_wavelength.wavelength   1.2 
_diffrn_radiation_wavelength.wt           1.0 
# 
_diffrn_source.current                     ? 
_diffrn_source.details                     ? 
_diffrn_source.diffrn_id                   1 
_diffrn_source.power                       ? 
_diffrn_source.size                        ? 
_diffrn_source.source                      SYNCHROTRON 
_diffrn_source.target                      ? 
_diffrn_source.type                        'SSRL BEAMLINE BL14-1' 
_diffrn_source.voltage                     ? 
_diffrn_source.take-off_angle              ? 
_diffrn_source.pdbx_wavelength_list        1.2 
_diffrn_source.pdbx_wavelength             ? 
_diffrn_source.pdbx_synchrotron_beamline   BL14-1 
_diffrn_source.pdbx_synchrotron_site       SSRL 
# 
_reflns.B_iso_Wilson_estimate            ? 
_reflns.entry_id                         5DYM 
_reflns.data_reduction_details           ? 
_reflns.data_reduction_method            ? 
_reflns.d_resolution_high                1.894 
_reflns.d_resolution_low                 34.37 
_reflns.details                          ? 
_reflns.limit_h_max                      ? 
_reflns.limit_h_min                      ? 
_reflns.limit_k_max                      ? 
_reflns.limit_k_min                      ? 
_reflns.limit_l_max                      ? 
_reflns.limit_l_min                      ? 
_reflns.number_all                       ? 
_reflns.number_obs                       14302 
_reflns.observed_criterion               ? 
_reflns.observed_criterion_F_max         ? 
_reflns.observed_criterion_F_min         ? 
_reflns.observed_criterion_I_max         ? 
_reflns.observed_criterion_I_min         ? 
_reflns.observed_criterion_sigma_F       ? 
_reflns.observed_criterion_sigma_I       ? 
_reflns.percent_possible_obs             99 
_reflns.R_free_details                   ? 
_reflns.Rmerge_F_all                     ? 
_reflns.Rmerge_F_obs                     ? 
_reflns.Friedel_coverage                 ? 
_reflns.number_gt                        ? 
_reflns.threshold_expression             ? 
_reflns.pdbx_redundancy                  2.0 
_reflns.pdbx_Rmerge_I_obs                0.018 
_reflns.pdbx_Rmerge_I_all                ? 
_reflns.pdbx_Rsym_value                  ? 
_reflns.pdbx_netI_over_av_sigmaI         ? 
_reflns.pdbx_netI_over_sigmaI            20.27 
_reflns.pdbx_res_netI_over_av_sigmaI_2   ? 
_reflns.pdbx_res_netI_over_sigmaI_2      ? 
_reflns.pdbx_chi_squared                 ? 
_reflns.pdbx_scaling_rejects             ? 
_reflns.pdbx_d_res_high_opt              ? 
_reflns.pdbx_d_res_low_opt               ? 
_reflns.pdbx_d_res_opt_method            ? 
_reflns.phase_calculation_details        ? 
_reflns.pdbx_Rrim_I_all                  ? 
_reflns.pdbx_Rpim_I_all                  ? 
_reflns.pdbx_d_opt                       ? 
_reflns.pdbx_number_measured_all         ? 
_reflns.pdbx_diffrn_id                   1 
_reflns.pdbx_ordinal                     1 
_reflns.pdbx_CC_half                     ? 
_reflns.pdbx_R_split                     ? 
# 
_reflns_shell.d_res_high                  1.894 
_reflns_shell.d_res_low                   1.962 
_reflns_shell.meanI_over_sigI_all         ? 
_reflns_shell.meanI_over_sigI_obs         2.15 
_reflns_shell.number_measured_all         ? 
_reflns_shell.number_measured_obs         ? 
_reflns_shell.number_possible             ? 
_reflns_shell.number_unique_all           ? 
_reflns_shell.number_unique_obs           ? 
_reflns_shell.percent_possible_all        95.07 
_reflns_shell.percent_possible_obs        ? 
_reflns_shell.Rmerge_F_all                ? 
_reflns_shell.Rmerge_F_obs                ? 
_reflns_shell.Rmerge_I_all                ? 
_reflns_shell.Rmerge_I_obs                0.3821 
_reflns_shell.meanI_over_sigI_gt          ? 
_reflns_shell.meanI_over_uI_all           ? 
_reflns_shell.meanI_over_uI_gt            ? 
_reflns_shell.number_measured_gt          ? 
_reflns_shell.number_unique_gt            ? 
_reflns_shell.percent_possible_gt         ? 
_reflns_shell.Rmerge_F_gt                 ? 
_reflns_shell.Rmerge_I_gt                 ? 
_reflns_shell.pdbx_redundancy             2.0 
_reflns_shell.pdbx_Rsym_value             ? 
_reflns_shell.pdbx_chi_squared            ? 
_reflns_shell.pdbx_netI_over_sigmaI_all   ? 
_reflns_shell.pdbx_netI_over_sigmaI_obs   ? 
_reflns_shell.pdbx_Rrim_I_all             ? 
_reflns_shell.pdbx_Rpim_I_all             ? 
_reflns_shell.pdbx_rejects                ? 
_reflns_shell.pdbx_ordinal                1 
_reflns_shell.pdbx_diffrn_id              1 
_reflns_shell.pdbx_CC_half                ? 
_reflns_shell.pdbx_R_split                ? 
# 
_refine.pdbx_refine_id                           'X-RAY DIFFRACTION' 
_refine.entry_id                                 5DYM 
_refine.pdbx_diffrn_id                           1 
_refine.pdbx_TLS_residual_ADP_flag               ? 
_refine.ls_number_reflns_obs                     14293 
_refine.ls_number_reflns_all                     ? 
_refine.pdbx_ls_sigma_I                          ? 
_refine.pdbx_ls_sigma_F                          1.35 
_refine.pdbx_data_cutoff_high_absF               ? 
_refine.pdbx_data_cutoff_low_absF                ? 
_refine.pdbx_data_cutoff_high_rms_absF           ? 
_refine.ls_d_res_low                             34.369 
_refine.ls_d_res_high                            1.894 
_refine.ls_percent_reflns_obs                    98.95 
_refine.ls_R_factor_obs                          0.2146 
_refine.ls_R_factor_all                          ? 
_refine.ls_R_factor_R_work                       0.2130 
_refine.ls_R_factor_R_free                       0.2440 
_refine.ls_R_factor_R_free_error                 ? 
_refine.ls_R_factor_R_free_error_details         ? 
_refine.ls_percent_reflns_R_free                 5.24 
_refine.ls_number_reflns_R_free                  749 
_refine.ls_number_parameters                     ? 
_refine.ls_number_restraints                     ? 
_refine.occupancy_min                            ? 
_refine.occupancy_max                            ? 
_refine.correlation_coeff_Fo_to_Fc               ? 
_refine.correlation_coeff_Fo_to_Fc_free          ? 
_refine.B_iso_mean                               ? 
_refine.aniso_B[1][1]                            ? 
_refine.aniso_B[2][2]                            ? 
_refine.aniso_B[3][3]                            ? 
_refine.aniso_B[1][2]                            ? 
_refine.aniso_B[1][3]                            ? 
_refine.aniso_B[2][3]                            ? 
_refine.solvent_model_details                    'FLAT BULK SOLVENT MODEL' 
_refine.solvent_model_param_ksol                 ? 
_refine.solvent_model_param_bsol                 ? 
_refine.pdbx_solvent_vdw_probe_radii             1.11 
_refine.pdbx_solvent_ion_probe_radii             ? 
_refine.pdbx_solvent_shrinkage_radii             0.90 
_refine.pdbx_ls_cross_valid_method               'FREE R-VALUE' 
_refine.details                                  ? 
_refine.pdbx_starting_model                      1XMA 
_refine.pdbx_method_to_determine_struct          'MOLECULAR REPLACEMENT' 
_refine.pdbx_isotropic_thermal_model             ? 
_refine.pdbx_stereochemistry_target_values       ML 
_refine.pdbx_stereochem_target_val_spec_case     ? 
_refine.pdbx_R_Free_selection_details            ? 
_refine.pdbx_overall_ESU_R                       ? 
_refine.pdbx_overall_ESU_R_Free                  ? 
_refine.overall_SU_ML                            0.21 
_refine.pdbx_overall_phase_error                 25.17 
_refine.overall_SU_B                             ? 
_refine.overall_SU_R_Cruickshank_DPI             ? 
_refine.pdbx_overall_SU_R_free_Cruickshank_DPI   ? 
_refine.pdbx_overall_SU_R_Blow_DPI               ? 
_refine.pdbx_overall_SU_R_free_Blow_DPI          ? 
# 
_refine_hist.pdbx_refine_id                   'X-RAY DIFFRACTION' 
_refine_hist.cycle_id                         LAST 
_refine_hist.pdbx_number_atoms_protein        808 
_refine_hist.pdbx_number_atoms_nucleic_acid   0 
_refine_hist.pdbx_number_atoms_ligand         0 
_refine_hist.number_atoms_solvent             36 
_refine_hist.number_atoms_total               844 
_refine_hist.d_res_high                       1.894 
_refine_hist.d_res_low                        34.369 
# 
loop_
_refine_ls_restr.type 
_refine_ls_restr.dev_ideal 
_refine_ls_restr.dev_ideal_target 
_refine_ls_restr.weight 
_refine_ls_restr.number 
_refine_ls_restr.pdbx_refine_id 
_refine_ls_restr.pdbx_restraint_function 
f_bond_d           0.008  ? ? 835  'X-RAY DIFFRACTION' ? 
f_angle_d          0.931  ? ? 1111 'X-RAY DIFFRACTION' ? 
f_dihedral_angle_d 14.741 ? ? 335  'X-RAY DIFFRACTION' ? 
f_chiral_restr     0.044  ? ? 113  'X-RAY DIFFRACTION' ? 
f_plane_restr      0.004  ? ? 139  'X-RAY DIFFRACTION' ? 
# 
loop_
_refine_ls_shell.pdbx_refine_id 
_refine_ls_shell.pdbx_total_number_of_bins_used 
_refine_ls_shell.d_res_high 
_refine_ls_shell.d_res_low 
_refine_ls_shell.number_reflns_R_work 
_refine_ls_shell.R_factor_R_work 
_refine_ls_shell.percent_reflns_obs 
_refine_ls_shell.R_factor_R_free 
_refine_ls_shell.R_factor_R_free_error 
_refine_ls_shell.percent_reflns_R_free 
_refine_ls_shell.number_reflns_R_free 
_refine_ls_shell.number_reflns_all 
_refine_ls_shell.R_factor_all 
_refine_ls_shell.R_factor_obs 
_refine_ls_shell.number_reflns_obs 
'X-RAY DIFFRACTION' . 1.8944 2.0407  2605 0.2455 97.00  0.2879 . . 145 . . . . 
'X-RAY DIFFRACTION' . 2.0407 2.2460  2687 0.2173 99.00  0.2568 . . 136 . . . . 
'X-RAY DIFFRACTION' . 2.2460 2.5709  2680 0.2234 100.00 0.2570 . . 159 . . . . 
'X-RAY DIFFRACTION' . 2.5709 3.2387  2706 0.2333 100.00 0.2729 . . 161 . . . . 
'X-RAY DIFFRACTION' . 3.2387 34.3743 2866 0.1974 99.00  0.2201 . . 148 . . . . 
# 
_struct.entry_id                     5DYM 
_struct.title                        
;Crystal structure of a PadR family transcription regulator from hypervirulent Clostridium difficile R20291 - CdPadR_0991 to 1.89 Angstrom resolution
;
_struct.pdbx_model_details           ? 
_struct.pdbx_formula_weight          ? 
_struct.pdbx_formula_weight_method   ? 
_struct.pdbx_model_type_details      ? 
_struct.pdbx_CASP_flag               ? 
# 
_struct_keywords.entry_id        5DYM 
_struct_keywords.text            
'PadR, wHTH DNA binding domain, Helix turn helix motifs, transcription regulator, PadR-s2, DNA BINDING PROTEIN' 
_struct_keywords.pdbx_keywords   'DNA BINDING PROTEIN' 
# 
loop_
_struct_asym.id 
_struct_asym.pdbx_blank_PDB_chainid_flag 
_struct_asym.pdbx_modified 
_struct_asym.entity_id 
_struct_asym.details 
A N N 1 ? 
B N N 2 ? 
# 
loop_
_struct_conf.conf_type_id 
_struct_conf.id 
_struct_conf.pdbx_PDB_helix_id 
_struct_conf.beg_label_comp_id 
_struct_conf.beg_label_asym_id 
_struct_conf.beg_label_seq_id 
_struct_conf.pdbx_beg_PDB_ins_code 
_struct_conf.end_label_comp_id 
_struct_conf.end_label_asym_id 
_struct_conf.end_label_seq_id 
_struct_conf.pdbx_end_PDB_ins_code 
_struct_conf.beg_auth_comp_id 
_struct_conf.beg_auth_asym_id 
_struct_conf.beg_auth_seq_id 
_struct_conf.end_auth_comp_id 
_struct_conf.end_auth_asym_id 
_struct_conf.end_auth_seq_id 
_struct_conf.pdbx_PDB_helix_class 
_struct_conf.details 
_struct_conf.pdbx_PDB_helix_length 
HELX_P HELX_P1 AA1 TYR A 19 ? GLU A 29  ? TYR A 11 GLU A 21  1 ? 11 
HELX_P HELX_P2 AA2 GLY A 35 ? SER A 46  ? GLY A 27 SER A 38  1 ? 12 
HELX_P HELX_P3 AA3 LYS A 51 ? LYS A 65  ? LYS A 43 LYS A 57  1 ? 15 
HELX_P HELX_P4 AA4 THR A 88 ? GLY A 114 ? THR A 80 GLY A 106 1 ? 27 
# 
_struct_conf_type.id          HELX_P 
_struct_conf_type.criteria    ? 
_struct_conf_type.reference   ? 
# 
_struct_sheet.id               AA1 
_struct_sheet.type             ? 
_struct_sheet.number_strands   3 
_struct_sheet.details          ? 
# 
loop_
_struct_sheet_order.sheet_id 
_struct_sheet_order.range_id_1 
_struct_sheet_order.range_id_2 
_struct_sheet_order.offset 
_struct_sheet_order.sense 
AA1 1 2 ? anti-parallel 
AA1 2 3 ? anti-parallel 
# 
loop_
_struct_sheet_range.sheet_id 
_struct_sheet_range.id 
_struct_sheet_range.beg_label_comp_id 
_struct_sheet_range.beg_label_asym_id 
_struct_sheet_range.beg_label_seq_id 
_struct_sheet_range.pdbx_beg_PDB_ins_code 
_struct_sheet_range.end_label_comp_id 
_struct_sheet_range.end_label_asym_id 
_struct_sheet_range.end_label_seq_id 
_struct_sheet_range.pdbx_end_PDB_ins_code 
_struct_sheet_range.beg_auth_comp_id 
_struct_sheet_range.beg_auth_asym_id 
_struct_sheet_range.beg_auth_seq_id 
_struct_sheet_range.end_auth_comp_id 
_struct_sheet_range.end_auth_asym_id 
_struct_sheet_range.end_auth_seq_id 
AA1 1 CYS A 33 ? TYR A 34 ? CYS A 25 TYR A 26 
AA1 2 LYS A 83 ? LEU A 87 ? LYS A 75 LEU A 79 
AA1 3 ILE A 68 ? TYR A 72 ? ILE A 60 TYR A 64 
# 
loop_
_pdbx_struct_sheet_hbond.sheet_id 
_pdbx_struct_sheet_hbond.range_id_1 
_pdbx_struct_sheet_hbond.range_id_2 
_pdbx_struct_sheet_hbond.range_1_label_atom_id 
_pdbx_struct_sheet_hbond.range_1_label_comp_id 
_pdbx_struct_sheet_hbond.range_1_label_asym_id 
_pdbx_struct_sheet_hbond.range_1_label_seq_id 
_pdbx_struct_sheet_hbond.range_1_PDB_ins_code 
_pdbx_struct_sheet_hbond.range_1_auth_atom_id 
_pdbx_struct_sheet_hbond.range_1_auth_comp_id 
_pdbx_struct_sheet_hbond.range_1_auth_asym_id 
_pdbx_struct_sheet_hbond.range_1_auth_seq_id 
_pdbx_struct_sheet_hbond.range_2_label_atom_id 
_pdbx_struct_sheet_hbond.range_2_label_comp_id 
_pdbx_struct_sheet_hbond.range_2_label_asym_id 
_pdbx_struct_sheet_hbond.range_2_label_seq_id 
_pdbx_struct_sheet_hbond.range_2_PDB_ins_code 
_pdbx_struct_sheet_hbond.range_2_auth_atom_id 
_pdbx_struct_sheet_hbond.range_2_auth_comp_id 
_pdbx_struct_sheet_hbond.range_2_auth_asym_id 
_pdbx_struct_sheet_hbond.range_2_auth_seq_id 
AA1 1 2 N CYS A 33 ? N CYS A 25 O TYR A 85 ? O TYR A 77 
AA1 2 3 O TYR A 84 ? O TYR A 76 N TYR A 71 ? N TYR A 63 
# 
_atom_sites.entry_id                    5DYM 
_atom_sites.fract_transf_matrix[1][1]   -0.00665283 
_atom_sites.fract_transf_matrix[1][2]   -0.00398710 
_atom_sites.fract_transf_matrix[1][3]   0.00754422 
_atom_sites.fract_transf_matrix[2][1]   -0.00715330 
_atom_sites.fract_transf_matrix[2][2]   -0.00260949 
_atom_sites.fract_transf_matrix[2][3]   -0.00768721 
_atom_sites.fract_transf_matrix[3][1]   0.01064061 
_atom_sites.fract_transf_matrix[3][2]   -0.02221880 
_atom_sites.fract_transf_matrix[3][3]   -0.00235920 
_atom_sites.fract_transf_vector[1]      0.832828 
_atom_sites.fract_transf_vector[2]      0.573803 
_atom_sites.fract_transf_vector[3]      0.476292 
# 
loop_
_atom_type.symbol 
C 
N 
O 
S 
# 
loop_
_atom_site.group_PDB 
_atom_site.id 
_atom_site.type_symbol 
_atom_site.label_atom_id 
_atom_site.label_alt_id 
_atom_site.label_comp_id 
_atom_site.label_asym_id 
_atom_site.label_entity_id 
_atom_site.label_seq_id 
_atom_site.pdbx_PDB_ins_code 
_atom_site.Cartn_x 
_atom_site.Cartn_y 
_atom_site.Cartn_z 
_atom_site.occupancy 
_atom_site.B_iso_or_equiv 
_atom_site.pdbx_formal_charge 
_atom_site.auth_seq_id 
_atom_site.auth_comp_id 
_atom_site.auth_asym_id 
_atom_site.auth_atom_id 
_atom_site.pdbx_PDB_model_num 
ATOM   1   N N   . GLY A 1 18  ? -6.954  3.081   -8.886  1.00 53.28 ? 10  GLY A N   1 
ATOM   2   C CA  . GLY A 1 18  ? -6.800  1.668   -9.194  1.00 61.48 ? 10  GLY A CA  1 
ATOM   3   C C   . GLY A 1 18  ? -5.342  1.238   -9.142  1.00 65.36 ? 10  GLY A C   1 
ATOM   4   O O   . GLY A 1 18  ? -5.030  0.044   -9.045  1.00 64.59 ? 10  GLY A O   1 
ATOM   5   N N   . TYR A 1 19  ? -4.456  2.229   -9.222  1.00 54.97 ? 11  TYR A N   1 
ATOM   6   C CA  . TYR A 1 19  ? -3.028  2.049   -8.979  1.00 51.03 ? 11  TYR A CA  1 
ATOM   7   C C   . TYR A 1 19  ? -2.743  2.083   -7.478  1.00 43.52 ? 11  TYR A C   1 
ATOM   8   O O   . TYR A 1 19  ? -1.611  1.877   -7.036  1.00 39.91 ? 11  TYR A O   1 
ATOM   9   C CB  . TYR A 1 19  ? -2.220  3.151   -9.671  1.00 51.76 ? 11  TYR A CB  1 
ATOM   10  C CG  . TYR A 1 19  ? -2.210  3.079   -11.179 1.00 56.42 ? 11  TYR A CG  1 
ATOM   11  C CD1 . TYR A 1 19  ? -3.060  3.871   -11.937 1.00 59.57 ? 11  TYR A CD1 1 
ATOM   12  C CD2 . TYR A 1 19  ? -1.339  2.224   -11.845 1.00 62.49 ? 11  TYR A CD2 1 
ATOM   13  C CE1 . TYR A 1 19  ? -3.050  3.808   -13.324 1.00 64.93 ? 11  TYR A CE1 1 
ATOM   14  C CE2 . TYR A 1 19  ? -1.319  2.154   -13.232 1.00 63.87 ? 11  TYR A CE2 1 
ATOM   15  C CZ  . TYR A 1 19  ? -2.178  2.946   -13.966 1.00 66.56 ? 11  TYR A CZ  1 
ATOM   16  O OH  . TYR A 1 19  ? -2.160  2.876   -15.345 1.00 70.15 ? 11  TYR A OH  1 
ATOM   17  N N   . ILE A 1 20  ? -3.777  2.364   -6.698  1.00 43.02 ? 12  ILE A N   1 
ATOM   18  C CA  . ILE A 1 20  ? -3.606  2.577   -5.269  1.00 42.57 ? 12  ILE A CA  1 
ATOM   19  C C   . ILE A 1 20  ? -3.123  1.309   -4.551  1.00 33.66 ? 12  ILE A C   1 
ATOM   20  O O   . ILE A 1 20  ? -2.323  1.399   -3.617  1.00 32.76 ? 12  ILE A O   1 
ATOM   21  C CB  . ILE A 1 20  ? -4.908  3.092   -4.636  1.00 42.94 ? 12  ILE A CB  1 
ATOM   22  C CG1 . ILE A 1 20  ? -4.694  3.418   -3.165  1.00 39.62 ? 12  ILE A CG1 1 
ATOM   23  C CG2 . ILE A 1 20  ? -6.045  2.093   -4.816  1.00 48.29 ? 12  ILE A CG2 1 
ATOM   24  C CD1 . ILE A 1 20  ? -5.915  4.002   -2.502  1.00 48.17 ? 12  ILE A CD1 1 
ATOM   25  N N   . ASP A 1 21  ? -3.577  0.136   -4.999  1.00 33.46 ? 13  ASP A N   1 
ATOM   26  C CA  . ASP A 1 21  ? -3.135  -1.126  -4.401  1.00 33.93 ? 13  ASP A CA  1 
ATOM   27  C C   . ASP A 1 21  ? -1.615  -1.255  -4.467  1.00 34.37 ? 13  ASP A C   1 
ATOM   28  O O   . ASP A 1 21  ? -0.975  -1.702  -3.515  1.00 27.97 ? 13  ASP A O   1 
ATOM   29  C CB  . ASP A 1 21  ? -3.785  -2.329  -5.094  1.00 39.49 ? 13  ASP A CB  1 
ATOM   30  C CG  . ASP A 1 21  ? -5.284  -2.453  -4.802  1.00 49.00 ? 13  ASP A CG  1 
ATOM   31  O OD1 . ASP A 1 21  ? -5.935  -1.440  -4.465  1.00 50.32 ? 13  ASP A OD1 1 
ATOM   32  O OD2 . ASP A 1 21  ? -5.815  -3.578  -4.938  1.00 60.91 ? 13  ASP A OD2 1 
ATOM   33  N N   . ILE A 1 22  ? -1.042  -0.870  -5.606  1.00 29.59 ? 14  ILE A N   1 
ATOM   34  C CA  . ILE A 1 22  ? 0.402   -0.925  -5.787  1.00 31.17 ? 14  ILE A CA  1 
ATOM   35  C C   . ILE A 1 22  ? 1.123   0.030   -4.841  1.00 29.15 ? 14  ILE A C   1 
ATOM   36  O O   . ILE A 1 22  ? 2.128   -0.338  -4.220  1.00 30.27 ? 14  ILE A O   1 
ATOM   37  C CB  . ILE A 1 22  ? 0.799   -0.592  -7.244  1.00 34.54 ? 14  ILE A CB  1 
ATOM   38  C CG1 . ILE A 1 22  ? 0.260   -1.669  -8.193  1.00 39.18 ? 14  ILE A CG1 1 
ATOM   39  C CG2 . ILE A 1 22  ? 2.310   -0.476  -7.377  1.00 36.23 ? 14  ILE A CG2 1 
ATOM   40  C CD1 . ILE A 1 22  ? 0.529   -1.382  -9.647  1.00 44.98 ? 14  ILE A CD1 1 
ATOM   41  N N   . LEU A 1 23  ? 0.616   1.253   -4.737  1.00 27.82 ? 15  LEU A N   1 
ATOM   42  C CA  . LEU A 1 23  ? 1.209   2.245   -3.840  1.00 29.41 ? 15  LEU A CA  1 
ATOM   43  C C   . LEU A 1 23  ? 1.205   1.749   -2.404  1.00 27.52 ? 15  LEU A C   1 
ATOM   44  O O   . LEU A 1 23  ? 2.202   1.880   -1.683  1.00 26.74 ? 15  LEU A O   1 
ATOM   45  C CB  . LEU A 1 23  ? 0.460   3.577   -3.926  1.00 31.54 ? 15  LEU A CB  1 
ATOM   46  C CG  . LEU A 1 23  ? 0.488   4.254   -5.292  1.00 40.27 ? 15  LEU A CG  1 
ATOM   47  C CD1 . LEU A 1 23  ? 0.095   5.714   -5.160  1.00 40.86 ? 15  LEU A CD1 1 
ATOM   48  C CD2 . LEU A 1 23  ? 1.845   4.118   -5.939  1.00 36.94 ? 15  LEU A CD2 1 
ATOM   49  N N   . ILE A 1 24  ? 0.079   1.171   -2.000  1.00 28.39 ? 16  ILE A N   1 
ATOM   50  C CA  . ILE A 1 24  ? -0.067  0.677   -0.634  1.00 25.34 ? 16  ILE A CA  1 
ATOM   51  C C   . ILE A 1 24  ? 0.893   -0.490  -0.332  1.00 26.06 ? 16  ILE A C   1 
ATOM   52  O O   . ILE A 1 24  ? 1.595   -0.471  0.691   1.00 25.01 ? 16  ILE A O   1 
ATOM   53  C CB  . ILE A 1 24  ? -1.531  0.269   -0.362  1.00 26.97 ? 16  ILE A CB  1 
ATOM   54  C CG1 . ILE A 1 24  ? -2.408  1.525   -0.332  1.00 31.26 ? 16  ILE A CG1 1 
ATOM   55  C CG2 . ILE A 1 24  ? -1.641  -0.512  0.967   1.00 31.94 ? 16  ILE A CG2 1 
ATOM   56  C CD1 . ILE A 1 24  ? -3.876  1.269   0.017   1.00 30.20 ? 16  ILE A CD1 1 
ATOM   57  N N   . VAL A 1 25  ? 0.994   -1.482  -1.216  1.00 25.80 ? 17  VAL A N   1 
ATOM   58  C CA  . VAL A 1 25  ? 1.933   -2.560  -0.908  1.00 26.32 ? 17  VAL A CA  1 
ATOM   59  C C   . VAL A 1 25  ? 3.366   -2.042  -0.908  1.00 28.26 ? 17  VAL A C   1 
ATOM   60  O O   . VAL A 1 25  ? 4.205   -2.539  -0.153  1.00 27.61 ? 17  VAL A O   1 
ATOM   61  C CB  . VAL A 1 25  ? 1.806   -3.777  -1.867  1.00 28.99 ? 17  VAL A CB  1 
ATOM   62  C CG1 . VAL A 1 25  ? 0.464   -4.435  -1.692  1.00 26.41 ? 17  VAL A CG1 1 
ATOM   63  C CG2 . VAL A 1 25  ? 2.015   -3.389  -3.326  1.00 28.68 ? 17  VAL A CG2 1 
ATOM   64  N N   . SER A 1 26  ? 3.656   -1.027  -1.724  1.00 25.86 ? 18  SER A N   1 
ATOM   65  C CA  . SER A 1 26  ? 5.004   -0.506  -1.774  1.00 26.34 ? 18  SER A CA  1 
ATOM   66  C C   . SER A 1 26  ? 5.374   0.157   -0.433  1.00 27.88 ? 18  SER A C   1 
ATOM   67  O O   . SER A 1 26  ? 6.480   -0.017  0.094   1.00 26.37 ? 18  SER A O   1 
ATOM   68  C CB  . SER A 1 26  ? 5.147   0.491   -2.927  1.00 30.51 ? 18  SER A CB  1 
ATOM   69  O OG  . SER A 1 26  ? 6.358   1.201   -2.813  1.00 34.26 ? 18  SER A OG  1 
ATOM   70  N N   . ILE A 1 27  ? 4.435   0.917   0.109   1.00 25.82 ? 19  ILE A N   1 
ATOM   71  C CA  . ILE A 1 27  ? 4.631   1.624   1.366   1.00 25.80 ? 19  ILE A CA  1 
ATOM   72  C C   . ILE A 1 27  ? 4.805   0.645   2.538   1.00 27.41 ? 19  ILE A C   1 
ATOM   73  O O   . ILE A 1 27  ? 5.609   0.867   3.449   1.00 27.66 ? 19  ILE A O   1 
ATOM   74  C CB  . ILE A 1 27  ? 3.433   2.573   1.622   1.00 28.87 ? 19  ILE A CB  1 
ATOM   75  C CG1 . ILE A 1 27  ? 3.465   3.718   0.609   1.00 33.06 ? 19  ILE A CG1 1 
ATOM   76  C CG2 . ILE A 1 27  ? 3.444   3.108   3.069   1.00 26.76 ? 19  ILE A CG2 1 
ATOM   77  C CD1 . ILE A 1 27  ? 2.211   4.554   0.582   1.00 29.19 ? 19  ILE A CD1 1 
ATOM   78  N N   . LEU A 1 28  ? 4.067   -0.456  2.494   1.00 22.59 ? 20  LEU A N   1 
ATOM   79  C CA  . LEU A 1 28  ? 4.084   -1.422  3.583   1.00 26.11 ? 20  LEU A CA  1 
ATOM   80  C C   . LEU A 1 28  ? 5.299   -2.357  3.559   1.00 29.91 ? 20  LEU A C   1 
ATOM   81  O O   . LEU A 1 28  ? 5.524   -3.105  4.518   1.00 28.62 ? 20  LEU A O   1 
ATOM   82  C CB  . LEU A 1 28  ? 2.811   -2.262  3.547   1.00 23.64 ? 20  LEU A CB  1 
ATOM   83  C CG  . LEU A 1 28  ? 1.514   -1.526  3.883   1.00 27.68 ? 20  LEU A CG  1 
ATOM   84  C CD1 . LEU A 1 28  ? 0.370   -2.484  3.736   1.00 25.05 ? 20  LEU A CD1 1 
ATOM   85  C CD2 . LEU A 1 28  ? 1.559   -0.931  5.317   1.00 24.16 ? 20  LEU A CD2 1 
ATOM   86  N N   . GLU A 1 29  ? 6.073   -2.334  2.474   1.00 26.21 ? 21  GLU A N   1 
ATOM   87  C CA  . GLU A 1 29  ? 7.207   -3.267  2.364   1.00 27.41 ? 21  GLU A CA  1 
ATOM   88  C C   . GLU A 1 29  ? 8.209   -3.165  3.534   1.00 28.83 ? 21  GLU A C   1 
ATOM   89  O O   . GLU A 1 29  ? 8.652   -4.182  4.068   1.00 30.98 ? 21  GLU A O   1 
ATOM   90  C CB  . GLU A 1 29  ? 7.968   -3.066  1.040   1.00 28.39 ? 21  GLU A CB  1 
ATOM   91  C CG  . GLU A 1 29  ? 9.055   -4.139  0.879   1.00 29.43 ? 21  GLU A CG  1 
ATOM   92  C CD  . GLU A 1 29  ? 9.916   -3.987  -0.361  1.00 39.61 ? 21  GLU A CD  1 
ATOM   93  O OE1 . GLU A 1 29  ? 10.013  -2.867  -0.908  1.00 40.45 ? 21  GLU A OE1 1 
ATOM   94  O OE2 . GLU A 1 29  ? 10.481  -5.017  -0.791  1.00 45.76 ? 21  GLU A OE2 1 
ATOM   95  N N   . LYS A 1 30  ? 8.543   -1.944  3.940   1.00 29.63 ? 22  LYS A N   1 
ATOM   96  C CA  . LYS A 1 30  ? 9.585   -1.739  4.943   1.00 34.20 ? 22  LYS A CA  1 
ATOM   97  C C   . LYS A 1 30  ? 9.084   -1.520  6.369   1.00 32.08 ? 22  LYS A C   1 
ATOM   98  O O   . LYS A 1 30  ? 9.887   -1.451  7.297   1.00 35.27 ? 22  LYS A O   1 
ATOM   99  C CB  . LYS A 1 30  ? 10.461  -0.550  4.543   1.00 40.47 ? 22  LYS A CB  1 
ATOM   100 C CG  . LYS A 1 30  ? 11.331  -0.810  3.324   1.00 44.07 ? 22  LYS A CG  1 
ATOM   101 C CD  . LYS A 1 30  ? 12.264  -1.999  3.558   1.00 49.13 ? 22  LYS A CD  1 
ATOM   102 C CE  . LYS A 1 30  ? 13.402  -2.025  2.540   1.00 57.96 ? 22  LYS A CE  1 
ATOM   103 N NZ  . LYS A 1 30  ? 12.951  -2.496  1.199   1.00 62.76 ? 22  LYS A NZ  1 
ATOM   104 N N   . LYS A 1 31  ? 7.771   -1.400  6.547   1.00 27.66 ? 23  LYS A N   1 
ATOM   105 C CA  . LYS A 1 31  ? 7.209   -1.125  7.872   1.00 30.16 ? 23  LYS A CA  1 
ATOM   106 C C   . LYS A 1 31  ? 5.710   -1.390  7.862   1.00 28.13 ? 23  LYS A C   1 
ATOM   107 O O   . LYS A 1 31  ? 5.025   -0.969  6.927   1.00 26.59 ? 23  LYS A O   1 
ATOM   108 C CB  . LYS A 1 31  ? 7.472   0.345   8.283   1.00 31.13 ? 23  LYS A CB  1 
ATOM   109 C CG  . LYS A 1 31  ? 7.090   0.684   9.728   1.00 36.02 ? 23  LYS A CG  1 
ATOM   110 C CD  . LYS A 1 31  ? 7.272   2.169   10.048  1.00 35.71 ? 23  LYS A CD  1 
ATOM   111 C CE  . LYS A 1 31  ? 5.974   2.962   9.821   1.00 37.46 ? 23  LYS A CE  1 
ATOM   112 N NZ  . LYS A 1 31  ? 4.875   2.634   10.795  1.00 29.76 ? 23  LYS A NZ  1 
ATOM   113 N N   . ASP A 1 32  ? 5.185   -2.052  8.895   1.00 27.25 ? 24  ASP A N   1 
ATOM   114 C CA  . ASP A 1 32  ? 3.728   -2.042  9.096   1.00 22.07 ? 24  ASP A CA  1 
ATOM   115 C C   . ASP A 1 32  ? 3.265   -0.595  9.306   1.00 23.18 ? 24  ASP A C   1 
ATOM   116 O O   . ASP A 1 32  ? 3.916   0.162   10.046  1.00 23.06 ? 24  ASP A O   1 
ATOM   117 C CB  . ASP A 1 32  ? 3.310   -2.883  10.299  1.00 21.51 ? 24  ASP A CB  1 
ATOM   118 C CG  . ASP A 1 32  ? 3.625   -4.375  10.143  1.00 25.50 ? 24  ASP A CG  1 
ATOM   119 O OD1 . ASP A 1 32  ? 4.123   -4.817  9.071   1.00 23.29 ? 24  ASP A OD1 1 
ATOM   120 O OD2 . ASP A 1 32  ? 3.354   -5.108  11.120  1.00 25.56 ? 24  ASP A OD2 1 
ATOM   121 N N   . CYS A 1 33  ? 2.167   -0.201  8.659   1.00 21.47 ? 25  CYS A N   1 
ATOM   122 C CA  . CYS A 1 33  ? 1.664   1.189   8.787   1.00 24.22 ? 25  CYS A CA  1 
ATOM   123 C C   . CYS A 1 33  ? 0.169   1.279   9.112   1.00 24.64 ? 25  CYS A C   1 
ATOM   124 O O   . CYS A 1 33  ? -0.596  0.357   8.810   1.00 22.15 ? 25  CYS A O   1 
ATOM   125 C CB  . CYS A 1 33  ? 1.918   1.974   7.489   1.00 25.43 ? 25  CYS A CB  1 
ATOM   126 S SG  . CYS A 1 33  ? 3.667   2.166   7.039   1.00 27.98 ? 25  CYS A SG  1 
ATOM   127 N N   . TYR A 1 34  ? -0.264  2.392   9.702   1.00 24.15 ? 26  TYR A N   1 
ATOM   128 C CA  . TYR A 1 34  ? -1.701  2.646   9.768   1.00 22.92 ? 26  TYR A CA  1 
ATOM   129 C C   . TYR A 1 34  ? -2.068  3.764   8.793   1.00 26.11 ? 26  TYR A C   1 
ATOM   130 O O   . TYR A 1 34  ? -1.179  4.350   8.154   1.00 24.25 ? 26  TYR A O   1 
ATOM   131 C CB  . TYR A 1 34  ? -2.140  2.947   11.208  1.00 24.43 ? 26  TYR A CB  1 
ATOM   132 C CG  . TYR A 1 34  ? -1.626  4.233   11.808  1.00 26.55 ? 26  TYR A CG  1 
ATOM   133 C CD1 . TYR A 1 34  ? -0.319  4.347   12.284  1.00 28.97 ? 26  TYR A CD1 1 
ATOM   134 C CD2 . TYR A 1 34  ? -2.480  5.325   11.952  1.00 32.83 ? 26  TYR A CD2 1 
ATOM   135 C CE1 . TYR A 1 34  ? 0.143   5.546   12.852  1.00 33.02 ? 26  TYR A CE1 1 
ATOM   136 C CE2 . TYR A 1 34  ? -2.041  6.512   12.523  1.00 37.13 ? 26  TYR A CE2 1 
ATOM   137 C CZ  . TYR A 1 34  ? -0.732  6.626   12.960  1.00 41.94 ? 26  TYR A CZ  1 
ATOM   138 O OH  . TYR A 1 34  ? -0.324  7.820   13.522  1.00 43.99 ? 26  TYR A OH  1 
ATOM   139 N N   . GLY A 1 35  ? -3.370  4.025   8.661   1.00 24.75 ? 27  GLY A N   1 
ATOM   140 C CA  . GLY A 1 35  ? -3.918  4.816   7.566   1.00 26.23 ? 27  GLY A CA  1 
ATOM   141 C C   . GLY A 1 35  ? -3.246  6.164   7.378   1.00 30.04 ? 27  GLY A C   1 
ATOM   142 O O   . GLY A 1 35  ? -2.869  6.515   6.264   1.00 27.28 ? 27  GLY A O   1 
ATOM   143 N N   . TYR A 1 36  ? -3.059  6.906   8.466   1.00 30.55 ? 28  TYR A N   1 
ATOM   144 C CA  . TYR A 1 36  ? -2.445  8.244   8.373   1.00 35.52 ? 28  TYR A CA  1 
ATOM   145 C C   . TYR A 1 36  ? -1.083  8.217   7.703   1.00 34.72 ? 28  TYR A C   1 
ATOM   146 O O   . TYR A 1 36  ? -0.777  9.064   6.869   1.00 31.02 ? 28  TYR A O   1 
ATOM   147 C CB  . TYR A 1 36  ? -2.299  8.864   9.757   1.00 40.00 ? 28  TYR A CB  1 
ATOM   148 C CG  . TYR A 1 36  ? -1.423  10.105  9.796   1.00 40.09 ? 28  TYR A CG  1 
ATOM   149 C CD1 . TYR A 1 36  ? -1.789  11.252  9.111   1.00 42.96 ? 28  TYR A CD1 1 
ATOM   150 C CD2 . TYR A 1 36  ? -0.254  10.134  10.553  1.00 46.00 ? 28  TYR A CD2 1 
ATOM   151 C CE1 . TYR A 1 36  ? -1.007  12.399  9.155   1.00 48.99 ? 28  TYR A CE1 1 
ATOM   152 C CE2 . TYR A 1 36  ? 0.543   11.282  10.606  1.00 51.50 ? 28  TYR A CE2 1 
ATOM   153 C CZ  . TYR A 1 36  ? 0.155   12.412  9.903   1.00 48.99 ? 28  TYR A CZ  1 
ATOM   154 O OH  . TYR A 1 36  ? 0.924   13.558  9.942   1.00 58.44 ? 28  TYR A OH  1 
ATOM   155 N N   . GLU A 1 37  ? -0.274  7.229   8.075   1.00 30.49 ? 29  GLU A N   1 
ATOM   156 C CA  . GLU A 1 37  ? 1.086   7.105   7.568   1.00 32.29 ? 29  GLU A CA  1 
ATOM   157 C C   . GLU A 1 37  ? 1.075   6.774   6.081   1.00 31.56 ? 29  GLU A C   1 
ATOM   158 O O   . GLU A 1 37  ? 1.891   7.278   5.311   1.00 30.95 ? 29  GLU A O   1 
ATOM   159 C CB  . GLU A 1 37  ? 1.857   6.025   8.342   1.00 30.88 ? 29  GLU A CB  1 
ATOM   160 C CG  . GLU A 1 37  ? 1.995   6.319   9.841   1.00 35.71 ? 29  GLU A CG  1 
ATOM   161 C CD  . GLU A 1 37  ? 2.660   5.186   10.602  1.00 41.19 ? 29  GLU A CD  1 
ATOM   162 O OE1 . GLU A 1 37  ? 2.459   4.009   10.222  1.00 32.04 ? 29  GLU A OE1 1 
ATOM   163 O OE2 . GLU A 1 37  ? 3.384   5.477   11.579  1.00 38.28 ? 29  GLU A OE2 1 
ATOM   164 N N   . ILE A 1 38  ? 0.153   5.906   5.697   1.00 26.88 ? 30  ILE A N   1 
ATOM   165 C CA  . ILE A 1 38  ? -0.003  5.513   4.302   1.00 27.47 ? 30  ILE A CA  1 
ATOM   166 C C   . ILE A 1 38  ? -0.434  6.711   3.448   1.00 34.09 ? 30  ILE A C   1 
ATOM   167 O O   . ILE A 1 38  ? 0.168   7.008   2.413   1.00 32.69 ? 30  ILE A O   1 
ATOM   168 C CB  . ILE A 1 38  ? -1.026  4.388   4.169   1.00 23.95 ? 30  ILE A CB  1 
ATOM   169 C CG1 . ILE A 1 38  ? -0.540  3.164   4.966   1.00 24.99 ? 30  ILE A CG1 1 
ATOM   170 C CG2 . ILE A 1 38  ? -1.255  4.047   2.695   1.00 28.06 ? 30  ILE A CG2 1 
ATOM   171 C CD1 . ILE A 1 38  ? -1.520  1.971   4.955   1.00 23.49 ? 30  ILE A CD1 1 
ATOM   172 N N   . ALA A 1 39  ? -1.477  7.397   3.900   1.00 29.85 ? 31  ALA A N   1 
ATOM   173 C CA  . ALA A 1 39  ? -1.976  8.574   3.187   1.00 37.66 ? 31  ALA A CA  1 
ATOM   174 C C   . ALA A 1 39  ? -0.880  9.625   3.078   1.00 38.73 ? 31  ALA A C   1 
ATOM   175 O O   . ALA A 1 39  ? -0.689  10.230  2.022   1.00 46.05 ? 31  ALA A O   1 
ATOM   176 C CB  . ALA A 1 39  ? -3.202  9.144   3.884   1.00 33.10 ? 31  ALA A CB  1 
ATOM   177 N N   . LYS A 1 40  ? -0.156  9.824   4.174   1.00 35.13 ? 32  LYS A N   1 
ATOM   178 C CA  . LYS A 1 40  ? 0.918   10.803  4.221   1.00 40.34 ? 32  LYS A CA  1 
ATOM   179 C C   . LYS A 1 40  ? 1.976   10.542  3.151   1.00 47.61 ? 32  LYS A C   1 
ATOM   180 O O   . LYS A 1 40  ? 2.475   11.473  2.520   1.00 43.54 ? 32  LYS A O   1 
ATOM   181 C CB  . LYS A 1 40  ? 1.577   10.813  5.605   1.00 42.45 ? 32  LYS A CB  1 
ATOM   182 C CG  . LYS A 1 40  ? 2.242   12.130  5.965   1.00 53.18 ? 32  LYS A CG  1 
ATOM   183 C CD  . LYS A 1 40  ? 2.969   12.063  7.301   1.00 54.27 ? 32  LYS A CD  1 
ATOM   184 C CE  . LYS A 1 40  ? 4.399   11.576  7.130   1.00 66.30 ? 32  LYS A CE  1 
ATOM   185 N NZ  . LYS A 1 40  ? 5.398   12.535  7.697   1.00 68.73 ? 32  LYS A NZ  1 
ATOM   186 N N   . GLN A 1 41  ? 2.327   9.278   2.947   1.00 42.13 ? 33  GLN A N   1 
ATOM   187 C CA  . GLN A 1 41  ? 3.379   8.966   1.990   1.00 40.63 ? 33  GLN A CA  1 
ATOM   188 C C   . GLN A 1 41  ? 2.870   9.131   0.565   1.00 41.78 ? 33  GLN A C   1 
ATOM   189 O O   . GLN A 1 41  ? 3.620   9.532   -0.324  1.00 48.16 ? 33  GLN A O   1 
ATOM   190 C CB  . GLN A 1 41  ? 3.923   7.549   2.222   1.00 43.97 ? 33  GLN A CB  1 
ATOM   191 C CG  . GLN A 1 41  ? 4.683   7.419   3.535   1.00 43.06 ? 33  GLN A CG  1 
ATOM   192 C CD  . GLN A 1 41  ? 5.489   6.146   3.625   1.00 51.40 ? 33  GLN A CD  1 
ATOM   193 O OE1 . GLN A 1 41  ? 6.080   5.699   2.636   1.00 52.57 ? 33  GLN A OE1 1 
ATOM   194 N NE2 . GLN A 1 41  ? 5.531   5.552   4.820   1.00 47.99 ? 33  GLN A NE2 1 
ATOM   195 N N   . VAL A 1 42  ? 1.591   8.835   0.352   1.00 40.97 ? 34  VAL A N   1 
ATOM   196 C CA  . VAL A 1 42  ? 1.002   8.955   -0.980  1.00 42.59 ? 34  VAL A CA  1 
ATOM   197 C C   . VAL A 1 42  ? 0.907   10.421  -1.391  1.00 54.42 ? 34  VAL A C   1 
ATOM   198 O O   . VAL A 1 42  ? 1.180   10.769  -2.542  1.00 55.79 ? 34  VAL A O   1 
ATOM   199 C CB  . VAL A 1 42  ? -0.385  8.304   -1.048  1.00 43.71 ? 34  VAL A CB  1 
ATOM   200 C CG1 . VAL A 1 42  ? -1.066  8.611   -2.386  1.00 51.06 ? 34  VAL A CG1 1 
ATOM   201 C CG2 . VAL A 1 42  ? -0.261  6.796   -0.855  1.00 40.80 ? 34  VAL A CG2 1 
ATOM   202 N N   . ARG A 1 43  ? 0.529   11.272  -0.441  0.81 48.50 ? 35  ARG A N   1 
ATOM   203 C CA  . ARG A 1 43  ? 0.530   12.721  -0.635  1.00 57.07 ? 35  ARG A CA  1 
ATOM   204 C C   . ARG A 1 43  ? 1.935   13.231  -0.918  1.00 54.91 ? 35  ARG A C   1 
ATOM   205 O O   . ARG A 1 43  ? 2.199   13.823  -1.959  0.96 59.79 ? 35  ARG A O   1 
ATOM   206 C CB  . ARG A 1 43  ? 0.003   13.434  0.611   1.00 54.77 ? 35  ARG A CB  1 
ATOM   207 C CG  . ARG A 1 43  ? -1.491  13.327  0.868   1.00 54.34 ? 35  ARG A CG  1 
ATOM   208 C CD  . ARG A 1 43  ? -1.865  14.296  2.001   1.00 64.66 ? 35  ARG A CD  1 
ATOM   209 N NE  . ARG A 1 43  ? -2.766  13.716  3.001   1.00 62.78 ? 35  ARG A NE  1 
ATOM   210 C CZ  . ARG A 1 43  ? -3.941  13.140  2.751   1.00 64.08 ? 35  ARG A CZ  1 
ATOM   211 N NH1 . ARG A 1 43  ? -4.446  13.102  1.522   1.00 65.11 ? 35  ARG A NH1 1 
ATOM   212 N NH2 . ARG A 1 43  ? -4.643  12.638  3.757   1.00 62.08 ? 35  ARG A NH2 1 
ATOM   213 N N   . GLU A 1 44  ? 2.827   12.990  0.035   1.00 49.39 ? 36  GLU A N   1 
ATOM   214 C CA  . GLU A 1 44  ? 4.161   13.574  0.043   1.00 52.48 ? 36  GLU A CA  1 
ATOM   215 C C   . GLU A 1 44  ? 5.049   13.134  -1.127  1.00 59.01 ? 36  GLU A C   1 
ATOM   216 O O   . GLU A 1 44  ? 5.971   13.853  -1.506  1.00 60.04 ? 36  GLU A O   1 
ATOM   217 C CB  . GLU A 1 44  ? 4.845   13.224  1.363   1.00 50.32 ? 36  GLU A CB  1 
ATOM   218 C CG  . GLU A 1 44  ? 4.288   13.995  2.562   1.00 57.83 ? 36  GLU A CG  1 
ATOM   219 C CD  . GLU A 1 44  ? 5.191   13.922  3.774   1.00 63.52 ? 36  GLU A CD  1 
ATOM   220 O OE1 . GLU A 1 44  ? 6.170   13.145  3.733   1.00 69.61 ? 36  GLU A OE1 1 
ATOM   221 O OE2 . GLU A 1 44  ? 4.902   14.610  4.777   1.00 73.69 ? 36  GLU A OE2 1 
ATOM   222 N N   . ARG A 1 45  ? 4.779   11.962  -1.699  1.00 53.16 ? 37  ARG A N   1 
ATOM   223 C CA  . ARG A 1 45  ? 5.682   11.405  -2.709  1.00 57.11 ? 37  ARG A CA  1 
ATOM   224 C C   . ARG A 1 45  ? 5.062   11.291  -4.102  1.00 57.11 ? 37  ARG A C   1 
ATOM   225 O O   . ARG A 1 45  ? 5.736   10.894  -5.050  1.00 59.27 ? 37  ARG A O   1 
ATOM   226 C CB  . ARG A 1 45  ? 6.189   10.023  -2.271  1.00 52.04 ? 37  ARG A CB  1 
ATOM   227 C CG  . ARG A 1 45  ? 6.948   10.023  -0.952  1.00 52.42 ? 37  ARG A CG  1 
ATOM   228 C CD  . ARG A 1 45  ? 6.995   8.624   -0.359  1.00 48.87 ? 37  ARG A CD  1 
ATOM   229 N NE  . ARG A 1 45  ? 7.683   7.673   -1.233  1.00 50.86 ? 37  ARG A NE  1 
ATOM   230 C CZ  . ARG A 1 45  ? 7.627   6.349   -1.096  1.00 50.34 ? 37  ARG A CZ  1 
ATOM   231 N NH1 . ARG A 1 45  ? 6.897   5.806   -0.126  1.00 49.18 ? 37  ARG A NH1 1 
ATOM   232 N NH2 . ARG A 1 45  ? 8.289   5.563   -1.933  1.00 44.89 ? 37  ARG A NH2 1 
ATOM   233 N N   . SER A 1 46  ? 3.782   11.627  -4.227  1.00 56.35 ? 38  SER A N   1 
ATOM   234 C CA  . SER A 1 46  ? 3.122   11.617  -5.526  1.00 59.34 ? 38  SER A CA  1 
ATOM   235 C C   . SER A 1 46  ? 2.252   12.856  -5.721  1.00 69.70 ? 38  SER A C   1 
ATOM   236 O O   . SER A 1 46  ? 2.325   13.815  -4.948  1.00 68.48 ? 38  SER A O   1 
ATOM   237 C CB  . SER A 1 46  ? 2.266   10.357  -5.693  1.00 59.27 ? 38  SER A CB  1 
ATOM   238 O OG  . SER A 1 46  ? 0.900   10.625  -5.403  1.00 61.25 ? 38  SER A OG  1 
ATOM   239 N N   . GLU A 1 47  ? 1.426   12.824  -6.763  1.00 72.80 ? 39  GLU A N   1 
ATOM   240 C CA  . GLU A 1 47  ? 0.501   13.915  -7.044  1.00 75.40 ? 39  GLU A CA  1 
ATOM   241 C C   . GLU A 1 47  ? -0.949  13.452  -6.945  1.00 73.72 ? 39  GLU A C   1 
ATOM   242 O O   . GLU A 1 47  ? -1.863  14.157  -7.364  1.00 76.60 ? 39  GLU A O   1 
ATOM   243 C CB  . GLU A 1 47  ? 0.772   14.507  -8.429  1.00 77.45 ? 39  GLU A CB  1 
ATOM   244 C CG  . GLU A 1 47  ? 2.078   15.271  -8.520  1.00 78.07 ? 39  GLU A CG  1 
ATOM   245 C CD  . GLU A 1 47  ? 1.870   16.768  -8.429  1.00 87.23 ? 39  GLU A CD  1 
ATOM   246 O OE1 . GLU A 1 47  ? 0.702   17.211  -8.480  1.00 90.52 ? 39  GLU A OE1 1 
ATOM   247 O OE2 . GLU A 1 47  ? 2.875   17.500  -8.307  1.00 89.59 ? 39  GLU A OE2 1 
ATOM   248 N N   . PHE A 1 48  ? -1.155  12.258  -6.399  1.00 74.38 ? 40  PHE A N   1 
ATOM   249 C CA  . PHE A 1 48  ? -2.503  11.794  -6.100  1.00 73.61 ? 40  PHE A CA  1 
ATOM   250 C C   . PHE A 1 48  ? -3.116  12.687  -5.029  1.00 72.07 ? 40  PHE A C   1 
ATOM   251 O O   . PHE A 1 48  ? -2.551  12.845  -3.943  1.00 70.12 ? 40  PHE A O   1 
ATOM   252 C CB  . PHE A 1 48  ? -2.499  10.333  -5.636  1.00 73.64 ? 40  PHE A CB  1 
ATOM   253 C CG  . PHE A 1 48  ? -2.548  9.335   -6.759  1.00 72.22 ? 40  PHE A CG  1 
ATOM   254 C CD1 . PHE A 1 48  ? -3.762  8.878   -7.245  1.00 74.57 ? 40  PHE A CD1 1 
ATOM   255 C CD2 . PHE A 1 48  ? -1.379  8.847   -7.325  1.00 66.41 ? 40  PHE A CD2 1 
ATOM   256 C CE1 . PHE A 1 48  ? -3.809  7.957   -8.282  1.00 74.64 ? 40  PHE A CE1 1 
ATOM   257 C CE2 . PHE A 1 48  ? -1.422  7.927   -8.359  1.00 65.64 ? 40  PHE A CE2 1 
ATOM   258 C CZ  . PHE A 1 48  ? -2.637  7.481   -8.838  1.00 66.50 ? 40  PHE A CZ  1 
ATOM   259 N N   . LEU A 1 50  ? -5.319  11.805  -3.279  1.00 65.00 ? 42  LEU A N   1 
ATOM   260 C CA  . LEU A 1 50  ? -5.814  10.607  -2.611  1.00 67.22 ? 42  LEU A CA  1 
ATOM   261 C C   . LEU A 1 50  ? -6.877  10.932  -1.565  1.00 64.11 ? 42  LEU A C   1 
ATOM   262 O O   . LEU A 1 50  ? -6.558  11.413  -0.475  1.00 66.99 ? 42  LEU A O   1 
ATOM   263 C CB  . LEU A 1 50  ? -4.662  9.847   -1.945  1.00 62.24 ? 42  LEU A CB  1 
ATOM   264 C CG  . LEU A 1 50  ? -5.088  8.596   -1.166  1.00 63.12 ? 42  LEU A CG  1 
ATOM   265 C CD1 . LEU A 1 50  ? -5.502  7.497   -2.126  1.00 54.98 ? 42  LEU A CD1 1 
ATOM   266 C CD2 . LEU A 1 50  ? -3.994  8.112   -0.213  1.00 57.59 ? 42  LEU A CD2 1 
ATOM   267 N N   . LYS A 1 51  ? -8.137  10.666  -1.890  1.00 62.76 ? 43  LYS A N   1 
ATOM   268 C CA  . LYS A 1 51  ? -9.222  10.893  -0.938  1.00 58.48 ? 43  LYS A CA  1 
ATOM   269 C C   . LYS A 1 51  ? -9.204  9.801   0.144   1.00 60.82 ? 43  LYS A C   1 
ATOM   270 O O   . LYS A 1 51  ? -8.924  8.635   -0.158  1.00 54.40 ? 43  LYS A O   1 
ATOM   271 C CB  . LYS A 1 51  ? -10.566 10.934  -1.669  1.00 64.57 ? 43  LYS A CB  1 
ATOM   272 C CG  . LYS A 1 51  ? -11.708 11.488  -0.841  1.00 62.09 ? 43  LYS A CG  1 
ATOM   273 C CD  . LYS A 1 51  ? -12.649 10.383  -0.402  1.00 60.46 ? 43  LYS A CD  1 
ATOM   274 C CE  . LYS A 1 51  ? -13.496 10.821  0.776   1.00 55.60 ? 43  LYS A CE  1 
ATOM   275 N NZ  . LYS A 1 51  ? -14.561 9.826   1.069   1.00 60.86 ? 43  LYS A NZ  1 
ATOM   276 N N   . GLU A 1 52  ? -9.475  10.171  1.397   1.00 57.16 ? 44  GLU A N   1 
ATOM   277 C CA  . GLU A 1 52  ? -9.370  9.210   2.499   1.00 55.96 ? 44  GLU A CA  1 
ATOM   278 C C   . GLU A 1 52  ? -10.328 8.046   2.264   1.00 49.84 ? 44  GLU A C   1 
ATOM   279 O O   . GLU A 1 52  ? -9.974  6.900   2.505   1.00 45.85 ? 44  GLU A O   1 
ATOM   280 C CB  . GLU A 1 52  ? -9.633  9.871   3.867   1.00 59.16 ? 44  GLU A CB  1 
ATOM   281 C CG  . GLU A 1 52  ? -11.033 10.434  4.082   1.00 62.69 ? 44  GLU A CG  1 
ATOM   282 C CD  . GLU A 1 52  ? -11.216 11.070  5.463   1.00 63.62 ? 44  GLU A CD  1 
ATOM   283 O OE1 . GLU A 1 52  ? -11.015 10.375  6.487   1.00 63.29 ? 44  GLU A OE1 1 
ATOM   284 O OE2 . GLU A 1 52  ? -11.591 12.261  5.529   1.00 61.84 ? 44  GLU A OE2 1 
ATOM   285 N N   . GLY A 1 53  ? -11.525 8.337   1.758   1.00 52.50 ? 45  GLY A N   1 
ATOM   286 C CA  . GLY A 1 53  ? -12.472 7.295   1.405   1.00 43.60 ? 45  GLY A CA  1 
ATOM   287 C C   . GLY A 1 53  ? -11.880 6.316   0.412   1.00 44.43 ? 45  GLY A C   1 
ATOM   288 O O   . GLY A 1 53  ? -12.057 5.102   0.535   1.00 42.52 ? 45  GLY A O   1 
ATOM   289 N N   . THR A 1 54  ? -11.162 6.835   -0.575  1.00 44.94 ? 46  THR A N   1 
ATOM   290 C CA  . THR A 1 54  ? -10.524 5.972   -1.565  1.00 45.63 ? 46  THR A CA  1 
ATOM   291 C C   . THR A 1 54  ? -9.536  5.016   -0.896  1.00 38.82 ? 46  THR A C   1 
ATOM   292 O O   . THR A 1 54  ? -9.463  3.830   -1.240  1.00 36.24 ? 46  THR A O   1 
ATOM   293 C CB  . THR A 1 54  ? -9.796  6.798   -2.639  1.00 54.83 ? 46  THR A CB  1 
ATOM   294 O OG1 . THR A 1 54  ? -10.693 7.783   -3.174  1.00 58.97 ? 46  THR A OG1 1 
ATOM   295 C CG2 . THR A 1 54  ? -9.305  5.897   -3.761  1.00 47.34 ? 46  THR A CG2 1 
ATOM   296 N N   . MET A 1 55  ? -8.793  5.530   0.076   1.00 37.87 ? 47  MET A N   1 
ATOM   297 C CA  . MET A 1 55  ? -7.822  4.699   0.782   1.00 38.24 ? 47  MET A CA  1 
ATOM   298 C C   . MET A 1 55  ? -8.497  3.582   1.578   1.00 33.12 ? 47  MET A C   1 
ATOM   299 O O   . MET A 1 55  ? -8.057  2.437   1.525   1.00 29.42 ? 47  MET A O   1 
ATOM   300 C CB  . MET A 1 55  ? -6.954  5.547   1.715   1.00 34.71 ? 47  MET A CB  1 
ATOM   301 C CG  . MET A 1 55  ? -5.869  4.715   2.426   1.00 31.86 ? 47  MET A CG  1 
ATOM   302 S SD  . MET A 1 55  ? -4.871  5.623   3.611   1.00 35.13 ? 47  MET A SD  1 
ATOM   303 C CE  . MET A 1 55  ? -6.102  6.057   4.848   1.00 35.87 ? 47  MET A CE  1 
ATOM   304 N N   . TYR A 1 56  ? -9.547  3.903   2.331   1.00 33.18 ? 48  TYR A N   1 
ATOM   305 C CA  . TYR A 1 56  ? -10.158 2.868   3.178   1.00 35.35 ? 48  TYR A CA  1 
ATOM   306 C C   . TYR A 1 56  ? -10.859 1.800   2.325   1.00 29.64 ? 48  TYR A C   1 
ATOM   307 O O   . TYR A 1 56  ? -10.916 0.624   2.709   1.00 30.88 ? 48  TYR A O   1 
ATOM   308 C CB  . TYR A 1 56  ? -11.122 3.497   4.206   1.00 32.30 ? 48  TYR A CB  1 
ATOM   309 C CG  . TYR A 1 56  ? -10.395 4.243   5.308   1.00 31.42 ? 48  TYR A CG  1 
ATOM   310 C CD1 . TYR A 1 56  ? -9.714  3.554   6.306   1.00 36.12 ? 48  TYR A CD1 1 
ATOM   311 C CD2 . TYR A 1 56  ? -10.370 5.634   5.340   1.00 34.76 ? 48  TYR A CD2 1 
ATOM   312 C CE1 . TYR A 1 56  ? -9.021  4.232   7.318   1.00 34.73 ? 48  TYR A CE1 1 
ATOM   313 C CE2 . TYR A 1 56  ? -9.686  6.321   6.348   1.00 37.84 ? 48  TYR A CE2 1 
ATOM   314 C CZ  . TYR A 1 56  ? -9.013  5.613   7.333   1.00 35.37 ? 48  TYR A CZ  1 
ATOM   315 O OH  . TYR A 1 56  ? -8.334  6.278   8.337   1.00 34.04 ? 48  TYR A OH  1 
ATOM   316 N N   . LEU A 1 57  ? -11.361 2.191   1.154   1.00 31.02 ? 49  LEU A N   1 
ATOM   317 C CA  . LEU A 1 57  ? -11.950 1.219   0.224   1.00 32.40 ? 49  LEU A CA  1 
ATOM   318 C C   . LEU A 1 57  ? -10.882 0.245   -0.271  1.00 33.27 ? 49  LEU A C   1 
ATOM   319 O O   . LEU A 1 57  ? -11.098 -0.959  -0.328  1.00 30.07 ? 49  LEU A O   1 
ATOM   320 C CB  . LEU A 1 57  ? -12.596 1.921   -0.973  1.00 35.84 ? 49  LEU A CB  1 
ATOM   321 C CG  . LEU A 1 57  ? -14.071 2.300   -0.824  1.00 46.17 ? 49  LEU A CG  1 
ATOM   322 C CD1 . LEU A 1 57  ? -14.505 3.226   -1.969  1.00 53.04 ? 49  LEU A CD1 1 
ATOM   323 C CD2 . LEU A 1 57  ? -14.935 1.048   -0.787  1.00 38.87 ? 49  LEU A CD2 1 
ATOM   324 N N   . ALA A 1 58  ? -9.727  0.789   -0.629  1.00 32.42 ? 50  ALA A N   1 
ATOM   325 C CA  . ALA A 1 58  ? -8.606  -0.011  -1.112  1.00 30.38 ? 50  ALA A CA  1 
ATOM   326 C C   . ALA A 1 58  ? -8.060  -0.953  -0.043  1.00 31.57 ? 50  ALA A C   1 
ATOM   327 O O   . ALA A 1 58  ? -7.758  -2.115  -0.327  1.00 27.90 ? 50  ALA A O   1 
ATOM   328 C CB  . ALA A 1 58  ? -7.489  0.908   -1.613  1.00 33.58 ? 50  ALA A CB  1 
ATOM   329 N N   . LEU A 1 59  ? -7.906  -0.451  1.177   1.00 28.58 ? 51  LEU A N   1 
ATOM   330 C CA  . LEU A 1 59  ? -7.379  -1.278  2.268   1.00 29.49 ? 51  LEU A CA  1 
ATOM   331 C C   . LEU A 1 59  ? -8.294  -2.474  2.546   1.00 29.93 ? 51  LEU A C   1 
ATOM   332 O O   . LEU A 1 59  ? -7.822  -3.586  2.770   1.00 28.20 ? 51  LEU A O   1 
ATOM   333 C CB  . LEU A 1 59  ? -7.194  -0.434  3.543   1.00 24.51 ? 51  LEU A CB  1 
ATOM   334 C CG  . LEU A 1 59  ? -6.040  0.573   3.484   1.00 26.21 ? 51  LEU A CG  1 
ATOM   335 C CD1 . LEU A 1 59  ? -6.169  1.661   4.575   1.00 27.64 ? 51  LEU A CD1 1 
ATOM   336 C CD2 . LEU A 1 59  ? -4.689  -0.158  3.591   1.00 25.12 ? 51  LEU A CD2 1 
ATOM   337 N N   . LYS A 1 60  ? -9.604  -2.251  2.520   1.00 27.95 ? 52  LYS A N   1 
ATOM   338 C CA  . LYS A 1 60  ? -10.544 -3.352  2.740   1.00 31.09 ? 52  LYS A CA  1 
ATOM   339 C C   . LYS A 1 60  ? -10.448 -4.384  1.604   1.00 31.55 ? 52  LYS A C   1 
ATOM   340 O O   . LYS A 1 60  ? -10.430 -5.577  1.844   1.00 28.96 ? 52  LYS A O   1 
ATOM   341 C CB  . LYS A 1 60  ? -11.972 -2.823  2.865   1.00 29.70 ? 52  LYS A CB  1 
ATOM   342 C CG  . LYS A 1 60  ? -12.997 -3.880  3.238   1.00 30.06 ? 52  LYS A CG  1 
ATOM   343 C CD  . LYS A 1 60  ? -12.722 -4.496  4.604   1.00 31.06 ? 52  LYS A CD  1 
ATOM   344 C CE  . LYS A 1 60  ? -12.790 -3.462  5.736   1.00 31.03 ? 52  LYS A CE  1 
ATOM   345 N NZ  . LYS A 1 60  ? -12.497 -4.090  7.084   1.00 29.10 ? 52  LYS A NZ  1 
ATOM   346 N N   . ARG A 1 61  ? -10.375 -3.901  0.371   1.00 33.31 ? 53  ARG A N   1 
ATOM   347 C CA  . ARG A 1 61  ? -10.236 -4.782  -0.795  1.00 35.32 ? 53  ARG A CA  1 
ATOM   348 C C   . ARG A 1 61  ? -8.962  -5.640  -0.691  1.00 33.13 ? 53  ARG A C   1 
ATOM   349 O O   . ARG A 1 61  ? -8.987  -6.846  -0.945  1.00 33.52 ? 53  ARG A O   1 
ATOM   350 C CB  . ARG A 1 61  ? -10.244 -3.925  -2.067  1.00 39.31 ? 53  ARG A CB  1 
ATOM   351 C CG  . ARG A 1 61  ? -9.925  -4.634  -3.351  1.00 45.51 ? 53  ARG A CG  1 
ATOM   352 C CD  . ARG A 1 61  ? -10.163 -3.692  -4.530  1.00 50.82 ? 53  ARG A CD  1 
ATOM   353 N NE  . ARG A 1 61  ? -9.225  -2.568  -4.587  1.00 47.98 ? 53  ARG A NE  1 
ATOM   354 C CZ  . ARG A 1 61  ? -9.558  -1.296  -4.388  1.00 44.13 ? 53  ARG A CZ  1 
ATOM   355 N NH1 . ARG A 1 61  ? -10.813 -0.963  -4.103  1.00 47.38 ? 53  ARG A NH1 1 
ATOM   356 N NH2 . ARG A 1 61  ? -8.633  -0.348  -4.477  1.00 50.48 ? 53  ARG A NH2 1 
ATOM   357 N N   . MET A 1 62  ? -7.858  -5.031  -0.263  1.00 31.40 ? 54  MET A N   1 
ATOM   358 C CA  . MET A 1 62  ? -6.598  -5.766  -0.146  1.00 30.98 ? 54  MET A CA  1 
ATOM   359 C C   . MET A 1 62  ? -6.607  -6.762  1.013   1.00 34.48 ? 54  MET A C   1 
ATOM   360 O O   . MET A 1 62  ? -6.008  -7.832  0.911   1.00 33.33 ? 54  MET A O   1 
ATOM   361 C CB  . MET A 1 62  ? -5.432  -4.789  -0.005  1.00 29.32 ? 54  MET A CB  1 
ATOM   362 C CG  . MET A 1 62  ? -5.363  -3.812  -1.173  1.00 31.37 ? 54  MET A CG  1 
ATOM   363 S SD  . MET A 1 62  ? -4.186  -2.493  -0.899  1.00 35.85 ? 54  MET A SD  1 
ATOM   364 C CE  . MET A 1 62  ? -2.682  -3.464  -0.951  1.00 33.89 ? 54  MET A CE  1 
ATOM   365 N N   . GLU A 1 63  ? -7.284  -6.422  2.111   1.00 30.90 ? 55  GLU A N   1 
ATOM   366 C CA  . GLU A 1 63  ? -7.472  -7.379  3.211   1.00 32.98 ? 55  GLU A CA  1 
ATOM   367 C C   . GLU A 1 63  ? -8.218  -8.605  2.704   1.00 36.24 ? 55  GLU A C   1 
ATOM   368 O O   . GLU A 1 63  ? -7.859  -9.753  3.006   1.00 40.19 ? 55  GLU A O   1 
ATOM   369 C CB  . GLU A 1 63  ? -8.271  -6.765  4.365   1.00 35.39 ? 55  GLU A CB  1 
ATOM   370 C CG  . GLU A 1 63  ? -7.511  -5.813  5.227   1.00 35.72 ? 55  GLU A CG  1 
ATOM   371 C CD  . GLU A 1 63  ? -8.313  -5.409  6.448   1.00 36.34 ? 55  GLU A CD  1 
ATOM   372 O OE1 . GLU A 1 63  ? -8.120  -6.074  7.486   1.00 32.84 ? 55  GLU A OE1 1 
ATOM   373 O OE2 . GLU A 1 63  ? -9.111  -4.434  6.367   1.00 32.45 ? 55  GLU A OE2 1 
ATOM   374 N N   . SER A 1 64  ? -9.260  -8.330  1.928   1.00 37.89 ? 56  SER A N   1 
ATOM   375 C CA  . SER A 1 64  ? -10.114 -9.364  1.362   1.00 42.98 ? 56  SER A CA  1 
ATOM   376 C C   . SER A 1 64  ? -9.299  -10.350 0.528   1.00 43.25 ? 56  SER A C   1 
ATOM   377 O O   . SER A 1 64  ? -9.507  -11.561 0.614   1.00 42.67 ? 56  SER A O   1 
ATOM   378 C CB  . SER A 1 64  ? -11.216 -8.722  0.513   1.00 39.43 ? 56  SER A CB  1 
ATOM   379 O OG  . SER A 1 64  ? -12.257 -9.647  0.263   1.00 57.16 ? 56  SER A OG  1 
ATOM   380 N N   . LYS A 1 65  ? -8.354  -9.823  -0.250  1.00 42.24 ? 57  LYS A N   1 
ATOM   381 C CA  . LYS A 1 65  ? -7.496  -10.633 -1.118  1.00 41.42 ? 57  LYS A CA  1 
ATOM   382 C C   . LYS A 1 65  ? -6.271  -11.190 -0.405  1.00 40.81 ? 57  LYS A C   1 
ATOM   383 O O   . LYS A 1 65  ? -5.403  -11.798 -1.031  1.00 41.74 ? 57  LYS A O   1 
ATOM   384 C CB  . LYS A 1 65  ? -7.037  -9.811  -2.324  1.00 43.87 ? 57  LYS A CB  1 
ATOM   385 C CG  . LYS A 1 65  ? -8.172  -9.207  -3.113  1.00 41.87 ? 57  LYS A CG  1 
ATOM   386 C CD  . LYS A 1 65  ? -7.657  -8.445  -4.323  1.00 52.93 ? 57  LYS A CD  1 
ATOM   387 C CE  . LYS A 1 65  ? -8.814  -7.868  -5.140  1.00 60.63 ? 57  LYS A CE  1 
ATOM   388 N NZ  . LYS A 1 65  ? -8.339  -6.999  -6.253  1.00 61.05 ? 57  LYS A NZ  1 
ATOM   389 N N   . ASN A 1 66  ? -6.196  -10.948 0.898   1.00 37.80 ? 58  ASN A N   1 
ATOM   390 C CA  A ASN A 1 66  ? -5.108  -11.424 1.745   0.58 36.49 ? 58  ASN A CA  1 
ATOM   391 C CA  B ASN A 1 66  ? -5.101  -11.465 1.722   0.42 36.51 ? 58  ASN A CA  1 
ATOM   392 C C   . ASN A 1 66  ? -3.726  -10.942 1.293   1.00 30.65 ? 58  ASN A C   1 
ATOM   393 O O   . ASN A 1 66  ? -2.705  -11.598 1.522   1.00 31.76 ? 58  ASN A O   1 
ATOM   394 C CB  A ASN A 1 66  ? -5.173  -12.946 1.825   0.58 39.19 ? 58  ASN A CB  1 
ATOM   395 C CB  B ASN A 1 66  ? -5.097  -13.003 1.714   0.42 39.20 ? 58  ASN A CB  1 
ATOM   396 C CG  A ASN A 1 66  ? -6.587  -13.433 2.042   0.58 43.00 ? 58  ASN A CG  1 
ATOM   397 C CG  B ASN A 1 66  ? -4.229  -13.592 2.811   0.42 41.77 ? 58  ASN A CG  1 
ATOM   398 O OD1 A ASN A 1 66  ? -7.286  -13.780 1.086   0.58 42.59 ? 58  ASN A OD1 1 
ATOM   399 O OD1 B ASN A 1 66  ? -4.370  -13.239 3.982   0.42 42.85 ? 58  ASN A OD1 1 
ATOM   400 N ND2 A ASN A 1 66  ? -7.042  -13.408 3.295   0.58 43.59 ? 58  ASN A ND2 1 
ATOM   401 N ND2 B ASN A 1 66  ? -3.297  -14.465 2.430   0.42 40.07 ? 58  ASN A ND2 1 
ATOM   402 N N   . LEU A 1 67  ? -3.696  -9.759  0.685   1.00 30.92 ? 59  LEU A N   1 
ATOM   403 C CA  . LEU A 1 67  ? -2.425  -9.102  0.356   1.00 26.73 ? 59  LEU A CA  1 
ATOM   404 C C   . LEU A 1 67  ? -1.877  -8.359  1.583   1.00 27.77 ? 59  LEU A C   1 
ATOM   405 O O   . LEU A 1 67  ? -0.664  -8.132  1.700   1.00 25.65 ? 59  LEU A O   1 
ATOM   406 C CB  . LEU A 1 67  ? -2.600  -8.116  -0.797  1.00 34.30 ? 59  LEU A CB  1 
ATOM   407 C CG  . LEU A 1 67  ? -3.008  -8.624  -2.183  1.00 35.42 ? 59  LEU A CG  1 
ATOM   408 C CD1 . LEU A 1 67  ? -3.055  -7.441  -3.123  1.00 39.06 ? 59  LEU A CD1 1 
ATOM   409 C CD2 . LEU A 1 67  ? -2.007  -9.648  -2.675  1.00 34.04 ? 59  LEU A CD2 1 
ATOM   410 N N   . ILE A 1 68  ? -2.788  -7.927  2.459   1.00 27.98 ? 60  ILE A N   1 
ATOM   411 C CA  . ILE A 1 68  ? -2.403  -7.338  3.733   1.00 25.39 ? 60  ILE A CA  1 
ATOM   412 C C   . ILE A 1 68  ? -3.234  -7.904  4.872   1.00 29.15 ? 60  ILE A C   1 
ATOM   413 O O   . ILE A 1 68  ? -4.337  -8.420  4.670   1.00 32.73 ? 60  ILE A O   1 
ATOM   414 C CB  . ILE A 1 68  ? -2.540  -5.798  3.734   1.00 26.67 ? 60  ILE A CB  1 
ATOM   415 C CG1 . ILE A 1 68  ? -4.005  -5.373  3.537   1.00 26.55 ? 60  ILE A CG1 1 
ATOM   416 C CG2 . ILE A 1 68  ? -1.646  -5.201  2.666   1.00 25.22 ? 60  ILE A CG2 1 
ATOM   417 C CD1 . ILE A 1 68  ? -4.207  -3.835  3.447   1.00 26.40 ? 60  ILE A CD1 1 
ATOM   418 N N   . LYS A 1 69  ? -2.693  -7.775  6.071   1.00 25.90 ? 61  LYS A N   1 
ATOM   419 C CA  . LYS A 1 69  ? -3.312  -8.312  7.272   1.00 29.89 ? 61  LYS A CA  1 
ATOM   420 C C   . LYS A 1 69  ? -3.371  -7.259  8.375   1.00 28.64 ? 61  LYS A C   1 
ATOM   421 O O   . LYS A 1 69  ? -2.330  -6.712  8.767   1.00 26.83 ? 61  LYS A O   1 
ATOM   422 C CB  . LYS A 1 69  ? -2.524  -9.527  7.762   1.00 26.50 ? 61  LYS A CB  1 
ATOM   423 C CG  . LYS A 1 69  ? -3.070  -10.120 9.050   1.00 32.60 ? 61  LYS A CG  1 
ATOM   424 C CD  . LYS A 1 69  ? -4.426  -10.756 8.816   1.00 38.50 ? 61  LYS A CD  1 
ATOM   425 C CE  . LYS A 1 69  ? -4.694  -11.807 9.887   1.00 47.49 ? 61  LYS A CE  1 
ATOM   426 N NZ  . LYS A 1 69  ? -4.543  -11.174 11.228  1.00 45.74 ? 61  LYS A NZ  1 
ATOM   427 N N   . SER A 1 70  ? -4.564  -7.009  8.913   1.00 22.96 ? 62  SER A N   1 
ATOM   428 C CA  . SER A 1 70  ? -4.697  -5.933  9.893   1.00 24.42 ? 62  SER A CA  1 
ATOM   429 C C   . SER A 1 70  ? -4.621  -6.413  11.336  1.00 23.33 ? 62  SER A C   1 
ATOM   430 O O   . SER A 1 70  ? -4.907  -7.574  11.634  1.00 25.60 ? 62  SER A O   1 
ATOM   431 C CB  . SER A 1 70  ? -6.017  -5.178  9.680   1.00 24.36 ? 62  SER A CB  1 
ATOM   432 O OG  . SER A 1 70  ? -7.114  -6.046  9.916   1.00 24.87 ? 62  SER A OG  1 
ATOM   433 N N   . TYR A 1 71  ? -4.229  -5.507  12.221  1.00 21.73 ? 63  TYR A N   1 
ATOM   434 C CA  . TYR A 1 71  ? -4.215  -5.753  13.667  1.00 22.91 ? 63  TYR A CA  1 
ATOM   435 C C   . TYR A 1 71  ? -4.282  -4.407  14.377  1.00 21.12 ? 63  TYR A C   1 
ATOM   436 O O   . TYR A 1 71  ? -4.267  -3.372  13.713  1.00 21.79 ? 63  TYR A O   1 
ATOM   437 C CB  . TYR A 1 71  ? -2.958  -6.538  14.089  1.00 20.20 ? 63  TYR A CB  1 
ATOM   438 C CG  . TYR A 1 71  ? -1.634  -5.836  13.817  1.00 23.82 ? 63  TYR A CG  1 
ATOM   439 C CD1 . TYR A 1 71  ? -1.036  -5.890  12.558  1.00 21.19 ? 63  TYR A CD1 1 
ATOM   440 C CD2 . TYR A 1 71  ? -0.963  -5.155  14.832  1.00 19.59 ? 63  TYR A CD2 1 
ATOM   441 C CE1 . TYR A 1 71  ? 0.195   -5.286  12.331  1.00 22.99 ? 63  TYR A CE1 1 
ATOM   442 C CE2 . TYR A 1 71  ? 0.257   -4.543  14.612  1.00 22.76 ? 63  TYR A CE2 1 
ATOM   443 C CZ  . TYR A 1 71  ? 0.830   -4.613  13.353  1.00 24.94 ? 63  TYR A CZ  1 
ATOM   444 O OH  . TYR A 1 71  ? 2.041   -4.009  13.122  1.00 21.05 ? 63  TYR A OH  1 
ATOM   445 N N   . TYR A 1 72  ? -4.366  -4.416  15.707  1.00 20.66 ? 64  TYR A N   1 
ATOM   446 C CA  . TYR A 1 72  ? -4.585  -3.185  16.480  1.00 20.61 ? 64  TYR A CA  1 
ATOM   447 C C   . TYR A 1 72  ? -3.496  -2.945  17.525  1.00 26.54 ? 64  TYR A C   1 
ATOM   448 O O   . TYR A 1 72  ? -3.047  -3.899  18.190  1.00 25.56 ? 64  TYR A O   1 
ATOM   449 C CB  . TYR A 1 72  ? -5.973  -3.241  17.158  1.00 21.74 ? 64  TYR A CB  1 
ATOM   450 C CG  . TYR A 1 72  ? -7.060  -3.439  16.126  1.00 24.45 ? 64  TYR A CG  1 
ATOM   451 C CD1 . TYR A 1 72  ? -7.477  -4.726  15.763  1.00 25.04 ? 64  TYR A CD1 1 
ATOM   452 C CD2 . TYR A 1 72  ? -7.607  -2.346  15.447  1.00 25.42 ? 64  TYR A CD2 1 
ATOM   453 C CE1 . TYR A 1 72  ? -8.440  -4.921  14.778  1.00 25.70 ? 64  TYR A CE1 1 
ATOM   454 C CE2 . TYR A 1 72  ? -8.565  -2.529  14.452  1.00 24.68 ? 64  TYR A CE2 1 
ATOM   455 C CZ  . TYR A 1 72  ? -8.971  -3.819  14.121  1.00 26.44 ? 64  TYR A CZ  1 
ATOM   456 O OH  . TYR A 1 72  ? -9.922  -4.009  13.141  1.00 26.42 ? 64  TYR A OH  1 
ATOM   457 N N   . SER A 1 73  ? -3.058  -1.689  17.659  1.00 19.27 ? 65  SER A N   1 
ATOM   458 C CA  . SER A 1 73  ? -2.163  -1.289  18.752  1.00 23.34 ? 65  SER A CA  1 
ATOM   459 C C   . SER A 1 73  ? -2.966  -1.076  20.052  1.00 32.42 ? 65  SER A C   1 
ATOM   460 O O   . SER A 1 73  ? -4.197  -1.062  20.030  1.00 29.62 ? 65  SER A O   1 
ATOM   461 C CB  . SER A 1 73  ? -1.389  -0.025  18.384  1.00 31.75 ? 65  SER A CB  1 
ATOM   462 O OG  . SER A 1 73  ? -2.273  1.030   18.008  1.00 25.73 ? 65  SER A OG  1 
ATOM   463 N N   . ASN A 1 74  ? -2.278  -0.926  21.182  1.00 27.93 ? 66  ASN A N   1 
ATOM   464 C CA  . ASN A 1 74  ? -2.953  -0.854  22.486  1.00 33.05 ? 66  ASN A CA  1 
ATOM   465 C C   . ASN A 1 74  ? -3.446  0.566   22.776  1.00 32.03 ? 66  ASN A C   1 
ATOM   466 O O   . ASN A 1 74  ? -2.774  1.541   22.411  1.00 29.63 ? 66  ASN A O   1 
ATOM   467 C CB  . ASN A 1 74  ? -2.003  -1.323  23.605  1.00 34.99 ? 66  ASN A CB  1 
ATOM   468 C CG  . ASN A 1 74  ? -2.721  -1.582  24.932  1.00 39.64 ? 66  ASN A CG  1 
ATOM   469 O OD1 . ASN A 1 74  ? -3.068  -0.642  25.649  1.00 35.50 ? 66  ASN A OD1 1 
ATOM   470 N ND2 . ASN A 1 74  ? -2.889  -2.862  25.290  1.00 37.99 ? 66  ASN A ND2 1 
ATOM   471 N N   . GLU A 1 75  ? -4.603  0.676   23.435  1.00 31.56 ? 67  GLU A N   1 
ATOM   472 C CA  . GLU A 1 75  ? -5.152  1.979   23.853  1.00 35.37 ? 67  GLU A CA  1 
ATOM   473 C C   . GLU A 1 75  ? -4.137  2.802   24.644  1.00 36.92 ? 67  GLU A C   1 
ATOM   474 O O   . GLU A 1 75  ? -4.103  4.031   24.544  1.00 39.49 ? 67  GLU A O   1 
ATOM   475 C CB  . GLU A 1 75  ? -6.413  1.801   24.718  1.00 33.19 ? 67  GLU A CB  1 
ATOM   476 C CG  . GLU A 1 75  ? -7.655  1.369   23.955  1.00 49.41 ? 67  GLU A CG  1 
ATOM   477 C CD  . GLU A 1 75  ? -8.900  1.277   24.845  1.00 44.79 ? 67  GLU A CD  1 
ATOM   478 O OE1 . GLU A 1 75  ? -8.765  0.917   26.046  1.00 38.13 ? 67  GLU A OE1 1 
ATOM   479 O OE2 . GLU A 1 75  ? -10.006 1.566   24.329  1.00 47.50 ? 67  GLU A OE2 1 
ATOM   480 N N   . GLN A 1 76  ? -3.332  2.117   25.446  1.00 33.86 ? 68  GLN A N   1 
ATOM   481 C CA  . GLN A 1 76  ? -2.352  2.773   26.319  1.00 39.94 ? 68  GLN A CA  1 
ATOM   482 C C   . GLN A 1 76  ? -0.996  3.024   25.636  1.00 49.74 ? 68  GLN A C   1 
ATOM   483 O O   . GLN A 1 76  ? -0.029  3.446   26.289  1.00 42.49 ? 68  GLN A O   1 
ATOM   484 C CB  . GLN A 1 76  ? -2.121  1.934   27.582  1.00 44.53 ? 68  GLN A CB  1 
ATOM   485 C CG  . GLN A 1 76  ? -3.388  1.474   28.294  1.00 50.58 ? 68  GLN A CG  1 
ATOM   486 C CD  . GLN A 1 76  ? -3.091  0.482   29.419  1.00 62.51 ? 68  GLN A CD  1 
ATOM   487 O OE1 . GLN A 1 76  ? -2.236  0.729   30.275  1.00 58.17 ? 68  GLN A OE1 1 
ATOM   488 N NE2 . GLN A 1 76  ? -3.783  -0.655  29.405  1.00 64.62 ? 68  GLN A NE2 1 
ATOM   489 N N   . SER A 1 77  ? -0.906  2.742   24.336  1.00 44.10 ? 69  SER A N   1 
ATOM   490 C CA  . SER A 1 77  ? 0.332   3.013   23.603  1.00 45.52 ? 69  SER A CA  1 
ATOM   491 C C   . SER A 1 77  ? 0.403   4.504   23.288  1.00 50.75 ? 69  SER A C   1 
ATOM   492 O O   . SER A 1 77  ? -0.599  5.217   23.414  1.00 44.19 ? 69  SER A O   1 
ATOM   493 C CB  . SER A 1 77  ? 0.418   2.173   22.314  1.00 45.36 ? 69  SER A CB  1 
ATOM   494 O OG  . SER A 1 77  ? -0.625  2.515   21.412  1.00 43.79 ? 69  SER A OG  1 
ATOM   495 N N   . SER A 1 78  ? 1.584   4.967   22.882  1.00 46.02 ? 70  SER A N   1 
ATOM   496 C CA  . SER A 1 78  ? 1.795   6.374   22.522  1.00 56.84 ? 70  SER A CA  1 
ATOM   497 C C   . SER A 1 78  ? 0.691   6.946   21.624  1.00 56.73 ? 70  SER A C   1 
ATOM   498 O O   . SER A 1 78  ? 0.159   8.029   21.887  1.00 54.48 ? 70  SER A O   1 
ATOM   499 C CB  . SER A 1 78  ? 3.152   6.535   21.832  1.00 59.73 ? 70  SER A CB  1 
ATOM   500 O OG  . SER A 1 78  ? 3.444   7.900   21.598  1.00 69.18 ? 70  SER A OG  1 
ATOM   501 N N   . GLY A 1 79  ? 0.337   6.213   20.572  1.00 49.48 ? 71  GLY A N   1 
ATOM   502 C CA  . GLY A 1 79  ? -0.691  6.666   19.651  1.00 47.77 ? 71  GLY A CA  1 
ATOM   503 C C   . GLY A 1 79  ? -2.126  6.291   19.996  1.00 46.53 ? 71  GLY A C   1 
ATOM   504 O O   . GLY A 1 79  ? -3.047  6.675   19.276  1.00 50.32 ? 71  GLY A O   1 
ATOM   505 N N   . GLY A 1 80  ? -2.341  5.563   21.092  1.00 43.27 ? 72  GLY A N   1 
ATOM   506 C CA  . GLY A 1 80  ? -3.667  5.027   21.378  1.00 43.04 ? 72  GLY A CA  1 
ATOM   507 C C   . GLY A 1 80  ? -3.973  3.887   20.406  1.00 36.04 ? 72  GLY A C   1 
ATOM   508 O O   . GLY A 1 80  ? -3.055  3.397   19.741  1.00 40.50 ? 72  GLY A O   1 
ATOM   509 N N   . ARG A 1 81  ? -5.232  3.454   20.307  1.00 29.39 ? 73  ARG A N   1 
ATOM   510 C CA  . ARG A 1 81  ? -5.517  2.291   19.446  1.00 24.92 ? 73  ARG A CA  1 
ATOM   511 C C   . ARG A 1 81  ? -5.654  2.678   17.968  1.00 25.70 ? 73  ARG A C   1 
ATOM   512 O O   . ARG A 1 81  ? -6.522  3.486   17.568  1.00 24.18 ? 73  ARG A O   1 
ATOM   513 C CB  . ARG A 1 81  ? -6.769  1.537   19.897  1.00 25.69 ? 73  ARG A CB  1 
ATOM   514 C CG  . ARG A 1 81  ? -7.004  0.270   19.069  1.00 30.85 ? 73  ARG A CG  1 
ATOM   515 C CD  . ARG A 1 81  ? -8.436  -0.210  19.169  1.00 42.83 ? 73  ARG A CD  1 
ATOM   516 N NE  . ARG A 1 81  ? -8.716  -0.898  20.419  1.00 44.31 ? 73  ARG A NE  1 
ATOM   517 C CZ  . ARG A 1 81  ? -9.918  -0.949  20.986  1.00 50.60 ? 73  ARG A CZ  1 
ATOM   518 N NH1 . ARG A 1 81  ? -10.955 -0.361  20.404  1.00 47.50 ? 73  ARG A NH1 1 
ATOM   519 N NH2 . ARG A 1 81  ? -10.088 -1.598  22.133  1.00 48.06 ? 73  ARG A NH2 1 
ATOM   520 N N   . ARG A 1 82  ? -4.756  2.110   17.171  1.00 20.61 ? 74  ARG A N   1 
ATOM   521 C CA  A ARG A 1 82  ? -4.698  2.311   15.719  0.63 23.26 ? 74  ARG A CA  1 
ATOM   522 C CA  B ARG A 1 82  ? -4.765  2.314   15.728  0.37 23.37 ? 74  ARG A CA  1 
ATOM   523 C C   . ARG A 1 82  ? -4.882  0.978   15.012  1.00 20.74 ? 74  ARG A C   1 
ATOM   524 O O   . ARG A 1 82  ? -4.551  -0.054  15.576  1.00 21.39 ? 74  ARG A O   1 
ATOM   525 C CB  A ARG A 1 82  ? -3.352  2.893   15.279  0.63 25.72 ? 74  ARG A CB  1 
ATOM   526 C CB  B ARG A 1 82  ? -3.499  3.031   15.275  0.37 25.85 ? 74  ARG A CB  1 
ATOM   527 C CG  A ARG A 1 82  ? -2.820  4.028   16.106  0.63 30.49 ? 74  ARG A CG  1 
ATOM   528 C CG  B ARG A 1 82  ? -3.392  4.459   15.741  0.37 30.31 ? 74  ARG A CG  1 
ATOM   529 C CD  A ARG A 1 82  ? -3.589  5.309   15.831  0.63 29.61 ? 74  ARG A CD  1 
ATOM   530 C CD  B ARG A 1 82  ? -1.938  4.878   15.765  0.37 31.99 ? 74  ARG A CD  1 
ATOM   531 N NE  A ARG A 1 82  ? -2.847  6.482   16.289  0.63 30.82 ? 74  ARG A NE  1 
ATOM   532 N NE  B ARG A 1 82  ? -1.779  6.322   15.892  0.37 35.64 ? 74  ARG A NE  1 
ATOM   533 C CZ  A ARG A 1 82  ? -3.387  7.688   16.425  0.63 37.15 ? 74  ARG A CZ  1 
ATOM   534 C CZ  B ARG A 1 82  ? -0.639  6.906   16.247  0.37 40.24 ? 74  ARG A CZ  1 
ATOM   535 N NH1 A ARG A 1 82  ? -4.675  7.871   16.135  0.63 29.31 ? 74  ARG A NH1 1 
ATOM   536 N NH1 B ARG A 1 82  ? 0.422   6.163   16.520  0.37 41.20 ? 74  ARG A NH1 1 
ATOM   537 N NH2 A ARG A 1 82  ? -2.647  8.709   16.858  0.63 33.41 ? 74  ARG A NH2 1 
ATOM   538 N NH2 B ARG A 1 82  ? -0.562  8.223   16.337  0.37 42.08 ? 74  ARG A NH2 1 
ATOM   539 N N   . LYS A 1 83  ? -5.374  1.018   13.781  1.00 21.53 ? 75  LYS A N   1 
ATOM   540 C CA  . LYS A 1 83  ? -5.458  -0.186  12.967  1.00 21.04 ? 75  LYS A CA  1 
ATOM   541 C C   . LYS A 1 83  ? -4.254  -0.219  12.036  1.00 22.58 ? 75  LYS A C   1 
ATOM   542 O O   . LYS A 1 83  ? -4.152  0.596   11.117  1.00 22.30 ? 75  LYS A O   1 
ATOM   543 C CB  . LYS A 1 83  ? -6.773  -0.232  12.183  1.00 21.91 ? 75  LYS A CB  1 
ATOM   544 C CG  . LYS A 1 83  ? -6.938  -1.509  11.339  1.00 22.63 ? 75  LYS A CG  1 
ATOM   545 C CD  . LYS A 1 83  ? -8.320  -1.558  10.681  1.00 23.30 ? 75  LYS A CD  1 
ATOM   546 C CE  . LYS A 1 83  ? -8.509  -2.876  9.896   1.00 23.70 ? 75  LYS A CE  1 
ATOM   547 N NZ  . LYS A 1 83  ? -9.793  -2.879  9.115   1.00 23.56 ? 75  LYS A NZ  1 
ATOM   548 N N   . TYR A 1 84  ? -3.349  -1.167  12.287  1.00 21.09 ? 76  TYR A N   1 
ATOM   549 C CA  . TYR A 1 84  ? -2.114  -1.311  11.516  1.00 18.63 ? 76  TYR A CA  1 
ATOM   550 C C   . TYR A 1 84  ? -2.285  -2.369  10.445  1.00 24.43 ? 76  TYR A C   1 
ATOM   551 O O   . TYR A 1 84  ? -3.091  -3.304  10.606  1.00 20.86 ? 76  TYR A O   1 
ATOM   552 C CB  . TYR A 1 84  ? -0.930  -1.703  12.425  1.00 19.50 ? 76  TYR A CB  1 
ATOM   553 C CG  . TYR A 1 84  ? -0.229  -0.537  13.074  1.00 24.63 ? 76  TYR A CG  1 
ATOM   554 C CD1 . TYR A 1 84  ? -0.714  0.033   14.257  1.00 23.28 ? 76  TYR A CD1 1 
ATOM   555 C CD2 . TYR A 1 84  ? 0.934   -0.008  12.515  1.00 27.77 ? 76  TYR A CD2 1 
ATOM   556 C CE1 . TYR A 1 84  ? -0.070  1.113   14.850  1.00 30.01 ? 76  TYR A CE1 1 
ATOM   557 C CE2 . TYR A 1 84  ? 1.578   1.075   13.099  1.00 32.18 ? 76  TYR A CE2 1 
ATOM   558 C CZ  . TYR A 1 84  ? 1.076   1.628   14.264  1.00 34.83 ? 76  TYR A CZ  1 
ATOM   559 O OH  . TYR A 1 84  ? 1.728   2.702   14.837  1.00 35.57 ? 76  TYR A OH  1 
ATOM   560 N N   . TYR A 1 85  ? -1.484  -2.257  9.387   1.00 21.14 ? 77  TYR A N   1 
ATOM   561 C CA  . TYR A 1 85  ? -1.483  -3.255  8.322   1.00 21.08 ? 77  TYR A CA  1 
ATOM   562 C C   . TYR A 1 85  ? -0.098  -3.859  8.070   1.00 23.69 ? 77  TYR A C   1 
ATOM   563 O O   . TYR A 1 85  ? 0.899   -3.148  8.018   1.00 22.42 ? 77  TYR A O   1 
ATOM   564 C CB  . TYR A 1 85  ? -1.992  -2.645  7.030   1.00 22.81 ? 77  TYR A CB  1 
ATOM   565 C CG  . TYR A 1 85  ? -3.413  -2.127  7.133   1.00 22.77 ? 77  TYR A CG  1 
ATOM   566 C CD1 . TYR A 1 85  ? -3.674  -0.830  7.581   1.00 24.80 ? 77  TYR A CD1 1 
ATOM   567 C CD2 . TYR A 1 85  ? -4.492  -2.937  6.777   1.00 22.92 ? 77  TYR A CD2 1 
ATOM   568 C CE1 . TYR A 1 85  ? -4.986  -0.367  7.670   1.00 23.30 ? 77  TYR A CE1 1 
ATOM   569 C CE2 . TYR A 1 85  ? -5.807  -2.476  6.864   1.00 24.98 ? 77  TYR A CE2 1 
ATOM   570 C CZ  . TYR A 1 85  ? -6.038  -1.190  7.304   1.00 22.30 ? 77  TYR A CZ  1 
ATOM   571 O OH  . TYR A 1 85  ? -7.343  -0.744  7.378   1.00 24.63 ? 77  TYR A OH  1 
ATOM   572 N N   . ASN A 1 86  ? -0.085  -5.172  7.874   1.00 21.58 ? 78  ASN A N   1 
ATOM   573 C CA  . ASN A 1 86  ? 1.119   -5.964  7.586   1.00 24.35 ? 78  ASN A CA  1 
ATOM   574 C C   . ASN A 1 86  ? 1.052   -6.484  6.153   1.00 25.25 ? 78  ASN A C   1 
ATOM   575 O O   . ASN A 1 86  ? 0.034   -7.043  5.746   1.00 23.21 ? 78  ASN A O   1 
ATOM   576 C CB  . ASN A 1 86  ? 1.230   -7.150  8.573   1.00 22.14 ? 78  ASN A CB  1 
ATOM   577 C CG  . ASN A 1 86  ? 2.288   -8.191  8.153   1.00 25.32 ? 78  ASN A CG  1 
ATOM   578 O OD1 . ASN A 1 86  ? 3.466   -8.070  8.502   1.00 29.07 ? 78  ASN A OD1 1 
ATOM   579 N ND2 . ASN A 1 86  ? 1.857   -9.227  7.428   1.00 24.69 ? 78  ASN A ND2 1 
ATOM   580 N N   . LEU A 1 87  ? 2.128   -6.326  5.390   1.00 26.27 ? 79  LEU A N   1 
ATOM   581 C CA  . LEU A 1 87  ? 2.183   -6.933  4.063   1.00 22.79 ? 79  LEU A CA  1 
ATOM   582 C C   . LEU A 1 87  ? 2.408   -8.444  4.212   1.00 26.38 ? 79  LEU A C   1 
ATOM   583 O O   . LEU A 1 87  ? 3.410   -8.872  4.782   1.00 30.80 ? 79  LEU A O   1 
ATOM   584 C CB  . LEU A 1 87  ? 3.303   -6.318  3.220   1.00 25.48 ? 79  LEU A CB  1 
ATOM   585 C CG  . LEU A 1 87  ? 3.344   -6.666  1.736   1.00 29.89 ? 79  LEU A CG  1 
ATOM   586 C CD1 . LEU A 1 87  ? 2.080   -6.140  1.047   1.00 25.32 ? 79  LEU A CD1 1 
ATOM   587 C CD2 . LEU A 1 87  ? 4.632   -6.121  1.049   1.00 25.66 ? 79  LEU A CD2 1 
ATOM   588 N N   . THR A 1 88  ? 1.483   -9.237  3.689   1.00 24.25 ? 80  THR A N   1 
ATOM   589 C CA  . THR A 1 88  ? 1.592   -10.693 3.794   1.00 32.92 ? 80  THR A CA  1 
ATOM   590 C C   . THR A 1 88  ? 2.589   -11.272 2.797   1.00 35.44 ? 80  THR A C   1 
ATOM   591 O O   . THR A 1 88  ? 3.143   -10.550 1.967   1.00 27.76 ? 80  THR A O   1 
ATOM   592 C CB  . THR A 1 88  ? 0.247   -11.377 3.566   1.00 29.45 ? 80  THR A CB  1 
ATOM   593 O OG1 . THR A 1 88  ? -0.154  -11.225 2.194   1.00 30.19 ? 80  THR A OG1 1 
ATOM   594 C CG2 . THR A 1 88  ? -0.831  -10.781 4.489   1.00 31.74 ? 80  THR A CG2 1 
ATOM   595 N N   . ASN A 1 89  ? 2.799   -12.589 2.859   1.00 33.86 ? 81  ASN A N   1 
ATOM   596 C CA  . ASN A 1 89  ? 3.699   -13.210 1.907   1.00 32.69 ? 81  ASN A CA  1 
ATOM   597 C C   . ASN A 1 89  ? 3.127   -13.104 0.516   1.00 30.97 ? 81  ASN A C   1 
ATOM   598 O O   . ASN A 1 89  ? 3.862   -12.828 -0.426  1.00 35.27 ? 81  ASN A O   1 
ATOM   599 C CB  . ASN A 1 89  ? 3.985   -14.673 2.284   1.00 32.13 ? 81  ASN A CB  1 
ATOM   600 C CG  . ASN A 1 89  ? 4.929   -14.773 3.450   1.00 36.49 ? 81  ASN A CG  1 
ATOM   601 O OD1 . ASN A 1 89  ? 5.806   -13.930 3.613   1.00 42.02 ? 81  ASN A OD1 1 
ATOM   602 N ND2 . ASN A 1 89  ? 4.741   -15.785 4.292   1.00 43.48 ? 81  ASN A ND2 1 
ATOM   603 N N   . GLU A 1 90  ? 1.815   -13.295 0.381   1.00 30.77 ? 82  GLU A N   1 
ATOM   604 C CA  . GLU A 1 90  ? 1.160   -13.046 -0.900  1.00 32.58 ? 82  GLU A CA  1 
ATOM   605 C C   . GLU A 1 90  ? 1.327   -11.607 -1.369  1.00 37.56 ? 82  GLU A C   1 
ATOM   606 O O   . GLU A 1 90  ? 1.508   -11.342 -2.568  1.00 32.80 ? 82  GLU A O   1 
ATOM   607 C CB  . GLU A 1 90  ? -0.328  -13.358 -0.833  1.00 33.34 ? 82  GLU A CB  1 
ATOM   608 C CG  . GLU A 1 90  ? -0.665  -14.828 -0.689  1.00 45.19 ? 82  GLU A CG  1 
ATOM   609 C CD  . GLU A 1 90  ? -2.122  -15.068 -0.987  1.00 53.17 ? 82  GLU A CD  1 
ATOM   610 O OE1 . GLU A 1 90  ? -2.844  -15.546 -0.085  1.00 58.76 ? 82  GLU A OE1 1 
ATOM   611 O OE2 . GLU A 1 90  ? -2.545  -14.750 -2.121  1.00 54.63 ? 82  GLU A OE2 1 
ATOM   612 N N   . GLY A 1 91  ? 1.221   -10.673 -0.428  1.00 30.53 ? 83  GLY A N   1 
ATOM   613 C CA  . GLY A 1 91  ? 1.436   -9.271  -0.739  1.00 29.79 ? 83  GLY A CA  1 
ATOM   614 C C   . GLY A 1 91  ? 2.850   -8.994  -1.236  1.00 29.79 ? 83  GLY A C   1 
ATOM   615 O O   . GLY A 1 91  ? 3.045   -8.220  -2.172  1.00 32.13 ? 83  GLY A O   1 
ATOM   616 N N   . LYS A 1 92  ? 3.834   -9.608  -0.590  1.00 30.10 ? 84  LYS A N   1 
ATOM   617 C CA  . LYS A 1 92  ? 5.235   -9.476  -0.981  1.00 36.55 ? 84  LYS A CA  1 
ATOM   618 C C   . LYS A 1 92  ? 5.440   -10.006 -2.393  1.00 33.02 ? 84  LYS A C   1 
ATOM   619 O O   . LYS A 1 92  ? 6.153   -9.403  -3.198  1.00 33.52 ? 84  LYS A O   1 
ATOM   620 C CB  . LYS A 1 92  ? 6.150   -10.232 -0.009  1.00 35.42 ? 84  LYS A CB  1 
ATOM   621 C CG  . LYS A 1 92  ? 6.207   -9.673  1.401   1.00 39.24 ? 84  LYS A CG  1 
ATOM   622 C CD  . LYS A 1 92  ? 7.274   -10.393 2.211   1.00 43.80 ? 84  LYS A CD  1 
ATOM   623 C CE  . LYS A 1 92  ? 7.246   -9.967  3.667   1.00 47.64 ? 84  LYS A CE  1 
ATOM   624 N NZ  . LYS A 1 92  ? 6.023   -10.476 4.361   1.00 50.14 ? 84  LYS A NZ  1 
ATOM   625 N N   . ASP A 1 93  ? 4.810   -11.140 -2.684  1.00 34.01 ? 85  ASP A N   1 
ATOM   626 C CA  . ASP A 1 93  ? 4.886   -11.736 -4.016  1.00 37.77 ? 85  ASP A CA  1 
ATOM   627 C C   . ASP A 1 93  ? 4.284   -10.809 -5.066  1.00 40.22 ? 85  ASP A C   1 
ATOM   628 O O   . ASP A 1 93  ? 4.889   -10.567 -6.114  1.00 37.63 ? 85  ASP A O   1 
ATOM   629 C CB  . ASP A 1 93  ? 4.174   -13.086 -4.045  1.00 36.16 ? 85  ASP A CB  1 
ATOM   630 C CG  . ASP A 1 93  ? 4.925   -14.158 -3.266  1.00 37.93 ? 85  ASP A CG  1 
ATOM   631 O OD1 . ASP A 1 93  ? 6.107   -13.943 -2.921  1.00 41.69 ? 85  ASP A OD1 1 
ATOM   632 O OD2 . ASP A 1 93  ? 4.322   -15.210 -2.986  1.00 40.48 ? 85  ASP A OD2 1 
ATOM   633 N N   . PHE A 1 94  ? 3.078   -10.321 -4.781  1.00 33.70 ? 86  PHE A N   1 
ATOM   634 C CA  . PHE A 1 94  ? 2.399   -9.324  -5.618  1.00 36.21 ? 86  PHE A CA  1 
ATOM   635 C C   . PHE A 1 94  ? 3.287   -8.114  -5.931  1.00 36.07 ? 86  PHE A C   1 
ATOM   636 O O   . PHE A 1 94  ? 3.394   -7.707  -7.089  1.00 36.85 ? 86  PHE A O   1 
ATOM   637 C CB  . PHE A 1 94  ? 1.102   -8.869  -4.930  1.00 34.41 ? 86  PHE A CB  1 
ATOM   638 C CG  . PHE A 1 94  ? 0.361   -7.774  -5.657  1.00 33.61 ? 86  PHE A CG  1 
ATOM   639 C CD1 . PHE A 1 94  ? -0.430  -8.061  -6.754  1.00 36.91 ? 86  PHE A CD1 1 
ATOM   640 C CD2 . PHE A 1 94  ? 0.422   -6.459  -5.206  1.00 33.14 ? 86  PHE A CD2 1 
ATOM   641 C CE1 . PHE A 1 94  ? -1.126  -7.054  -7.414  1.00 40.73 ? 86  PHE A CE1 1 
ATOM   642 C CE2 . PHE A 1 94  ? -0.270  -5.448  -5.857  1.00 35.20 ? 86  PHE A CE2 1 
ATOM   643 C CZ  . PHE A 1 94  ? -1.046  -5.742  -6.961  1.00 41.88 ? 86  PHE A CZ  1 
ATOM   644 N N   . LEU A 1 95  ? 3.931   -7.554  -4.906  1.00 31.92 ? 87  LEU A N   1 
ATOM   645 C CA  . LEU A 1 95  ? 4.821   -6.408  -5.091  1.00 32.06 ? 87  LEU A CA  1 
ATOM   646 C C   . LEU A 1 95  ? 6.003   -6.726  -6.015  1.00 36.99 ? 87  LEU A C   1 
ATOM   647 O O   . LEU A 1 95  ? 6.355   -5.923  -6.879  1.00 34.81 ? 87  LEU A O   1 
ATOM   648 C CB  . LEU A 1 95  ? 5.351   -5.909  -3.742  1.00 30.38 ? 87  LEU A CB  1 
ATOM   649 C CG  . LEU A 1 95  ? 6.381   -4.775  -3.776  1.00 33.77 ? 87  LEU A CG  1 
ATOM   650 C CD1 . LEU A 1 95  ? 5.838   -3.494  -4.446  1.00 32.15 ? 87  LEU A CD1 1 
ATOM   651 C CD2 . LEU A 1 95  ? 6.887   -4.465  -2.372  1.00 34.18 ? 87  LEU A CD2 1 
ATOM   652 N N   . GLU A 1 96  ? 6.622   -7.888  -5.829  1.00 34.48 ? 88  GLU A N   1 
ATOM   653 C CA  . GLU A 1 96  ? 7.790   -8.225  -6.643  1.00 40.52 ? 88  GLU A CA  1 
ATOM   654 C C   . GLU A 1 96  ? 7.378   -8.389  -8.110  1.00 36.70 ? 88  GLU A C   1 
ATOM   655 O O   . GLU A 1 96  ? 8.071   -7.922  -9.007  1.00 39.82 ? 88  GLU A O   1 
ATOM   656 C CB  . GLU A 1 96  ? 8.483   -9.488  -6.118  1.00 42.14 ? 88  GLU A CB  1 
ATOM   657 C CG  . GLU A 1 96  ? 9.806   -9.815  -6.842  1.00 46.37 ? 88  GLU A CG  1 
ATOM   658 C CD  . GLU A 1 96  ? 10.758  -8.617  -6.955  1.00 54.47 ? 88  GLU A CD  1 
ATOM   659 O OE1 . GLU A 1 96  ? 10.905  -7.847  -5.976  1.00 58.91 ? 88  GLU A OE1 1 
ATOM   660 O OE2 . GLU A 1 96  ? 11.360  -8.437  -8.039  1.00 64.82 ? 88  GLU A OE2 1 
ATOM   661 N N   . ILE A 1 97  ? 6.230   -9.015  -8.337  1.00 32.24 ? 89  ILE A N   1 
ATOM   662 C CA  . ILE A 1 97  ? 5.670   -9.133  -9.676  1.00 39.68 ? 89  ILE A CA  1 
ATOM   663 C C   . ILE A 1 97  ? 5.425   -7.766  -10.310 1.00 40.69 ? 89  ILE A C   1 
ATOM   664 O O   . ILE A 1 97  ? 5.792   -7.528  -11.469 1.00 40.06 ? 89  ILE A O   1 
ATOM   665 C CB  . ILE A 1 97  ? 4.356   -9.926  -9.653  1.00 39.09 ? 89  ILE A CB  1 
ATOM   666 C CG1 . ILE A 1 97  ? 4.639   -11.408 -9.402  1.00 40.24 ? 89  ILE A CG1 1 
ATOM   667 C CG2 . ILE A 1 97  ? 3.583   -9.738  -10.953 1.00 37.99 ? 89  ILE A CG2 1 
ATOM   668 C CD1 . ILE A 1 97  ? 3.393   -12.268 -9.419  1.00 44.89 ? 89  ILE A CD1 1 
ATOM   669 N N   . LYS A 1 98  ? 4.808   -6.861  -9.555  1.00 37.02 ? 90  LYS A N   1 
ATOM   670 C CA  . LYS A 1 98  ? 4.567   -5.513  -10.057 1.00 34.64 ? 90  LYS A CA  1 
ATOM   671 C C   . LYS A 1 98  ? 5.864   -4.800  -10.417 1.00 37.72 ? 90  LYS A C   1 
ATOM   672 O O   . LYS A 1 98  ? 5.932   -4.118  -11.440 1.00 38.55 ? 90  LYS A O   1 
ATOM   673 C CB  . LYS A 1 98  ? 3.786   -4.682  -9.035  1.00 33.40 ? 90  LYS A CB  1 
ATOM   674 C CG  . LYS A 1 98  ? 2.370   -5.180  -8.814  1.00 39.24 ? 90  LYS A CG  1 
ATOM   675 C CD  . LYS A 1 98  ? 1.548   -5.076  -10.083 1.00 39.08 ? 90  LYS A CD  1 
ATOM   676 C CE  . LYS A 1 98  ? 0.948   -6.415  -10.455 1.00 44.54 ? 90  LYS A CE  1 
ATOM   677 N NZ  . LYS A 1 98  ? -0.070  -6.274  -11.527 1.00 53.43 ? 90  LYS A NZ  1 
ATOM   678 N N   . LYS A 1 99  ? 6.886   -4.952  -9.582  1.00 32.32 ? 91  LYS A N   1 
ATOM   679 C CA  . LYS A 1 99  ? 8.175   -4.331  -9.844  1.00 37.63 ? 91  LYS A CA  1 
ATOM   680 C C   . LYS A 1 99  ? 8.750   -4.846  -11.168 1.00 42.39 ? 91  LYS A C   1 
ATOM   681 O O   . LYS A 1 99  ? 9.259   -4.072  -11.983 1.00 41.18 ? 91  LYS A O   1 
ATOM   682 C CB  . LYS A 1 99  ? 9.153   -4.611  -8.703  1.00 37.74 ? 91  LYS A CB  1 
ATOM   683 C CG  . LYS A 1 99  ? 8.990   -3.736  -7.470  1.00 39.00 ? 91  LYS A CG  1 
ATOM   684 C CD  . LYS A 1 99  ? 10.135  -4.008  -6.487  1.00 42.15 ? 91  LYS A CD  1 
ATOM   685 C CE  . LYS A 1 99  ? 9.973   -3.205  -5.206  1.00 47.78 ? 91  LYS A CE  1 
ATOM   686 N NZ  . LYS A 1 99  ? 10.744  -3.825  -4.081  1.00 55.68 ? 91  LYS A NZ  1 
ATOM   687 N N   . GLN A 1 100 ? 8.661   -6.156  -11.369 1.00 38.77 ? 92  GLN A N   1 
ATOM   688 C CA  . GLN A 1 100 ? 9.122   -6.775  -12.615 1.00 42.37 ? 92  GLN A CA  1 
ATOM   689 C C   . GLN A 1 100 ? 8.346   -6.266  -13.827 1.00 44.30 ? 92  GLN A C   1 
ATOM   690 O O   . GLN A 1 100 ? 8.933   -5.914  -14.851 1.00 40.95 ? 92  GLN A O   1 
ATOM   691 C CB  . GLN A 1 100 ? 9.005   -8.293  -12.537 1.00 45.18 ? 92  GLN A CB  1 
ATOM   692 C CG  . GLN A 1 100 ? 9.994   -8.944  -11.589 1.00 54.33 ? 92  GLN A CG  1 
ATOM   693 C CD  . GLN A 1 100 ? 9.771   -10.442 -11.460 1.00 61.62 ? 92  GLN A CD  1 
ATOM   694 O OE1 . GLN A 1 100 ? 8.950   -11.025 -12.175 1.00 66.72 ? 92  GLN A OE1 1 
ATOM   695 N NE2 . GLN A 1 100 ? 10.500  -11.073 -10.543 1.00 66.28 ? 92  GLN A NE2 1 
ATOM   696 N N   . GLU A 1 101 ? 7.023   -6.231  -13.713 1.00 42.43 ? 93  GLU A N   1 
ATOM   697 C CA  . GLU A 1 101 ? 6.189   -5.765  -14.814 1.00 40.76 ? 93  GLU A CA  1 
ATOM   698 C C   . GLU A 1 101 ? 6.470   -4.305  -15.134 1.00 44.23 ? 93  GLU A C   1 
ATOM   699 O O   . GLU A 1 101 ? 6.428   -3.903  -16.296 1.00 42.76 ? 93  GLU A O   1 
ATOM   700 C CB  . GLU A 1 101 ? 4.708   -5.961  -14.497 1.00 40.51 ? 93  GLU A CB  1 
ATOM   701 C CG  . GLU A 1 101 ? 4.283   -7.421  -14.509 1.00 50.83 ? 93  GLU A CG  1 
ATOM   702 C CD  . GLU A 1 101 ? 2.819   -7.611  -14.153 1.00 55.96 ? 93  GLU A CD  1 
ATOM   703 O OE1 . GLU A 1 101 ? 2.122   -6.599  -13.941 1.00 54.76 ? 93  GLU A OE1 1 
ATOM   704 O OE2 . GLU A 1 101 ? 2.367   -8.777  -14.090 1.00 61.19 ? 93  GLU A OE2 1 
ATOM   705 N N   . TRP A 1 102 ? 6.766   -3.512  -14.108 1.00 41.77 ? 94  TRP A N   1 
ATOM   706 C CA  . TRP A 1 102 ? 7.030   -2.097  -14.327 1.00 40.18 ? 94  TRP A CA  1 
ATOM   707 C C   . TRP A 1 102 ? 8.316   -1.883  -15.127 1.00 45.81 ? 94  TRP A C   1 
ATOM   708 O O   . TRP A 1 102 ? 8.341   -1.069  -16.048 1.00 46.50 ? 94  TRP A O   1 
ATOM   709 C CB  . TRP A 1 102 ? 7.111   -1.344  -13.002 1.00 42.63 ? 94  TRP A CB  1 
ATOM   710 C CG  . TRP A 1 102 ? 7.537   0.084   -13.172 1.00 36.79 ? 94  TRP A CG  1 
ATOM   711 C CD1 . TRP A 1 102 ? 8.664   0.662   -12.677 1.00 41.29 ? 94  TRP A CD1 1 
ATOM   712 C CD2 . TRP A 1 102 ? 6.848   1.109   -13.906 1.00 43.16 ? 94  TRP A CD2 1 
ATOM   713 N NE1 . TRP A 1 102 ? 8.719   1.990   -13.040 1.00 40.93 ? 94  TRP A NE1 1 
ATOM   714 C CE2 . TRP A 1 102 ? 7.618   2.287   -13.801 1.00 45.64 ? 94  TRP A CE2 1 
ATOM   715 C CE3 . TRP A 1 102 ? 5.660   1.146   -14.643 1.00 44.77 ? 94  TRP A CE3 1 
ATOM   716 C CZ2 . TRP A 1 102 ? 7.238   3.488   -14.404 1.00 48.33 ? 94  TRP A CZ2 1 
ATOM   717 C CZ3 . TRP A 1 102 ? 5.282   2.343   -15.243 1.00 45.08 ? 94  TRP A CZ3 1 
ATOM   718 C CH2 . TRP A 1 102 ? 6.069   3.495   -15.116 1.00 49.38 ? 94  TRP A CH2 1 
ATOM   719 N N   . ARG A 1 103 ? 9.373   -2.609  -14.769 1.00 39.72 ? 95  ARG A N   1 
ATOM   720 C CA  . ARG A 1 103 ? 10.653  -2.496  -15.468 1.00 46.66 ? 95  ARG A CA  1 
ATOM   721 C C   . ARG A 1 103 ? 10.464  -2.785  -16.960 1.00 46.08 ? 95  ARG A C   1 
ATOM   722 O O   . ARG A 1 103 ? 10.974  -2.062  -17.815 1.00 47.79 ? 95  ARG A O   1 
ATOM   723 C CB  . ARG A 1 103 ? 11.694  -3.445  -14.859 1.00 45.34 ? 95  ARG A CB  1 
ATOM   724 C CG  . ARG A 1 103 ? 12.264  -2.973  -13.519 1.00 54.24 ? 95  ARG A CG  1 
ATOM   725 C CD  . ARG A 1 103 ? 13.462  -3.819  -13.064 1.00 58.67 ? 95  ARG A CD  1 
ATOM   726 N NE  . ARG A 1 103 ? 13.067  -5.104  -12.485 1.00 62.25 ? 95  ARG A NE  1 
ATOM   727 C CZ  . ARG A 1 103 ? 12.740  -5.285  -11.206 1.00 59.17 ? 95  ARG A CZ  1 
ATOM   728 N NH1 . ARG A 1 103 ? 12.763  -4.261  -10.362 1.00 56.78 ? 95  ARG A NH1 1 
ATOM   729 N NH2 . ARG A 1 103 ? 12.388  -6.491  -10.766 1.00 56.11 ? 95  ARG A NH2 1 
ATOM   730 N N   . PHE A 1 104 ? 9.700   -3.833  -17.251 1.00 41.56 ? 96  PHE A N   1 
ATOM   731 C CA  . PHE A 1 104 ? 9.348   -4.204  -18.615 1.00 45.33 ? 96  PHE A CA  1 
ATOM   732 C C   . PHE A 1 104 ? 8.541   -3.119  -19.340 1.00 46.78 ? 96  PHE A C   1 
ATOM   733 O O   . PHE A 1 104 ? 8.965   -2.613  -20.381 1.00 46.66 ? 96  PHE A O   1 
ATOM   734 C CB  . PHE A 1 104 ? 8.571   -5.515  -18.593 1.00 42.07 ? 96  PHE A CB  1 
ATOM   735 C CG  . PHE A 1 104 ? 8.046   -5.932  -19.928 1.00 53.42 ? 96  PHE A CG  1 
ATOM   736 C CD1 . PHE A 1 104 ? 8.887   -6.516  -20.864 1.00 53.05 ? 96  PHE A CD1 1 
ATOM   737 C CD2 . PHE A 1 104 ? 6.713   -5.759  -20.244 1.00 47.99 ? 96  PHE A CD2 1 
ATOM   738 C CE1 . PHE A 1 104 ? 8.406   -6.905  -22.097 1.00 55.16 ? 96  PHE A CE1 1 
ATOM   739 C CE2 . PHE A 1 104 ? 6.224   -6.147  -21.479 1.00 60.03 ? 96  PHE A CE2 1 
ATOM   740 C CZ  . PHE A 1 104 ? 7.072   -6.724  -22.404 1.00 58.46 ? 96  PHE A CZ  1 
ATOM   741 N N   . ILE A 1 105 ? 7.386   -2.771  -18.779 1.00 42.01 ? 97  ILE A N   1 
ATOM   742 C CA  . ILE A 1 105 ? 6.482   -1.776  -19.359 1.00 42.47 ? 97  ILE A CA  1 
ATOM   743 C C   . ILE A 1 105 ? 7.149   -0.426  -19.619 1.00 49.05 ? 97  ILE A C   1 
ATOM   744 O O   . ILE A 1 105 ? 6.964   0.182   -20.682 1.00 43.53 ? 97  ILE A O   1 
ATOM   745 C CB  . ILE A 1 105 ? 5.265   -1.562  -18.439 1.00 43.38 ? 97  ILE A CB  1 
ATOM   746 C CG1 . ILE A 1 105 ? 4.312   -2.747  -18.558 1.00 49.31 ? 97  ILE A CG1 1 
ATOM   747 C CG2 . ILE A 1 105 ? 4.528   -0.262  -18.778 1.00 47.58 ? 97  ILE A CG2 1 
ATOM   748 C CD1 . ILE A 1 105 ? 3.366   -2.871  -17.385 1.00 48.77 ? 97  ILE A CD1 1 
ATOM   749 N N   . LYS A 1 106 ? 7.927   0.031   -18.639 1.00 42.25 ? 98  LYS A N   1 
ATOM   750 C CA  . LYS A 1 106 ? 8.580   1.336   -18.677 1.00 43.42 ? 98  LYS A CA  1 
ATOM   751 C C   . LYS A 1 106 ? 9.514   1.477   -19.875 1.00 48.66 ? 98  LYS A C   1 
ATOM   752 O O   . LYS A 1 106 ? 9.652   2.561   -20.454 1.00 46.55 ? 98  LYS A O   1 
ATOM   753 C CB  . LYS A 1 106 ? 9.362   1.554   -17.383 1.00 48.18 ? 98  LYS A CB  1 
ATOM   754 C CG  . LYS A 1 106 ? 9.885   2.945   -17.174 1.00 50.76 ? 98  LYS A CG  1 
ATOM   755 C CD  . LYS A 1 106 ? 10.641  3.031   -15.850 1.00 54.85 ? 98  LYS A CD  1 
ATOM   756 C CE  . LYS A 1 106 ? 11.609  1.860   -15.695 1.00 51.87 ? 98  LYS A CE  1 
ATOM   757 N NZ  . LYS A 1 106 ? 12.187  1.785   -14.321 1.00 59.87 ? 98  LYS A NZ  1 
ATOM   758 N N   . LYS A 1 107 ? 10.151  0.368   -20.229 1.00 43.86 ? 99  LYS A N   1 
ATOM   759 C CA  . LYS A 1 107 ? 11.082  0.324   -21.342 1.00 49.71 ? 99  LYS A CA  1 
ATOM   760 C C   . LYS A 1 107 ? 10.343  0.535   -22.660 1.00 50.62 ? 99  LYS A C   1 
ATOM   761 O O   . LYS A 1 107 ? 10.738  1.361   -23.487 1.00 45.97 ? 99  LYS A O   1 
ATOM   762 C CB  . LYS A 1 107 ? 11.827  -1.010  -21.344 1.00 51.79 ? 99  LYS A CB  1 
ATOM   763 C CG  . LYS A 1 107 ? 13.013  -1.086  -22.288 1.00 59.21 ? 99  LYS A CG  1 
ATOM   764 C CD  . LYS A 1 107 ? 13.786  -2.379  -22.069 1.00 62.12 ? 99  LYS A CD  1 
ATOM   765 C CE  . LYS A 1 107 ? 14.808  -2.615  -23.171 1.00 69.82 ? 99  LYS A CE  1 
ATOM   766 N NZ  . LYS A 1 107 ? 15.466  -3.945  -23.035 1.00 78.59 ? 99  LYS A NZ  1 
ATOM   767 N N   . VAL A 1 108 ? 9.260   -0.212  -22.840 1.00 47.84 ? 100 VAL A N   1 
ATOM   768 C CA  . VAL A 1 108 ? 8.454   -0.130  -24.053 1.00 45.33 ? 100 VAL A CA  1 
ATOM   769 C C   . VAL A 1 108 ? 7.797   1.239   -24.232 1.00 47.22 ? 100 VAL A C   1 
ATOM   770 O O   . VAL A 1 108 ? 7.944   1.885   -25.275 1.00 48.53 ? 100 VAL A O   1 
ATOM   771 C CB  . VAL A 1 108 ? 7.357   -1.209  -24.056 1.00 44.62 ? 100 VAL A CB  1 
ATOM   772 C CG1 . VAL A 1 108 ? 6.679   -1.265  -25.414 1.00 49.36 ? 100 VAL A CG1 1 
ATOM   773 C CG2 . VAL A 1 108 ? 7.958   -2.556  -23.723 1.00 49.63 ? 100 VAL A CG2 1 
ATOM   774 N N   . MET A 1 109 ? 7.072   1.682   -23.214 1.00 42.59 ? 101 MET A N   1 
ATOM   775 C CA  . MET A 1 109 ? 6.327   2.921   -23.322 1.00 43.94 ? 101 MET A CA  1 
ATOM   776 C C   . MET A 1 109 ? 7.238   4.140   -23.491 1.00 47.79 ? 101 MET A C   1 
ATOM   777 O O   . MET A 1 109 ? 6.846   5.108   -24.140 1.00 43.34 ? 101 MET A O   1 
ATOM   778 C CB  . MET A 1 109 ? 5.408   3.102   -22.112 1.00 45.38 ? 101 MET A CB  1 
ATOM   779 C CG  . MET A 1 109 ? 4.234   2.131   -22.078 1.00 48.09 ? 101 MET A CG  1 
ATOM   780 S SD  . MET A 1 109 ? 3.265   2.154   -23.607 1.00 50.78 ? 101 MET A SD  1 
ATOM   781 C CE  . MET A 1 109 ? 3.793   0.616   -24.354 1.00 45.81 ? 101 MET A CE  1 
ATOM   782 N N   . ASN A 1 110 ? 8.450   4.098   -22.935 1.00 44.94 ? 102 ASN A N   1 
ATOM   783 C CA  . ASN A 1 110 ? 9.389   5.193   -23.159 1.00 45.69 ? 102 ASN A CA  1 
ATOM   784 C C   . ASN A 1 110 ? 9.799   5.235   -24.629 1.00 41.61 ? 102 ASN A C   1 
ATOM   785 O O   . ASN A 1 110 ? 9.926   6.307   -25.209 1.00 44.95 ? 102 ASN A O   1 
ATOM   786 C CB  . ASN A 1 110 ? 10.628  5.071   -22.260 1.00 44.50 ? 102 ASN A CB  1 
ATOM   787 C CG  . ASN A 1 110 ? 10.407  5.668   -20.870 1.00 47.90 ? 102 ASN A CG  1 
ATOM   788 O OD1 . ASN A 1 110 ? 9.524   6.510   -20.673 1.00 47.80 ? 102 ASN A OD1 1 
ATOM   789 N ND2 . ASN A 1 110 ? 11.222  5.243   -19.903 1.00 51.12 ? 102 ASN A ND2 1 
ATOM   790 N N   . GLN A 1 111 ? 9.982   4.058   -25.219 1.00 42.53 ? 103 GLN A N   1 
ATOM   791 C CA  . GLN A 1 111 ? 10.357  3.933   -26.625 1.00 41.57 ? 103 GLN A CA  1 
ATOM   792 C C   . GLN A 1 111 ? 9.260   4.435   -27.577 1.00 45.97 ? 103 GLN A C   1 
ATOM   793 O O   . GLN A 1 111 ? 9.561   4.999   -28.629 1.00 49.12 ? 103 GLN A O   1 
ATOM   794 C CB  . GLN A 1 111 ? 10.702  2.478   -26.932 1.00 45.75 ? 103 GLN A CB  1 
ATOM   795 C CG  . GLN A 1 111 ? 10.909  2.152   -28.399 1.00 52.11 ? 103 GLN A CG  1 
ATOM   796 C CD  . GLN A 1 111 ? 12.174  2.767   -28.961 1.00 58.13 ? 103 GLN A CD  1 
ATOM   797 O OE1 . GLN A 1 111 ? 13.254  2.637   -28.379 1.00 60.25 ? 103 GLN A OE1 1 
ATOM   798 N NE2 . GLN A 1 111 ? 12.049  3.439   -30.102 1.00 55.39 ? 103 GLN A NE2 1 
ATOM   799 N N   . PHE A 1 112 ? 7.995   4.250   -27.205 1.00 39.94 ? 104 PHE A N   1 
ATOM   800 C CA  . PHE A 1 112 ? 6.887   4.560   -28.106 1.00 44.28 ? 104 PHE A CA  1 
ATOM   801 C C   . PHE A 1 112 ? 6.067   5.799   -27.717 1.00 43.09 ? 104 PHE A C   1 
ATOM   802 O O   . PHE A 1 112 ? 5.330   6.341   -28.547 1.00 43.16 ? 104 PHE A O   1 
ATOM   803 C CB  . PHE A 1 112 ? 5.953   3.350   -28.215 1.00 37.12 ? 104 PHE A CB  1 
ATOM   804 C CG  . PHE A 1 112 ? 6.528   2.213   -29.024 1.00 41.43 ? 104 PHE A CG  1 
ATOM   805 C CD1 . PHE A 1 112 ? 7.266   1.203   -28.414 1.00 36.31 ? 104 PHE A CD1 1 
ATOM   806 C CD2 . PHE A 1 112 ? 6.329   2.152   -30.401 1.00 42.03 ? 104 PHE A CD2 1 
ATOM   807 C CE1 . PHE A 1 112 ? 7.792   0.152   -29.159 1.00 41.03 ? 104 PHE A CE1 1 
ATOM   808 C CE2 . PHE A 1 112 ? 6.863   1.109   -31.150 1.00 40.18 ? 104 PHE A CE2 1 
ATOM   809 C CZ  . PHE A 1 112 ? 7.595   0.110   -30.527 1.00 41.13 ? 104 PHE A CZ  1 
ATOM   810 N N   . LEU A 1 113 ? 6.177   6.249   -26.472 1.00 38.61 ? 105 LEU A N   1 
ATOM   811 C CA  . LEU A 1 113 ? 5.436   7.439   -26.055 1.00 40.90 ? 105 LEU A CA  1 
ATOM   812 C C   . LEU A 1 113 ? 6.343   8.579   -25.604 1.00 46.54 ? 105 LEU A C   1 
ATOM   813 O O   . LEU A 1 113 ? 5.888   9.713   -25.452 1.00 47.38 ? 105 LEU A O   1 
ATOM   814 C CB  . LEU A 1 113 ? 4.452   7.091   -24.938 1.00 41.91 ? 105 LEU A CB  1 
ATOM   815 C CG  . LEU A 1 113 ? 3.383   6.066   -25.310 1.00 40.05 ? 105 LEU A CG  1 
ATOM   816 C CD1 . LEU A 1 113 ? 2.563   5.677   -24.092 1.00 42.12 ? 105 LEU A CD1 1 
ATOM   817 C CD2 . LEU A 1 113 ? 2.487   6.615   -26.423 1.00 42.36 ? 105 LEU A CD2 1 
ATOM   818 N N   . GLY A 1 114 ? 7.623   8.282   -25.401 1.00 48.39 ? 106 GLY A N   1 
ATOM   819 C CA  . GLY A 1 114 ? 8.585   9.300   -25.010 1.00 55.09 ? 106 GLY A CA  1 
ATOM   820 C C   . GLY A 1 114 ? 8.750   10.383  -26.061 1.00 58.79 ? 106 GLY A C   1 
ATOM   821 O O   . GLY A 1 114 ? 9.514   11.335  -25.877 1.00 69.79 ? 106 GLY A O   1 
HETATM 822 O O   . HOH B 2 .   ? 9.818   -7.010  -4.137  1.00 48.87 ? 201 HOH A O   1 
HETATM 823 O O   . HOH B 2 .   ? -2.214  -13.450 -4.046  1.00 48.11 ? 202 HOH A O   1 
HETATM 824 O O   . HOH B 2 .   ? -4.382  11.906  5.986   1.00 54.12 ? 203 HOH A O   1 
HETATM 825 O O   . HOH B 2 .   ? -7.433  1.221   28.041  1.00 32.59 ? 204 HOH A O   1 
HETATM 826 O O   . HOH B 2 .   ? -12.407 1.292   24.112  1.00 39.66 ? 205 HOH A O   1 
HETATM 827 O O   . HOH B 2 .   ? 13.097  -0.816  -17.203 1.00 51.14 ? 206 HOH A O   1 
HETATM 828 O O   . HOH B 2 .   ? 6.719   -13.869 -0.450  1.00 47.01 ? 207 HOH A O   1 
HETATM 829 O O   . HOH B 2 .   ? -4.972  -5.492  -6.422  1.00 57.59 ? 208 HOH A O   1 
HETATM 830 O O   . HOH B 2 .   ? -7.681  1.560   8.484   1.00 25.12 ? 209 HOH A O   1 
HETATM 831 O O   . HOH B 2 .   ? -11.427 0.094   5.181   1.00 27.49 ? 210 HOH A O   1 
HETATM 832 O O   . HOH B 2 .   ? 8.652   -0.702  -1.289  1.00 40.14 ? 211 HOH A O   1 
HETATM 833 O O   . HOH B 2 .   ? 13.079  2.522   -23.451 1.00 51.19 ? 212 HOH A O   1 
HETATM 834 O O   . HOH B 2 .   ? -6.902  -8.379  7.787   1.00 26.42 ? 213 HOH A O   1 
HETATM 835 O O   . HOH B 2 .   ? -9.486  -1.827  5.995   1.00 28.17 ? 214 HOH A O   1 
HETATM 836 O O   . HOH B 2 .   ? -13.447 -2.233  -0.558  1.00 35.66 ? 215 HOH A O   1 
HETATM 837 O O   . HOH B 2 .   ? -9.226  -6.163  11.687  1.00 32.09 ? 216 HOH A O   1 
HETATM 838 O O   . HOH B 2 .   ? 4.295   -4.646  6.356   1.00 24.83 ? 217 HOH A O   1 
HETATM 839 O O   . HOH B 2 .   ? -5.556  2.541   9.887   1.00 21.89 ? 218 HOH A O   1 
HETATM 840 O O   . HOH B 2 .   ? 5.740   -7.789  5.642   1.00 31.93 ? 219 HOH A O   1 
HETATM 841 O O   . HOH B 2 .   ? 7.580   3.019   -1.212  1.00 41.33 ? 220 HOH A O   1 
HETATM 842 O O   . HOH B 2 .   ? 8.161   0.552   2.484   1.00 39.65 ? 221 HOH A O   1 
HETATM 843 O O   . HOH B 2 .   ? -9.927  2.576   -3.645  1.00 45.96 ? 222 HOH A O   1 
HETATM 844 O O   . HOH B 2 .   ? 7.614   -6.729  3.603   1.00 30.75 ? 223 HOH A O   1 
HETATM 845 O O   . HOH B 2 .   ? 4.313   3.713   13.570  1.00 42.20 ? 224 HOH A O   1 
HETATM 846 O O   . HOH B 2 .   ? 13.425  -2.524  -1.619  1.00 64.63 ? 225 HOH A O   1 
HETATM 847 O O   . HOH B 2 .   ? -0.578  -5.380  18.213  1.00 21.74 ? 226 HOH A O   1 
HETATM 848 O O   . HOH B 2 .   ? 5.277   8.854   -29.959 1.00 49.25 ? 227 HOH A O   1 
HETATM 849 O O   . HOH B 2 .   ? 6.720   2.934   5.272   1.00 43.93 ? 228 HOH A O   1 
HETATM 850 O O   . HOH B 2 .   ? -6.987  8.957   8.243   1.00 43.98 ? 229 HOH A O   1 
HETATM 851 O O   . HOH B 2 .   ? 0.161   -12.803 -4.850  1.00 47.68 ? 230 HOH A O   1 
HETATM 852 O O   . HOH B 2 .   ? -4.218  11.253  17.370  1.00 23.48 ? 231 HOH A O   1 
HETATM 853 O O   . HOH B 2 .   ? -6.160  5.409   10.340  1.00 23.44 ? 232 HOH A O   1 
HETATM 854 O O   . HOH B 2 .   ? 0.528   -2.035  20.538  1.00 38.23 ? 233 HOH A O   1 
HETATM 855 O O   . HOH B 2 .   ? 9.229   -7.846  -0.107  1.00 45.92 ? 234 HOH A O   1 
HETATM 856 O O   . HOH B 2 .   ? -7.509  4.340   22.327  1.00 28.36 ? 235 HOH A O   1 
HETATM 857 O O   . HOH B 2 .   ? 11.525  6.238   -16.820 0.50 54.29 ? 236 HOH A O   1 
# 
loop_
_pdbx_poly_seq_scheme.asym_id 
_pdbx_poly_seq_scheme.entity_id 
_pdbx_poly_seq_scheme.seq_id 
_pdbx_poly_seq_scheme.mon_id 
_pdbx_poly_seq_scheme.ndb_seq_num 
_pdbx_poly_seq_scheme.pdb_seq_num 
_pdbx_poly_seq_scheme.auth_seq_num 
_pdbx_poly_seq_scheme.pdb_mon_id 
_pdbx_poly_seq_scheme.auth_mon_id 
_pdbx_poly_seq_scheme.pdb_strand_id 
_pdbx_poly_seq_scheme.pdb_ins_code 
_pdbx_poly_seq_scheme.hetero 
A 1 1   TRP 1   -7  ?   ?   ?   A . n 
A 1 2   SER 2   -6  ?   ?   ?   A . n 
A 1 3   HIS 3   -5  ?   ?   ?   A . n 
A 1 4   PRO 4   -4  ?   ?   ?   A . n 
A 1 5   GLN 5   -3  ?   ?   ?   A . n 
A 1 6   PHE 6   -2  ?   ?   ?   A . n 
A 1 7   GLU 7   -1  ?   ?   ?   A . n 
A 1 8   LYS 8   0   ?   ?   ?   A . n 
A 1 9   MET 9   1   ?   ?   ?   A . n 
A 1 10  GLN 10  2   ?   ?   ?   A . n 
A 1 11  LEU 11  3   ?   ?   ?   A . n 
A 1 12  ASN 12  4   ?   ?   ?   A . n 
A 1 13  LYS 13  5   ?   ?   ?   A . n 
A 1 14  GLU 14  6   ?   ?   ?   A . n 
A 1 15  VAL 15  7   ?   ?   ?   A . n 
A 1 16  LEU 16  8   ?   ?   ?   A . n 
A 1 17  LYS 17  9   ?   ?   ?   A . n 
A 1 18  GLY 18  10  10  GLY GLY A . n 
A 1 19  TYR 19  11  11  TYR TYR A . n 
A 1 20  ILE 20  12  12  ILE ILE A . n 
A 1 21  ASP 21  13  13  ASP ASP A . n 
A 1 22  ILE 22  14  14  ILE ILE A . n 
A 1 23  LEU 23  15  15  LEU LEU A . n 
A 1 24  ILE 24  16  16  ILE ILE A . n 
A 1 25  VAL 25  17  17  VAL VAL A . n 
A 1 26  SER 26  18  18  SER SER A . n 
A 1 27  ILE 27  19  19  ILE ILE A . n 
A 1 28  LEU 28  20  20  LEU LEU A . n 
A 1 29  GLU 29  21  21  GLU GLU A . n 
A 1 30  LYS 30  22  22  LYS LYS A . n 
A 1 31  LYS 31  23  23  LYS LYS A . n 
A 1 32  ASP 32  24  24  ASP ASP A . n 
A 1 33  CYS 33  25  25  CYS CYS A . n 
A 1 34  TYR 34  26  26  TYR TYR A . n 
A 1 35  GLY 35  27  27  GLY GLY A . n 
A 1 36  TYR 36  28  28  TYR TYR A . n 
A 1 37  GLU 37  29  29  GLU GLU A . n 
A 1 38  ILE 38  30  30  ILE ILE A . n 
A 1 39  ALA 39  31  31  ALA ALA A . n 
A 1 40  LYS 40  32  32  LYS LYS A . n 
A 1 41  GLN 41  33  33  GLN GLN A . n 
A 1 42  VAL 42  34  34  VAL VAL A . n 
A 1 43  ARG 43  35  35  ARG ARG A . n 
A 1 44  GLU 44  36  36  GLU GLU A . n 
A 1 45  ARG 45  37  37  ARG ARG A . n 
A 1 46  SER 46  38  38  SER SER A . n 
A 1 47  GLU 47  39  39  GLU GLU A . n 
A 1 48  PHE 48  40  40  PHE PHE A . n 
A 1 49  GLU 49  41  ?   ?   ?   A . n 
A 1 50  LEU 50  42  42  LEU LEU A . n 
A 1 51  LYS 51  43  43  LYS LYS A . n 
A 1 52  GLU 52  44  44  GLU GLU A . n 
A 1 53  GLY 53  45  45  GLY GLY A . n 
A 1 54  THR 54  46  46  THR THR A . n 
A 1 55  MET 55  47  47  MET MET A . n 
A 1 56  TYR 56  48  48  TYR TYR A . n 
A 1 57  LEU 57  49  49  LEU LEU A . n 
A 1 58  ALA 58  50  50  ALA ALA A . n 
A 1 59  LEU 59  51  51  LEU LEU A . n 
A 1 60  LYS 60  52  52  LYS LYS A . n 
A 1 61  ARG 61  53  53  ARG ARG A . n 
A 1 62  MET 62  54  54  MET MET A . n 
A 1 63  GLU 63  55  55  GLU GLU A . n 
A 1 64  SER 64  56  56  SER SER A . n 
A 1 65  LYS 65  57  57  LYS LYS A . n 
A 1 66  ASN 66  58  58  ASN ASN A . n 
A 1 67  LEU 67  59  59  LEU LEU A . n 
A 1 68  ILE 68  60  60  ILE ILE A . n 
A 1 69  LYS 69  61  61  LYS LYS A . n 
A 1 70  SER 70  62  62  SER SER A . n 
A 1 71  TYR 71  63  63  TYR TYR A . n 
A 1 72  TYR 72  64  64  TYR TYR A . n 
A 1 73  SER 73  65  65  SER SER A . n 
A 1 74  ASN 74  66  66  ASN ASN A . n 
A 1 75  GLU 75  67  67  GLU GLU A . n 
A 1 76  GLN 76  68  68  GLN GLN A . n 
A 1 77  SER 77  69  69  SER SER A . n 
A 1 78  SER 78  70  70  SER SER A . n 
A 1 79  GLY 79  71  71  GLY GLY A . n 
A 1 80  GLY 80  72  72  GLY GLY A . n 
A 1 81  ARG 81  73  73  ARG ARG A . n 
A 1 82  ARG 82  74  74  ARG ARG A . n 
A 1 83  LYS 83  75  75  LYS LYS A . n 
A 1 84  TYR 84  76  76  TYR TYR A . n 
A 1 85  TYR 85  77  77  TYR TYR A . n 
A 1 86  ASN 86  78  78  ASN ASN A . n 
A 1 87  LEU 87  79  79  LEU LEU A . n 
A 1 88  THR 88  80  80  THR THR A . n 
A 1 89  ASN 89  81  81  ASN ASN A . n 
A 1 90  GLU 90  82  82  GLU GLU A . n 
A 1 91  GLY 91  83  83  GLY GLY A . n 
A 1 92  LYS 92  84  84  LYS LYS A . n 
A 1 93  ASP 93  85  85  ASP ASP A . n 
A 1 94  PHE 94  86  86  PHE PHE A . n 
A 1 95  LEU 95  87  87  LEU LEU A . n 
A 1 96  GLU 96  88  88  GLU GLU A . n 
A 1 97  ILE 97  89  89  ILE ILE A . n 
A 1 98  LYS 98  90  90  LYS LYS A . n 
A 1 99  LYS 99  91  91  LYS LYS A . n 
A 1 100 GLN 100 92  92  GLN GLN A . n 
A 1 101 GLU 101 93  93  GLU GLU A . n 
A 1 102 TRP 102 94  94  TRP TRP A . n 
A 1 103 ARG 103 95  95  ARG ARG A . n 
A 1 104 PHE 104 96  96  PHE PHE A . n 
A 1 105 ILE 105 97  97  ILE ILE A . n 
A 1 106 LYS 106 98  98  LYS LYS A . n 
A 1 107 LYS 107 99  99  LYS LYS A . n 
A 1 108 VAL 108 100 100 VAL VAL A . n 
A 1 109 MET 109 101 101 MET MET A . n 
A 1 110 ASN 110 102 102 ASN ASN A . n 
A 1 111 GLN 111 103 103 GLN GLN A . n 
A 1 112 PHE 112 104 104 PHE PHE A . n 
A 1 113 LEU 113 105 105 LEU LEU A . n 
A 1 114 GLY 114 106 106 GLY GLY A . n 
A 1 115 GLU 115 107 ?   ?   ?   A . n 
A 1 116 VAL 116 108 ?   ?   ?   A . n 
A 1 117 ASP 117 109 ?   ?   ?   A . n 
# 
loop_
_pdbx_nonpoly_scheme.asym_id 
_pdbx_nonpoly_scheme.entity_id 
_pdbx_nonpoly_scheme.mon_id 
_pdbx_nonpoly_scheme.ndb_seq_num 
_pdbx_nonpoly_scheme.pdb_seq_num 
_pdbx_nonpoly_scheme.auth_seq_num 
_pdbx_nonpoly_scheme.pdb_mon_id 
_pdbx_nonpoly_scheme.auth_mon_id 
_pdbx_nonpoly_scheme.pdb_strand_id 
_pdbx_nonpoly_scheme.pdb_ins_code 
B 2 HOH 1  201 35 HOH HOH A . 
B 2 HOH 2  202 29 HOH HOH A . 
B 2 HOH 3  203 30 HOH HOH A . 
B 2 HOH 4  204 36 HOH HOH A . 
B 2 HOH 5  205 11 HOH HOH A . 
B 2 HOH 6  206 24 HOH HOH A . 
B 2 HOH 7  207 23 HOH HOH A . 
B 2 HOH 8  208 16 HOH HOH A . 
B 2 HOH 9  209 7  HOH HOH A . 
B 2 HOH 10 210 8  HOH HOH A . 
B 2 HOH 11 211 34 HOH HOH A . 
B 2 HOH 12 212 27 HOH HOH A . 
B 2 HOH 13 213 4  HOH HOH A . 
B 2 HOH 14 214 6  HOH HOH A . 
B 2 HOH 15 215 17 HOH HOH A . 
B 2 HOH 16 216 18 HOH HOH A . 
B 2 HOH 17 217 5  HOH HOH A . 
B 2 HOH 18 218 1  HOH HOH A . 
B 2 HOH 19 219 10 HOH HOH A . 
B 2 HOH 20 220 20 HOH HOH A . 
B 2 HOH 21 221 21 HOH HOH A . 
B 2 HOH 22 222 22 HOH HOH A . 
B 2 HOH 23 223 12 HOH HOH A . 
B 2 HOH 24 224 33 HOH HOH A . 
B 2 HOH 25 225 25 HOH HOH A . 
B 2 HOH 26 226 3  HOH HOH A . 
B 2 HOH 27 227 28 HOH HOH A . 
B 2 HOH 28 228 15 HOH HOH A . 
B 2 HOH 29 229 32 HOH HOH A . 
B 2 HOH 30 230 31 HOH HOH A . 
B 2 HOH 31 231 14 HOH HOH A . 
B 2 HOH 32 232 2  HOH HOH A . 
B 2 HOH 33 233 9  HOH HOH A . 
B 2 HOH 34 234 26 HOH HOH A . 
B 2 HOH 35 235 13 HOH HOH A . 
B 2 HOH 36 236 19 HOH HOH A . 
# 
_pdbx_struct_assembly.id                   1 
_pdbx_struct_assembly.details              author_and_software_defined_assembly 
_pdbx_struct_assembly.method_details       PISA 
_pdbx_struct_assembly.oligomeric_details   dimeric 
_pdbx_struct_assembly.oligomeric_count     2 
# 
_pdbx_struct_assembly_gen.assembly_id       1 
_pdbx_struct_assembly_gen.oper_expression   1,2 
_pdbx_struct_assembly_gen.asym_id_list      A,B 
# 
loop_
_pdbx_struct_assembly_prop.biol_id 
_pdbx_struct_assembly_prop.type 
_pdbx_struct_assembly_prop.value 
_pdbx_struct_assembly_prop.details 
1 'ABSA (A^2)' 2420  ? 
1 MORE         -21   ? 
1 'SSA (A^2)'  11760 ? 
# 
loop_
_pdbx_struct_oper_list.id 
_pdbx_struct_oper_list.type 
_pdbx_struct_oper_list.name 
_pdbx_struct_oper_list.symmetry_operation 
_pdbx_struct_oper_list.matrix[1][1] 
_pdbx_struct_oper_list.matrix[1][2] 
_pdbx_struct_oper_list.matrix[1][3] 
_pdbx_struct_oper_list.vector[1] 
_pdbx_struct_oper_list.matrix[2][1] 
_pdbx_struct_oper_list.matrix[2][2] 
_pdbx_struct_oper_list.matrix[2][3] 
_pdbx_struct_oper_list.vector[2] 
_pdbx_struct_oper_list.matrix[3][1] 
_pdbx_struct_oper_list.matrix[3][2] 
_pdbx_struct_oper_list.matrix[3][3] 
_pdbx_struct_oper_list.vector[3] 
1 'identity operation'         1_555 x,y,z    1.0000000000 0.0000000000 0.0000000000 0.0000000000  0.0000000000 1.0000000000  0.0000000000 0.0000000000 0.0000000000 0.0000000000 1.0000000000  0.0000000000   
2 'crystal symmetry operation' 7_556 y,x,-z+1 0.6281319967 0.7779240644 0.0168625253 -0.2832257051 0.7779240644 -0.6283066415 0.0080569415 1.3272171813 0.0168625253 0.0080569415 -0.9998253552 -33.8825496457 
# 
_pdbx_struct_special_symmetry.id              1 
_pdbx_struct_special_symmetry.PDB_model_num   1 
_pdbx_struct_special_symmetry.auth_asym_id    A 
_pdbx_struct_special_symmetry.auth_comp_id    HOH 
_pdbx_struct_special_symmetry.auth_seq_id     236 
_pdbx_struct_special_symmetry.PDB_ins_code    ? 
_pdbx_struct_special_symmetry.label_asym_id   B 
_pdbx_struct_special_symmetry.label_comp_id   HOH 
_pdbx_struct_special_symmetry.label_seq_id    . 
# 
loop_
_pdbx_audit_revision_history.ordinal 
_pdbx_audit_revision_history.data_content_type 
_pdbx_audit_revision_history.major_revision 
_pdbx_audit_revision_history.minor_revision 
_pdbx_audit_revision_history.revision_date 
1 'Structure model' 1 0 2016-10-05 
2 'Structure model' 1 1 2016-10-19 
3 'Structure model' 2 0 2023-09-27 
# 
_pdbx_audit_revision_details.ordinal             1 
_pdbx_audit_revision_details.revision_ordinal    1 
_pdbx_audit_revision_details.data_content_type   'Structure model' 
_pdbx_audit_revision_details.provider            repository 
_pdbx_audit_revision_details.type                'Initial release' 
_pdbx_audit_revision_details.description         ? 
_pdbx_audit_revision_details.details             ? 
# 
loop_
_pdbx_audit_revision_group.ordinal 
_pdbx_audit_revision_group.revision_ordinal 
_pdbx_audit_revision_group.data_content_type 
_pdbx_audit_revision_group.group 
1 2 'Structure model' 'Database references'    
2 3 'Structure model' 'Atomic model'           
3 3 'Structure model' 'Data collection'        
4 3 'Structure model' 'Database references'    
5 3 'Structure model' 'Derived calculations'   
6 3 'Structure model' 'Refinement description' 
# 
loop_
_pdbx_audit_revision_category.ordinal 
_pdbx_audit_revision_category.revision_ordinal 
_pdbx_audit_revision_category.data_content_type 
_pdbx_audit_revision_category.category 
1 3 'Structure model' atom_site                     
2 3 'Structure model' chem_comp_atom                
3 3 'Structure model' chem_comp_bond                
4 3 'Structure model' database_2                    
5 3 'Structure model' pdbx_initial_refinement_model 
6 3 'Structure model' pdbx_struct_oper_list         
# 
loop_
_pdbx_audit_revision_item.ordinal 
_pdbx_audit_revision_item.revision_ordinal 
_pdbx_audit_revision_item.data_content_type 
_pdbx_audit_revision_item.item 
1 3 'Structure model' '_atom_site.occupancy'                      
2 3 'Structure model' '_database_2.pdbx_DOI'                      
3 3 'Structure model' '_database_2.pdbx_database_accession'       
4 3 'Structure model' '_pdbx_struct_oper_list.symmetry_operation' 
# 
loop_
_software.citation_id 
_software.classification 
_software.compiler_name 
_software.compiler_version 
_software.contact_author 
_software.contact_author_email 
_software.date 
_software.description 
_software.dependencies 
_software.hardware 
_software.language 
_software.location 
_software.mods 
_software.name 
_software.os 
_software.os_version 
_software.type 
_software.version 
_software.pdbx_ordinal 
? refinement       ? ? ? ? ? ? ? ? ? ? ? PHENIX ? ? ? 1.9_1692 1 
? 'data reduction' ? ? ? ? ? ? ? ? ? ? ? XDS    ? ? ? .        2 
? 'data scaling'   ? ? ? ? ? ? ? ? ? ? ? XDS    ? ? ? .        3 
? phasing          ? ? ? ? ? ? ? ? ? ? ? PHENIX ? ? ? .        4 
# 
loop_
_pdbx_unobs_or_zero_occ_residues.id 
_pdbx_unobs_or_zero_occ_residues.PDB_model_num 
_pdbx_unobs_or_zero_occ_residues.polymer_flag 
_pdbx_unobs_or_zero_occ_residues.occupancy_flag 
_pdbx_unobs_or_zero_occ_residues.auth_asym_id 
_pdbx_unobs_or_zero_occ_residues.auth_comp_id 
_pdbx_unobs_or_zero_occ_residues.auth_seq_id 
_pdbx_unobs_or_zero_occ_residues.PDB_ins_code 
_pdbx_unobs_or_zero_occ_residues.label_asym_id 
_pdbx_unobs_or_zero_occ_residues.label_comp_id 
_pdbx_unobs_or_zero_occ_residues.label_seq_id 
1  1 Y 1 A TRP -7  ? A TRP 1   
2  1 Y 1 A SER -6  ? A SER 2   
3  1 Y 1 A HIS -5  ? A HIS 3   
4  1 Y 1 A PRO -4  ? A PRO 4   
5  1 Y 1 A GLN -3  ? A GLN 5   
6  1 Y 1 A PHE -2  ? A PHE 6   
7  1 Y 1 A GLU -1  ? A GLU 7   
8  1 Y 1 A LYS 0   ? A LYS 8   
9  1 Y 1 A MET 1   ? A MET 9   
10 1 Y 1 A GLN 2   ? A GLN 10  
11 1 Y 1 A LEU 3   ? A LEU 11  
12 1 Y 1 A ASN 4   ? A ASN 12  
13 1 Y 1 A LYS 5   ? A LYS 13  
14 1 Y 1 A GLU 6   ? A GLU 14  
15 1 Y 1 A VAL 7   ? A VAL 15  
16 1 Y 1 A LEU 8   ? A LEU 16  
17 1 Y 1 A LYS 9   ? A LYS 17  
18 1 Y 1 A GLU 41  ? A GLU 49  
19 1 Y 1 A GLU 107 ? A GLU 115 
20 1 Y 1 A VAL 108 ? A VAL 116 
21 1 Y 1 A ASP 109 ? A ASP 117 
# 
loop_
_chem_comp_atom.comp_id 
_chem_comp_atom.atom_id 
_chem_comp_atom.type_symbol 
_chem_comp_atom.pdbx_aromatic_flag 
_chem_comp_atom.pdbx_stereo_config 
_chem_comp_atom.pdbx_ordinal 
ALA N    N N N 1   
ALA CA   C N S 2   
ALA C    C N N 3   
ALA O    O N N 4   
ALA CB   C N N 5   
ALA OXT  O N N 6   
ALA H    H N N 7   
ALA H2   H N N 8   
ALA HA   H N N 9   
ALA HB1  H N N 10  
ALA HB2  H N N 11  
ALA HB3  H N N 12  
ALA HXT  H N N 13  
ARG N    N N N 14  
ARG CA   C N S 15  
ARG C    C N N 16  
ARG O    O N N 17  
ARG CB   C N N 18  
ARG CG   C N N 19  
ARG CD   C N N 20  
ARG NE   N N N 21  
ARG CZ   C N N 22  
ARG NH1  N N N 23  
ARG NH2  N N N 24  
ARG OXT  O N N 25  
ARG H    H N N 26  
ARG H2   H N N 27  
ARG HA   H N N 28  
ARG HB2  H N N 29  
ARG HB3  H N N 30  
ARG HG2  H N N 31  
ARG HG3  H N N 32  
ARG HD2  H N N 33  
ARG HD3  H N N 34  
ARG HE   H N N 35  
ARG HH11 H N N 36  
ARG HH12 H N N 37  
ARG HH21 H N N 38  
ARG HH22 H N N 39  
ARG HXT  H N N 40  
ASN N    N N N 41  
ASN CA   C N S 42  
ASN C    C N N 43  
ASN O    O N N 44  
ASN CB   C N N 45  
ASN CG   C N N 46  
ASN OD1  O N N 47  
ASN ND2  N N N 48  
ASN OXT  O N N 49  
ASN H    H N N 50  
ASN H2   H N N 51  
ASN HA   H N N 52  
ASN HB2  H N N 53  
ASN HB3  H N N 54  
ASN HD21 H N N 55  
ASN HD22 H N N 56  
ASN HXT  H N N 57  
ASP N    N N N 58  
ASP CA   C N S 59  
ASP C    C N N 60  
ASP O    O N N 61  
ASP CB   C N N 62  
ASP CG   C N N 63  
ASP OD1  O N N 64  
ASP OD2  O N N 65  
ASP OXT  O N N 66  
ASP H    H N N 67  
ASP H2   H N N 68  
ASP HA   H N N 69  
ASP HB2  H N N 70  
ASP HB3  H N N 71  
ASP HD2  H N N 72  
ASP HXT  H N N 73  
CYS N    N N N 74  
CYS CA   C N R 75  
CYS C    C N N 76  
CYS O    O N N 77  
CYS CB   C N N 78  
CYS SG   S N N 79  
CYS OXT  O N N 80  
CYS H    H N N 81  
CYS H2   H N N 82  
CYS HA   H N N 83  
CYS HB2  H N N 84  
CYS HB3  H N N 85  
CYS HG   H N N 86  
CYS HXT  H N N 87  
GLN N    N N N 88  
GLN CA   C N S 89  
GLN C    C N N 90  
GLN O    O N N 91  
GLN CB   C N N 92  
GLN CG   C N N 93  
GLN CD   C N N 94  
GLN OE1  O N N 95  
GLN NE2  N N N 96  
GLN OXT  O N N 97  
GLN H    H N N 98  
GLN H2   H N N 99  
GLN HA   H N N 100 
GLN HB2  H N N 101 
GLN HB3  H N N 102 
GLN HG2  H N N 103 
GLN HG3  H N N 104 
GLN HE21 H N N 105 
GLN HE22 H N N 106 
GLN HXT  H N N 107 
GLU N    N N N 108 
GLU CA   C N S 109 
GLU C    C N N 110 
GLU O    O N N 111 
GLU CB   C N N 112 
GLU CG   C N N 113 
GLU CD   C N N 114 
GLU OE1  O N N 115 
GLU OE2  O N N 116 
GLU OXT  O N N 117 
GLU H    H N N 118 
GLU H2   H N N 119 
GLU HA   H N N 120 
GLU HB2  H N N 121 
GLU HB3  H N N 122 
GLU HG2  H N N 123 
GLU HG3  H N N 124 
GLU HE2  H N N 125 
GLU HXT  H N N 126 
GLY N    N N N 127 
GLY CA   C N N 128 
GLY C    C N N 129 
GLY O    O N N 130 
GLY OXT  O N N 131 
GLY H    H N N 132 
GLY H2   H N N 133 
GLY HA2  H N N 134 
GLY HA3  H N N 135 
GLY HXT  H N N 136 
HIS N    N N N 137 
HIS CA   C N S 138 
HIS C    C N N 139 
HIS O    O N N 140 
HIS CB   C N N 141 
HIS CG   C Y N 142 
HIS ND1  N Y N 143 
HIS CD2  C Y N 144 
HIS CE1  C Y N 145 
HIS NE2  N Y N 146 
HIS OXT  O N N 147 
HIS H    H N N 148 
HIS H2   H N N 149 
HIS HA   H N N 150 
HIS HB2  H N N 151 
HIS HB3  H N N 152 
HIS HD1  H N N 153 
HIS HD2  H N N 154 
HIS HE1  H N N 155 
HIS HE2  H N N 156 
HIS HXT  H N N 157 
HOH O    O N N 158 
HOH H1   H N N 159 
HOH H2   H N N 160 
ILE N    N N N 161 
ILE CA   C N S 162 
ILE C    C N N 163 
ILE O    O N N 164 
ILE CB   C N S 165 
ILE CG1  C N N 166 
ILE CG2  C N N 167 
ILE CD1  C N N 168 
ILE OXT  O N N 169 
ILE H    H N N 170 
ILE H2   H N N 171 
ILE HA   H N N 172 
ILE HB   H N N 173 
ILE HG12 H N N 174 
ILE HG13 H N N 175 
ILE HG21 H N N 176 
ILE HG22 H N N 177 
ILE HG23 H N N 178 
ILE HD11 H N N 179 
ILE HD12 H N N 180 
ILE HD13 H N N 181 
ILE HXT  H N N 182 
LEU N    N N N 183 
LEU CA   C N S 184 
LEU C    C N N 185 
LEU O    O N N 186 
LEU CB   C N N 187 
LEU CG   C N N 188 
LEU CD1  C N N 189 
LEU CD2  C N N 190 
LEU OXT  O N N 191 
LEU H    H N N 192 
LEU H2   H N N 193 
LEU HA   H N N 194 
LEU HB2  H N N 195 
LEU HB3  H N N 196 
LEU HG   H N N 197 
LEU HD11 H N N 198 
LEU HD12 H N N 199 
LEU HD13 H N N 200 
LEU HD21 H N N 201 
LEU HD22 H N N 202 
LEU HD23 H N N 203 
LEU HXT  H N N 204 
LYS N    N N N 205 
LYS CA   C N S 206 
LYS C    C N N 207 
LYS O    O N N 208 
LYS CB   C N N 209 
LYS CG   C N N 210 
LYS CD   C N N 211 
LYS CE   C N N 212 
LYS NZ   N N N 213 
LYS OXT  O N N 214 
LYS H    H N N 215 
LYS H2   H N N 216 
LYS HA   H N N 217 
LYS HB2  H N N 218 
LYS HB3  H N N 219 
LYS HG2  H N N 220 
LYS HG3  H N N 221 
LYS HD2  H N N 222 
LYS HD3  H N N 223 
LYS HE2  H N N 224 
LYS HE3  H N N 225 
LYS HZ1  H N N 226 
LYS HZ2  H N N 227 
LYS HZ3  H N N 228 
LYS HXT  H N N 229 
MET N    N N N 230 
MET CA   C N S 231 
MET C    C N N 232 
MET O    O N N 233 
MET CB   C N N 234 
MET CG   C N N 235 
MET SD   S N N 236 
MET CE   C N N 237 
MET OXT  O N N 238 
MET H    H N N 239 
MET H2   H N N 240 
MET HA   H N N 241 
MET HB2  H N N 242 
MET HB3  H N N 243 
MET HG2  H N N 244 
MET HG3  H N N 245 
MET HE1  H N N 246 
MET HE2  H N N 247 
MET HE3  H N N 248 
MET HXT  H N N 249 
PHE N    N N N 250 
PHE CA   C N S 251 
PHE C    C N N 252 
PHE O    O N N 253 
PHE CB   C N N 254 
PHE CG   C Y N 255 
PHE CD1  C Y N 256 
PHE CD2  C Y N 257 
PHE CE1  C Y N 258 
PHE CE2  C Y N 259 
PHE CZ   C Y N 260 
PHE OXT  O N N 261 
PHE H    H N N 262 
PHE H2   H N N 263 
PHE HA   H N N 264 
PHE HB2  H N N 265 
PHE HB3  H N N 266 
PHE HD1  H N N 267 
PHE HD2  H N N 268 
PHE HE1  H N N 269 
PHE HE2  H N N 270 
PHE HZ   H N N 271 
PHE HXT  H N N 272 
PRO N    N N N 273 
PRO CA   C N S 274 
PRO C    C N N 275 
PRO O    O N N 276 
PRO CB   C N N 277 
PRO CG   C N N 278 
PRO CD   C N N 279 
PRO OXT  O N N 280 
PRO H    H N N 281 
PRO HA   H N N 282 
PRO HB2  H N N 283 
PRO HB3  H N N 284 
PRO HG2  H N N 285 
PRO HG3  H N N 286 
PRO HD2  H N N 287 
PRO HD3  H N N 288 
PRO HXT  H N N 289 
SER N    N N N 290 
SER CA   C N S 291 
SER C    C N N 292 
SER O    O N N 293 
SER CB   C N N 294 
SER OG   O N N 295 
SER OXT  O N N 296 
SER H    H N N 297 
SER H2   H N N 298 
SER HA   H N N 299 
SER HB2  H N N 300 
SER HB3  H N N 301 
SER HG   H N N 302 
SER HXT  H N N 303 
THR N    N N N 304 
THR CA   C N S 305 
THR C    C N N 306 
THR O    O N N 307 
THR CB   C N R 308 
THR OG1  O N N 309 
THR CG2  C N N 310 
THR OXT  O N N 311 
THR H    H N N 312 
THR H2   H N N 313 
THR HA   H N N 314 
THR HB   H N N 315 
THR HG1  H N N 316 
THR HG21 H N N 317 
THR HG22 H N N 318 
THR HG23 H N N 319 
THR HXT  H N N 320 
TRP N    N N N 321 
TRP CA   C N S 322 
TRP C    C N N 323 
TRP O    O N N 324 
TRP CB   C N N 325 
TRP CG   C Y N 326 
TRP CD1  C Y N 327 
TRP CD2  C Y N 328 
TRP NE1  N Y N 329 
TRP CE2  C Y N 330 
TRP CE3  C Y N 331 
TRP CZ2  C Y N 332 
TRP CZ3  C Y N 333 
TRP CH2  C Y N 334 
TRP OXT  O N N 335 
TRP H    H N N 336 
TRP H2   H N N 337 
TRP HA   H N N 338 
TRP HB2  H N N 339 
TRP HB3  H N N 340 
TRP HD1  H N N 341 
TRP HE1  H N N 342 
TRP HE3  H N N 343 
TRP HZ2  H N N 344 
TRP HZ3  H N N 345 
TRP HH2  H N N 346 
TRP HXT  H N N 347 
TYR N    N N N 348 
TYR CA   C N S 349 
TYR C    C N N 350 
TYR O    O N N 351 
TYR CB   C N N 352 
TYR CG   C Y N 353 
TYR CD1  C Y N 354 
TYR CD2  C Y N 355 
TYR CE1  C Y N 356 
TYR CE2  C Y N 357 
TYR CZ   C Y N 358 
TYR OH   O N N 359 
TYR OXT  O N N 360 
TYR H    H N N 361 
TYR H2   H N N 362 
TYR HA   H N N 363 
TYR HB2  H N N 364 
TYR HB3  H N N 365 
TYR HD1  H N N 366 
TYR HD2  H N N 367 
TYR HE1  H N N 368 
TYR HE2  H N N 369 
TYR HH   H N N 370 
TYR HXT  H N N 371 
VAL N    N N N 372 
VAL CA   C N S 373 
VAL C    C N N 374 
VAL O    O N N 375 
VAL CB   C N N 376 
VAL CG1  C N N 377 
VAL CG2  C N N 378 
VAL OXT  O N N 379 
VAL H    H N N 380 
VAL H2   H N N 381 
VAL HA   H N N 382 
VAL HB   H N N 383 
VAL HG11 H N N 384 
VAL HG12 H N N 385 
VAL HG13 H N N 386 
VAL HG21 H N N 387 
VAL HG22 H N N 388 
VAL HG23 H N N 389 
VAL HXT  H N N 390 
# 
loop_
_chem_comp_bond.comp_id 
_chem_comp_bond.atom_id_1 
_chem_comp_bond.atom_id_2 
_chem_comp_bond.value_order 
_chem_comp_bond.pdbx_aromatic_flag 
_chem_comp_bond.pdbx_stereo_config 
_chem_comp_bond.pdbx_ordinal 
ALA N   CA   sing N N 1   
ALA N   H    sing N N 2   
ALA N   H2   sing N N 3   
ALA CA  C    sing N N 4   
ALA CA  CB   sing N N 5   
ALA CA  HA   sing N N 6   
ALA C   O    doub N N 7   
ALA C   OXT  sing N N 8   
ALA CB  HB1  sing N N 9   
ALA CB  HB2  sing N N 10  
ALA CB  HB3  sing N N 11  
ALA OXT HXT  sing N N 12  
ARG N   CA   sing N N 13  
ARG N   H    sing N N 14  
ARG N   H2   sing N N 15  
ARG CA  C    sing N N 16  
ARG CA  CB   sing N N 17  
ARG CA  HA   sing N N 18  
ARG C   O    doub N N 19  
ARG C   OXT  sing N N 20  
ARG CB  CG   sing N N 21  
ARG CB  HB2  sing N N 22  
ARG CB  HB3  sing N N 23  
ARG CG  CD   sing N N 24  
ARG CG  HG2  sing N N 25  
ARG CG  HG3  sing N N 26  
ARG CD  NE   sing N N 27  
ARG CD  HD2  sing N N 28  
ARG CD  HD3  sing N N 29  
ARG NE  CZ   sing N N 30  
ARG NE  HE   sing N N 31  
ARG CZ  NH1  sing N N 32  
ARG CZ  NH2  doub N N 33  
ARG NH1 HH11 sing N N 34  
ARG NH1 HH12 sing N N 35  
ARG NH2 HH21 sing N N 36  
ARG NH2 HH22 sing N N 37  
ARG OXT HXT  sing N N 38  
ASN N   CA   sing N N 39  
ASN N   H    sing N N 40  
ASN N   H2   sing N N 41  
ASN CA  C    sing N N 42  
ASN CA  CB   sing N N 43  
ASN CA  HA   sing N N 44  
ASN C   O    doub N N 45  
ASN C   OXT  sing N N 46  
ASN CB  CG   sing N N 47  
ASN CB  HB2  sing N N 48  
ASN CB  HB3  sing N N 49  
ASN CG  OD1  doub N N 50  
ASN CG  ND2  sing N N 51  
ASN ND2 HD21 sing N N 52  
ASN ND2 HD22 sing N N 53  
ASN OXT HXT  sing N N 54  
ASP N   CA   sing N N 55  
ASP N   H    sing N N 56  
ASP N   H2   sing N N 57  
ASP CA  C    sing N N 58  
ASP CA  CB   sing N N 59  
ASP CA  HA   sing N N 60  
ASP C   O    doub N N 61  
ASP C   OXT  sing N N 62  
ASP CB  CG   sing N N 63  
ASP CB  HB2  sing N N 64  
ASP CB  HB3  sing N N 65  
ASP CG  OD1  doub N N 66  
ASP CG  OD2  sing N N 67  
ASP OD2 HD2  sing N N 68  
ASP OXT HXT  sing N N 69  
CYS N   CA   sing N N 70  
CYS N   H    sing N N 71  
CYS N   H2   sing N N 72  
CYS CA  C    sing N N 73  
CYS CA  CB   sing N N 74  
CYS CA  HA   sing N N 75  
CYS C   O    doub N N 76  
CYS C   OXT  sing N N 77  
CYS CB  SG   sing N N 78  
CYS CB  HB2  sing N N 79  
CYS CB  HB3  sing N N 80  
CYS SG  HG   sing N N 81  
CYS OXT HXT  sing N N 82  
GLN N   CA   sing N N 83  
GLN N   H    sing N N 84  
GLN N   H2   sing N N 85  
GLN CA  C    sing N N 86  
GLN CA  CB   sing N N 87  
GLN CA  HA   sing N N 88  
GLN C   O    doub N N 89  
GLN C   OXT  sing N N 90  
GLN CB  CG   sing N N 91  
GLN CB  HB2  sing N N 92  
GLN CB  HB3  sing N N 93  
GLN CG  CD   sing N N 94  
GLN CG  HG2  sing N N 95  
GLN CG  HG3  sing N N 96  
GLN CD  OE1  doub N N 97  
GLN CD  NE2  sing N N 98  
GLN NE2 HE21 sing N N 99  
GLN NE2 HE22 sing N N 100 
GLN OXT HXT  sing N N 101 
GLU N   CA   sing N N 102 
GLU N   H    sing N N 103 
GLU N   H2   sing N N 104 
GLU CA  C    sing N N 105 
GLU CA  CB   sing N N 106 
GLU CA  HA   sing N N 107 
GLU C   O    doub N N 108 
GLU C   OXT  sing N N 109 
GLU CB  CG   sing N N 110 
GLU CB  HB2  sing N N 111 
GLU CB  HB3  sing N N 112 
GLU CG  CD   sing N N 113 
GLU CG  HG2  sing N N 114 
GLU CG  HG3  sing N N 115 
GLU CD  OE1  doub N N 116 
GLU CD  OE2  sing N N 117 
GLU OE2 HE2  sing N N 118 
GLU OXT HXT  sing N N 119 
GLY N   CA   sing N N 120 
GLY N   H    sing N N 121 
GLY N   H2   sing N N 122 
GLY CA  C    sing N N 123 
GLY CA  HA2  sing N N 124 
GLY CA  HA3  sing N N 125 
GLY C   O    doub N N 126 
GLY C   OXT  sing N N 127 
GLY OXT HXT  sing N N 128 
HIS N   CA   sing N N 129 
HIS N   H    sing N N 130 
HIS N   H2   sing N N 131 
HIS CA  C    sing N N 132 
HIS CA  CB   sing N N 133 
HIS CA  HA   sing N N 134 
HIS C   O    doub N N 135 
HIS C   OXT  sing N N 136 
HIS CB  CG   sing N N 137 
HIS CB  HB2  sing N N 138 
HIS CB  HB3  sing N N 139 
HIS CG  ND1  sing Y N 140 
HIS CG  CD2  doub Y N 141 
HIS ND1 CE1  doub Y N 142 
HIS ND1 HD1  sing N N 143 
HIS CD2 NE2  sing Y N 144 
HIS CD2 HD2  sing N N 145 
HIS CE1 NE2  sing Y N 146 
HIS CE1 HE1  sing N N 147 
HIS NE2 HE2  sing N N 148 
HIS OXT HXT  sing N N 149 
HOH O   H1   sing N N 150 
HOH O   H2   sing N N 151 
ILE N   CA   sing N N 152 
ILE N   H    sing N N 153 
ILE N   H2   sing N N 154 
ILE CA  C    sing N N 155 
ILE CA  CB   sing N N 156 
ILE CA  HA   sing N N 157 
ILE C   O    doub N N 158 
ILE C   OXT  sing N N 159 
ILE CB  CG1  sing N N 160 
ILE CB  CG2  sing N N 161 
ILE CB  HB   sing N N 162 
ILE CG1 CD1  sing N N 163 
ILE CG1 HG12 sing N N 164 
ILE CG1 HG13 sing N N 165 
ILE CG2 HG21 sing N N 166 
ILE CG2 HG22 sing N N 167 
ILE CG2 HG23 sing N N 168 
ILE CD1 HD11 sing N N 169 
ILE CD1 HD12 sing N N 170 
ILE CD1 HD13 sing N N 171 
ILE OXT HXT  sing N N 172 
LEU N   CA   sing N N 173 
LEU N   H    sing N N 174 
LEU N   H2   sing N N 175 
LEU CA  C    sing N N 176 
LEU CA  CB   sing N N 177 
LEU CA  HA   sing N N 178 
LEU C   O    doub N N 179 
LEU C   OXT  sing N N 180 
LEU CB  CG   sing N N 181 
LEU CB  HB2  sing N N 182 
LEU CB  HB3  sing N N 183 
LEU CG  CD1  sing N N 184 
LEU CG  CD2  sing N N 185 
LEU CG  HG   sing N N 186 
LEU CD1 HD11 sing N N 187 
LEU CD1 HD12 sing N N 188 
LEU CD1 HD13 sing N N 189 
LEU CD2 HD21 sing N N 190 
LEU CD2 HD22 sing N N 191 
LEU CD2 HD23 sing N N 192 
LEU OXT HXT  sing N N 193 
LYS N   CA   sing N N 194 
LYS N   H    sing N N 195 
LYS N   H2   sing N N 196 
LYS CA  C    sing N N 197 
LYS CA  CB   sing N N 198 
LYS CA  HA   sing N N 199 
LYS C   O    doub N N 200 
LYS C   OXT  sing N N 201 
LYS CB  CG   sing N N 202 
LYS CB  HB2  sing N N 203 
LYS CB  HB3  sing N N 204 
LYS CG  CD   sing N N 205 
LYS CG  HG2  sing N N 206 
LYS CG  HG3  sing N N 207 
LYS CD  CE   sing N N 208 
LYS CD  HD2  sing N N 209 
LYS CD  HD3  sing N N 210 
LYS CE  NZ   sing N N 211 
LYS CE  HE2  sing N N 212 
LYS CE  HE3  sing N N 213 
LYS NZ  HZ1  sing N N 214 
LYS NZ  HZ2  sing N N 215 
LYS NZ  HZ3  sing N N 216 
LYS OXT HXT  sing N N 217 
MET N   CA   sing N N 218 
MET N   H    sing N N 219 
MET N   H2   sing N N 220 
MET CA  C    sing N N 221 
MET CA  CB   sing N N 222 
MET CA  HA   sing N N 223 
MET C   O    doub N N 224 
MET C   OXT  sing N N 225 
MET CB  CG   sing N N 226 
MET CB  HB2  sing N N 227 
MET CB  HB3  sing N N 228 
MET CG  SD   sing N N 229 
MET CG  HG2  sing N N 230 
MET CG  HG3  sing N N 231 
MET SD  CE   sing N N 232 
MET CE  HE1  sing N N 233 
MET CE  HE2  sing N N 234 
MET CE  HE3  sing N N 235 
MET OXT HXT  sing N N 236 
PHE N   CA   sing N N 237 
PHE N   H    sing N N 238 
PHE N   H2   sing N N 239 
PHE CA  C    sing N N 240 
PHE CA  CB   sing N N 241 
PHE CA  HA   sing N N 242 
PHE C   O    doub N N 243 
PHE C   OXT  sing N N 244 
PHE CB  CG   sing N N 245 
PHE CB  HB2  sing N N 246 
PHE CB  HB3  sing N N 247 
PHE CG  CD1  doub Y N 248 
PHE CG  CD2  sing Y N 249 
PHE CD1 CE1  sing Y N 250 
PHE CD1 HD1  sing N N 251 
PHE CD2 CE2  doub Y N 252 
PHE CD2 HD2  sing N N 253 
PHE CE1 CZ   doub Y N 254 
PHE CE1 HE1  sing N N 255 
PHE CE2 CZ   sing Y N 256 
PHE CE2 HE2  sing N N 257 
PHE CZ  HZ   sing N N 258 
PHE OXT HXT  sing N N 259 
PRO N   CA   sing N N 260 
PRO N   CD   sing N N 261 
PRO N   H    sing N N 262 
PRO CA  C    sing N N 263 
PRO CA  CB   sing N N 264 
PRO CA  HA   sing N N 265 
PRO C   O    doub N N 266 
PRO C   OXT  sing N N 267 
PRO CB  CG   sing N N 268 
PRO CB  HB2  sing N N 269 
PRO CB  HB3  sing N N 270 
PRO CG  CD   sing N N 271 
PRO CG  HG2  sing N N 272 
PRO CG  HG3  sing N N 273 
PRO CD  HD2  sing N N 274 
PRO CD  HD3  sing N N 275 
PRO OXT HXT  sing N N 276 
SER N   CA   sing N N 277 
SER N   H    sing N N 278 
SER N   H2   sing N N 279 
SER CA  C    sing N N 280 
SER CA  CB   sing N N 281 
SER CA  HA   sing N N 282 
SER C   O    doub N N 283 
SER C   OXT  sing N N 284 
SER CB  OG   sing N N 285 
SER CB  HB2  sing N N 286 
SER CB  HB3  sing N N 287 
SER OG  HG   sing N N 288 
SER OXT HXT  sing N N 289 
THR N   CA   sing N N 290 
THR N   H    sing N N 291 
THR N   H2   sing N N 292 
THR CA  C    sing N N 293 
THR CA  CB   sing N N 294 
THR CA  HA   sing N N 295 
THR C   O    doub N N 296 
THR C   OXT  sing N N 297 
THR CB  OG1  sing N N 298 
THR CB  CG2  sing N N 299 
THR CB  HB   sing N N 300 
THR OG1 HG1  sing N N 301 
THR CG2 HG21 sing N N 302 
THR CG2 HG22 sing N N 303 
THR CG2 HG23 sing N N 304 
THR OXT HXT  sing N N 305 
TRP N   CA   sing N N 306 
TRP N   H    sing N N 307 
TRP N   H2   sing N N 308 
TRP CA  C    sing N N 309 
TRP CA  CB   sing N N 310 
TRP CA  HA   sing N N 311 
TRP C   O    doub N N 312 
TRP C   OXT  sing N N 313 
TRP CB  CG   sing N N 314 
TRP CB  HB2  sing N N 315 
TRP CB  HB3  sing N N 316 
TRP CG  CD1  doub Y N 317 
TRP CG  CD2  sing Y N 318 
TRP CD1 NE1  sing Y N 319 
TRP CD1 HD1  sing N N 320 
TRP CD2 CE2  doub Y N 321 
TRP CD2 CE3  sing Y N 322 
TRP NE1 CE2  sing Y N 323 
TRP NE1 HE1  sing N N 324 
TRP CE2 CZ2  sing Y N 325 
TRP CE3 CZ3  doub Y N 326 
TRP CE3 HE3  sing N N 327 
TRP CZ2 CH2  doub Y N 328 
TRP CZ2 HZ2  sing N N 329 
TRP CZ3 CH2  sing Y N 330 
TRP CZ3 HZ3  sing N N 331 
TRP CH2 HH2  sing N N 332 
TRP OXT HXT  sing N N 333 
TYR N   CA   sing N N 334 
TYR N   H    sing N N 335 
TYR N   H2   sing N N 336 
TYR CA  C    sing N N 337 
TYR CA  CB   sing N N 338 
TYR CA  HA   sing N N 339 
TYR C   O    doub N N 340 
TYR C   OXT  sing N N 341 
TYR CB  CG   sing N N 342 
TYR CB  HB2  sing N N 343 
TYR CB  HB3  sing N N 344 
TYR CG  CD1  doub Y N 345 
TYR CG  CD2  sing Y N 346 
TYR CD1 CE1  sing Y N 347 
TYR CD1 HD1  sing N N 348 
TYR CD2 CE2  doub Y N 349 
TYR CD2 HD2  sing N N 350 
TYR CE1 CZ   doub Y N 351 
TYR CE1 HE1  sing N N 352 
TYR CE2 CZ   sing Y N 353 
TYR CE2 HE2  sing N N 354 
TYR CZ  OH   sing N N 355 
TYR OH  HH   sing N N 356 
TYR OXT HXT  sing N N 357 
VAL N   CA   sing N N 358 
VAL N   H    sing N N 359 
VAL N   H2   sing N N 360 
VAL CA  C    sing N N 361 
VAL CA  CB   sing N N 362 
VAL CA  HA   sing N N 363 
VAL C   O    doub N N 364 
VAL C   OXT  sing N N 365 
VAL CB  CG1  sing N N 366 
VAL CB  CG2  sing N N 367 
VAL CB  HB   sing N N 368 
VAL CG1 HG11 sing N N 369 
VAL CG1 HG12 sing N N 370 
VAL CG1 HG13 sing N N 371 
VAL CG2 HG21 sing N N 372 
VAL CG2 HG22 sing N N 373 
VAL CG2 HG23 sing N N 374 
VAL OXT HXT  sing N N 375 
# 
_pdbx_entity_nonpoly.entity_id   2 
_pdbx_entity_nonpoly.name        water 
_pdbx_entity_nonpoly.comp_id     HOH 
# 
_pdbx_initial_refinement_model.id               1 
_pdbx_initial_refinement_model.entity_id_list   ? 
_pdbx_initial_refinement_model.type             'experimental model' 
_pdbx_initial_refinement_model.source_name      PDB 
_pdbx_initial_refinement_model.accession_code   1XMA 
_pdbx_initial_refinement_model.details          ? 
# 
